data_6XYE
#
_entry.id   6XYE
#
_cell.length_a   1.00
_cell.length_b   1.00
_cell.length_c   1.00
_cell.angle_alpha   90.00
_cell.angle_beta   90.00
_cell.angle_gamma   90.00
#
_symmetry.space_group_name_H-M   'P 1'
#
loop_
_entity.id
_entity.type
_entity.pdbx_description
1 polymer 'Fusion glycoprotein F2'
2 polymer 'Fusion glycoprotein F1'
#
loop_
_entity_poly.entity_id
_entity_poly.type
_entity_poly.pdbx_seq_one_letter_code
_entity_poly.pdbx_strand_id
1 'polypeptide(L)'
;QIHWNNLSTIGIIGTDSVHYKIMTRPSHQYLVIKLMPNVSLIDNCTKAELGEYEKLLNSVLEPINQALTLMTKNVKPLQS
VGSGRRQRR
;
A,C,E
2 'polypeptide(L)'
;FAGVVLAGAALGVATAAQITAGIALHQSNLNAQAIQSLRTSLEQSNKAIEEIREATQETVIAVQGVQDYVNNELVPAMQH
MSCELVGQRLGLKLLRYYTELLSIFGPSLRDPISAEISIQALSYALGGEIHKILEKLGYSGNDMIAILESRGIKTKITHV
DLPGKLIILSISYPTLSEVKGVIVHRLEAVSYNIGSQEWYTTVPRYVATNGYLISNFDESPCVFVSESAICSQNSLYPMS
PLLQQCIRGDTSSCARTLVSGTMGNKFILSKGNIVANCASILCKCYSTGTIINQSPDKLLTFIASDTCPLVEIDGVTIQV
GGRQYPDMVYESKVALGPAISLERLDVGTNLGNALKKLDDAKVLIDSSNQILETVRRSSFNFGSLLSVPILICTALALLL
LIYCCKRRYQQTLKQNAKVDPTFKPDLTGTSKSYVRSL
;
B,D,F
#
# COMPACT_ATOMS: atom_id res chain seq x y z
N GLN A 1 -9.03 33.89 -13.49
CA GLN A 1 -8.92 32.89 -14.53
C GLN A 1 -10.01 31.85 -14.38
N ILE A 2 -10.25 31.43 -13.14
CA ILE A 2 -11.31 30.48 -12.85
C ILE A 2 -12.63 31.23 -12.75
N HIS A 3 -13.62 30.77 -13.52
CA HIS A 3 -14.98 31.30 -13.44
C HIS A 3 -15.68 30.62 -12.27
N TRP A 4 -15.39 31.11 -11.06
CA TRP A 4 -15.98 30.58 -9.85
C TRP A 4 -17.48 30.82 -9.76
N ASN A 5 -17.99 31.82 -10.51
CA ASN A 5 -19.41 32.18 -10.47
C ASN A 5 -20.30 31.06 -10.98
N ASN A 6 -19.77 30.21 -11.87
CA ASN A 6 -20.48 28.98 -12.29
C ASN A 6 -20.23 27.87 -11.27
N LEU A 7 -19.21 28.03 -10.41
CA LEU A 7 -18.82 26.89 -9.58
C LEU A 7 -19.55 26.81 -8.26
N SER A 8 -19.97 27.93 -7.69
CA SER A 8 -20.64 27.86 -6.40
C SER A 8 -22.09 27.45 -6.51
N THR A 9 -22.65 27.42 -7.72
CA THR A 9 -24.06 27.07 -7.88
C THR A 9 -24.33 25.60 -7.60
N ILE A 10 -23.32 24.75 -7.77
CA ILE A 10 -23.35 23.41 -7.21
C ILE A 10 -22.26 23.24 -6.16
N GLY A 11 -21.73 24.34 -5.65
CA GLY A 11 -20.90 24.26 -4.48
C GLY A 11 -19.51 23.76 -4.76
N ILE A 12 -18.71 24.55 -5.48
CA ILE A 12 -17.29 24.29 -5.63
C ILE A 12 -16.57 25.51 -5.06
N ILE A 13 -15.91 25.32 -3.93
CA ILE A 13 -15.35 26.43 -3.17
C ILE A 13 -13.91 26.09 -2.81
N GLY A 14 -12.96 26.82 -3.39
CA GLY A 14 -11.56 26.51 -3.21
C GLY A 14 -11.03 27.14 -1.94
N THR A 15 -10.76 26.28 -0.96
CA THR A 15 -10.35 26.73 0.35
C THR A 15 -8.89 27.18 0.42
N ASP A 16 -8.12 26.98 -0.65
CA ASP A 16 -6.73 27.37 -0.65
C ASP A 16 -6.26 27.47 -2.09
N SER A 17 -5.41 28.47 -2.36
CA SER A 17 -4.74 28.61 -3.64
C SER A 17 -3.34 29.12 -3.37
N VAL A 18 -2.35 28.33 -3.82
CA VAL A 18 -0.92 28.62 -3.54
C VAL A 18 -0.17 28.62 -4.88
N HIS A 19 1.13 28.88 -4.83
CA HIS A 19 1.98 28.75 -6.00
C HIS A 19 2.48 27.32 -6.14
N TYR A 20 3.48 27.14 -7.00
CA TYR A 20 4.11 25.85 -7.22
C TYR A 20 5.60 26.02 -7.50
N LYS A 21 6.42 25.18 -6.90
CA LYS A 21 7.87 25.20 -7.10
C LYS A 21 8.30 23.83 -7.53
N ILE A 22 9.40 23.75 -8.27
CA ILE A 22 10.05 22.50 -8.60
C ILE A 22 11.51 22.63 -8.20
N MET A 23 12.10 21.52 -7.77
CA MET A 23 13.49 21.56 -7.33
C MET A 23 14.38 21.25 -8.53
N THR A 24 15.52 21.92 -8.59
CA THR A 24 16.54 21.67 -9.58
C THR A 24 17.83 21.22 -8.91
N ARG A 25 18.71 20.65 -9.74
CA ARG A 25 19.89 19.91 -9.30
C ARG A 25 21.12 20.50 -9.98
N PRO A 26 21.71 21.55 -9.40
CA PRO A 26 22.91 22.13 -10.04
C PRO A 26 24.15 21.30 -9.85
N SER A 27 24.27 20.61 -8.73
CA SER A 27 25.46 19.84 -8.45
C SER A 27 25.08 18.55 -7.72
N HIS A 28 26.10 17.85 -7.24
CA HIS A 28 25.96 16.52 -6.68
C HIS A 28 26.83 16.39 -5.44
N GLN A 29 26.79 15.21 -4.82
CA GLN A 29 27.59 14.98 -3.64
C GLN A 29 27.78 13.48 -3.47
N TYR A 30 28.92 13.09 -2.90
CA TYR A 30 29.24 11.66 -2.84
C TYR A 30 28.89 11.06 -1.49
N LEU A 31 28.48 9.79 -1.53
CA LEU A 31 27.88 9.10 -0.40
C LEU A 31 28.14 7.60 -0.56
N VAL A 32 29.02 7.05 0.27
CA VAL A 32 29.48 5.67 0.10
C VAL A 32 28.73 4.77 1.07
N ILE A 33 27.98 3.82 0.53
CA ILE A 33 27.35 2.77 1.34
C ILE A 33 28.37 1.64 1.45
N LYS A 34 28.95 1.53 2.63
CA LYS A 34 29.83 0.42 2.99
C LYS A 34 28.94 -0.66 3.57
N LEU A 35 28.67 -1.70 2.78
CA LEU A 35 27.73 -2.75 3.19
C LEU A 35 28.26 -3.55 4.36
N MET A 36 29.59 -3.61 4.47
CA MET A 36 30.29 -4.38 5.54
C MET A 36 30.23 -3.58 6.85
N PRO A 37 29.70 -4.16 7.95
CA PRO A 37 29.69 -3.47 9.25
C PRO A 37 31.12 -3.33 9.77
N ASN A 38 31.68 -2.11 9.71
CA ASN A 38 33.12 -1.88 9.98
C ASN A 38 33.30 -1.86 11.49
N VAL A 39 33.13 -3.00 12.13
CA VAL A 39 33.19 -3.00 13.63
C VAL A 39 34.19 -4.06 14.07
N SER A 40 35.48 -3.79 13.86
CA SER A 40 36.54 -4.74 14.30
C SER A 40 36.44 -4.94 15.81
N LEU A 41 35.66 -4.07 16.48
CA LEU A 41 35.38 -4.22 17.93
C LEU A 41 34.77 -5.60 18.19
N ILE A 42 34.38 -6.31 17.12
CA ILE A 42 33.64 -7.61 17.28
C ILE A 42 34.48 -8.59 18.09
N ASP A 43 35.79 -8.34 18.25
CA ASP A 43 36.63 -9.21 19.11
C ASP A 43 36.55 -10.66 18.63
N ASN A 44 36.77 -10.89 17.33
CA ASN A 44 36.75 -12.27 16.77
C ASN A 44 35.37 -12.91 17.04
N CYS A 45 34.29 -12.16 16.82
CA CYS A 45 32.92 -12.70 17.03
C CYS A 45 32.08 -12.49 15.78
N THR A 46 30.96 -13.20 15.65
CA THR A 46 30.10 -13.13 14.43
C THR A 46 30.86 -13.72 13.26
N LYS A 47 31.99 -14.39 13.54
CA LYS A 47 32.80 -14.83 12.39
C LYS A 47 31.96 -15.65 11.42
N ALA A 48 31.13 -16.55 11.94
CA ALA A 48 30.38 -17.46 11.07
C ALA A 48 29.28 -16.71 10.32
N GLU A 49 28.62 -15.77 10.99
CA GLU A 49 27.51 -15.05 10.36
C GLU A 49 28.00 -14.08 9.32
N LEU A 50 29.11 -13.41 9.61
CA LEU A 50 29.76 -12.57 8.62
C LEU A 50 30.33 -13.40 7.48
N GLY A 51 30.79 -14.61 7.78
CA GLY A 51 31.33 -15.46 6.73
C GLY A 51 30.26 -15.99 5.80
N GLU A 52 29.07 -16.27 6.34
CA GLU A 52 27.91 -16.56 5.50
C GLU A 52 27.49 -15.32 4.72
N TYR A 53 27.58 -14.16 5.36
CA TYR A 53 27.13 -12.92 4.74
C TYR A 53 28.03 -12.52 3.58
N GLU A 54 29.32 -12.82 3.73
CA GLU A 54 30.28 -12.57 2.63
C GLU A 54 29.70 -13.21 1.38
N LYS A 55 29.39 -14.51 1.47
CA LYS A 55 28.87 -15.25 0.29
C LYS A 55 27.53 -14.61 -0.12
N LEU A 56 26.69 -14.29 0.85
CA LEU A 56 25.40 -13.63 0.54
C LEU A 56 25.71 -12.48 -0.43
N LEU A 57 26.79 -11.76 -0.15
CA LEU A 57 27.11 -10.54 -0.87
C LEU A 57 27.29 -10.74 -2.37
N ASN A 58 27.63 -11.95 -2.81
CA ASN A 58 27.77 -12.18 -4.24
C ASN A 58 26.41 -12.11 -4.93
N SER A 59 25.39 -12.75 -4.36
CA SER A 59 24.05 -12.62 -4.90
C SER A 59 23.47 -11.24 -4.63
N VAL A 60 23.96 -10.55 -3.61
CA VAL A 60 23.58 -9.17 -3.40
C VAL A 60 24.05 -8.29 -4.55
N LEU A 61 25.33 -8.42 -4.91
CA LEU A 61 26.00 -7.39 -5.69
C LEU A 61 26.15 -7.76 -7.16
N GLU A 62 26.67 -8.96 -7.41
CA GLU A 62 27.36 -9.31 -8.68
C GLU A 62 26.53 -8.87 -9.90
N PRO A 63 25.23 -9.20 -9.98
CA PRO A 63 24.38 -8.77 -11.10
C PRO A 63 24.61 -7.29 -11.43
N ILE A 64 24.49 -6.43 -10.41
CA ILE A 64 24.71 -4.99 -10.53
C ILE A 64 26.14 -4.72 -10.99
N ASN A 65 27.08 -5.47 -10.41
CA ASN A 65 28.53 -5.28 -10.70
C ASN A 65 28.74 -5.49 -12.19
N GLN A 66 28.20 -6.59 -12.71
CA GLN A 66 28.30 -6.86 -14.17
C GLN A 66 27.56 -5.75 -14.92
N ALA A 67 26.38 -5.36 -14.44
CA ALA A 67 25.57 -4.35 -15.17
C ALA A 67 26.39 -3.07 -15.34
N LEU A 68 27.25 -2.76 -14.37
CA LEU A 68 28.11 -1.58 -14.34
C LEU A 68 29.42 -1.80 -15.09
N THR A 69 29.95 -3.03 -15.09
CA THR A 69 31.11 -3.28 -15.91
C THR A 69 30.77 -3.28 -17.39
N LEU A 70 29.53 -3.65 -17.76
CA LEU A 70 29.11 -3.45 -19.14
C LEU A 70 29.02 -1.98 -19.51
N MET A 71 28.64 -1.12 -18.57
CA MET A 71 28.60 0.31 -18.90
C MET A 71 30.00 0.90 -18.96
N THR A 72 30.90 0.49 -18.06
CA THR A 72 32.23 1.09 -18.03
C THR A 72 33.11 0.58 -19.16
N LYS A 73 33.25 -0.73 -19.30
CA LYS A 73 34.33 -1.28 -20.11
C LYS A 73 33.94 -1.34 -21.59
N ASN A 74 32.84 -0.72 -21.97
CA ASN A 74 32.44 -0.74 -23.37
C ASN A 74 32.13 0.67 -23.84
N GLY B 3 38.99 10.70 -26.52
CA GLY B 3 38.79 9.32 -26.13
C GLY B 3 37.37 9.04 -25.69
N VAL B 4 36.95 7.78 -25.76
CA VAL B 4 35.62 7.38 -25.33
C VAL B 4 35.75 6.36 -24.21
N VAL B 5 34.68 6.24 -23.43
CA VAL B 5 34.46 5.13 -22.51
C VAL B 5 33.25 4.32 -22.99
N LEU B 6 32.71 4.70 -24.14
CA LEU B 6 31.43 4.22 -24.63
C LEU B 6 31.59 3.85 -26.10
N ALA B 7 31.72 2.54 -26.38
CA ALA B 7 31.79 2.02 -27.72
C ALA B 7 30.59 1.12 -27.96
N GLY B 8 29.83 1.41 -29.02
CA GLY B 8 28.54 0.76 -29.19
C GLY B 8 28.63 -0.68 -29.66
N ALA B 9 29.67 -1.02 -30.42
CA ALA B 9 29.76 -2.36 -30.98
C ALA B 9 30.12 -3.40 -29.93
N ALA B 10 30.62 -2.97 -28.77
CA ALA B 10 30.93 -3.88 -27.69
C ALA B 10 29.89 -3.86 -26.58
N LEU B 11 29.12 -2.77 -26.47
CA LEU B 11 28.05 -2.71 -25.49
C LEU B 11 26.76 -3.32 -26.02
N GLY B 12 26.27 -2.83 -27.14
CA GLY B 12 25.05 -3.36 -27.70
C GLY B 12 23.80 -2.62 -27.28
N VAL B 13 23.39 -2.74 -26.01
CA VAL B 13 22.11 -2.19 -25.58
C VAL B 13 22.26 -1.49 -24.24
N ALA B 14 21.74 -0.26 -24.16
CA ALA B 14 21.66 0.59 -22.98
C ALA B 14 20.72 1.74 -23.30
N THR B 15 20.10 2.30 -22.26
CA THR B 15 19.09 3.32 -22.45
C THR B 15 19.65 4.72 -22.17
N ALA B 16 18.77 5.72 -22.19
CA ALA B 16 19.19 7.11 -22.12
C ALA B 16 19.78 7.45 -20.76
N ALA B 17 19.04 7.13 -19.70
CA ALA B 17 19.51 7.41 -18.36
C ALA B 17 20.75 6.60 -18.02
N GLN B 18 20.86 5.39 -18.60
CA GLN B 18 22.03 4.57 -18.37
C GLN B 18 23.26 5.17 -19.03
N ILE B 19 23.11 5.70 -20.24
CA ILE B 19 24.20 6.39 -20.92
C ILE B 19 24.64 7.61 -20.13
N THR B 20 23.68 8.42 -19.67
CA THR B 20 24.04 9.61 -18.91
C THR B 20 24.67 9.26 -17.57
N ALA B 21 24.25 8.15 -16.97
CA ALA B 21 24.88 7.71 -15.73
C ALA B 21 26.29 7.22 -15.97
N GLY B 22 26.55 6.57 -17.12
CA GLY B 22 27.92 6.18 -17.42
C GLY B 22 28.82 7.37 -17.72
N ILE B 23 28.28 8.36 -18.42
CA ILE B 23 29.04 9.58 -18.68
C ILE B 23 29.35 10.31 -17.39
N ALA B 24 28.37 10.39 -16.48
CA ALA B 24 28.59 11.04 -15.20
C ALA B 24 29.52 10.23 -14.30
N LEU B 25 29.54 8.91 -14.48
CA LEU B 25 30.51 8.09 -13.77
C LEU B 25 31.91 8.36 -14.27
N HIS B 26 32.06 8.57 -15.58
CA HIS B 26 33.37 8.93 -16.10
C HIS B 26 33.73 10.38 -15.79
N GLN B 27 32.74 11.21 -15.43
CA GLN B 27 33.07 12.53 -14.89
C GLN B 27 33.80 12.40 -13.55
N SER B 28 33.46 11.34 -12.82
CA SER B 28 34.27 10.91 -11.65
C SER B 28 35.57 10.26 -12.15
N ASN B 29 36.71 10.82 -11.73
CA ASN B 29 38.06 10.33 -12.13
C ASN B 29 38.56 9.39 -11.05
N LEU B 30 37.65 8.73 -10.33
CA LEU B 30 38.04 7.81 -9.24
C LEU B 30 38.89 6.68 -9.84
N ASN B 31 38.52 6.18 -11.02
CA ASN B 31 39.31 5.13 -11.71
C ASN B 31 40.66 5.71 -12.12
N ALA B 32 40.67 6.89 -12.72
CA ALA B 32 41.93 7.57 -13.12
C ALA B 32 42.83 7.74 -11.90
N GLN B 33 42.29 8.32 -10.82
CA GLN B 33 43.08 8.51 -9.56
C GLN B 33 43.28 7.16 -8.88
N ALA B 34 44.26 7.04 -7.98
CA ALA B 34 44.40 5.77 -7.23
C ALA B 34 43.15 5.61 -6.35
N ILE B 35 42.53 4.42 -6.40
CA ILE B 35 41.32 4.15 -5.57
C ILE B 35 41.78 3.66 -4.18
N GLN B 36 43.08 3.42 -4.01
CA GLN B 36 43.62 2.95 -2.72
C GLN B 36 43.37 4.02 -1.66
N SER B 37 43.52 5.30 -2.01
CA SER B 37 43.34 6.40 -1.02
C SER B 37 41.90 6.36 -0.51
N LEU B 38 40.93 6.15 -1.40
CA LEU B 38 39.50 6.03 -0.97
C LEU B 38 39.38 4.81 -0.06
N ARG B 39 39.83 3.64 -0.55
CA ARG B 39 39.87 2.41 0.22
C ARG B 39 40.50 2.62 1.59
N THR B 40 41.74 3.13 1.60
CA THR B 40 42.51 3.26 2.83
C THR B 40 41.97 4.34 3.76
N SER B 41 41.15 5.26 3.26
CA SER B 41 40.50 6.21 4.16
C SER B 41 39.40 5.54 4.97
N LEU B 42 38.68 4.59 4.35
CA LEU B 42 37.38 4.15 4.90
C LEU B 42 37.59 3.07 5.97
N GLU B 43 38.83 2.59 6.13
CA GLU B 43 39.13 1.51 7.10
C GLU B 43 38.85 1.97 8.54
N GLN B 44 39.29 3.19 8.89
CA GLN B 44 39.37 3.61 10.31
C GLN B 44 38.32 4.69 10.57
N SER B 45 37.34 4.84 9.67
CA SER B 45 36.35 5.95 9.83
C SER B 45 35.59 5.75 11.14
N ASN B 46 35.08 4.54 11.37
CA ASN B 46 34.37 4.18 12.64
C ASN B 46 33.38 5.28 12.99
N LYS B 47 32.54 5.69 12.02
CA LYS B 47 31.55 6.78 12.23
C LYS B 47 30.30 6.50 11.39
N ALA B 48 29.12 6.64 12.01
CA ALA B 48 27.81 6.42 11.33
C ALA B 48 27.77 7.26 10.05
N ILE B 49 28.04 8.57 10.17
CA ILE B 49 28.06 9.47 8.98
C ILE B 49 29.28 10.39 9.09
N GLU B 50 30.28 10.21 8.21
CA GLU B 50 31.53 10.99 8.35
C GLU B 50 31.78 11.81 7.07
N GLU B 51 32.52 12.92 7.19
CA GLU B 51 32.85 13.73 5.99
C GLU B 51 34.32 13.51 5.61
N ILE B 52 34.56 12.55 4.72
CA ILE B 52 35.91 12.26 4.14
C ILE B 52 36.06 13.07 2.85
N ARG B 53 36.86 14.14 2.89
CA ARG B 53 37.03 15.01 1.69
C ARG B 53 37.87 14.33 0.61
N GLU B 54 37.67 14.72 -0.65
CA GLU B 54 38.46 14.14 -1.78
C GLU B 54 38.95 15.28 -2.67
N ALA B 55 40.26 15.32 -2.97
CA ALA B 55 40.91 16.54 -3.46
C ALA B 55 40.32 16.88 -4.83
N THR B 56 39.99 18.16 -5.06
CA THR B 56 39.37 18.60 -6.34
C THR B 56 38.08 17.79 -6.59
N GLN B 57 37.32 17.53 -5.52
CA GLN B 57 36.06 16.75 -5.64
C GLN B 57 35.16 17.08 -4.44
N GLU B 58 33.87 16.73 -4.52
CA GLU B 58 32.94 16.96 -3.37
C GLU B 58 33.38 16.09 -2.19
N THR B 59 33.04 16.51 -0.97
CA THR B 59 33.31 15.69 0.21
C THR B 59 32.52 14.38 0.16
N VAL B 60 33.23 13.28 0.27
CA VAL B 60 32.61 11.96 0.42
C VAL B 60 32.00 11.87 1.80
N ILE B 61 30.76 11.40 1.87
CA ILE B 61 30.12 11.19 3.21
C ILE B 61 29.96 9.69 3.41
N ALA B 62 30.54 9.15 4.49
CA ALA B 62 30.60 7.68 4.70
C ALA B 62 29.49 7.25 5.67
N VAL B 63 28.70 6.24 5.28
CA VAL B 63 27.57 5.76 6.13
C VAL B 63 27.96 4.45 6.82
N GLN B 64 27.29 4.11 7.94
CA GLN B 64 27.46 2.79 8.54
C GLN B 64 26.06 2.29 8.87
N GLY B 65 25.94 1.01 9.25
CA GLY B 65 24.63 0.47 9.58
C GLY B 65 24.21 0.34 11.04
N VAL B 66 24.99 -0.36 11.87
CA VAL B 66 24.47 -0.95 13.10
C VAL B 66 25.32 -0.66 14.35
N GLN B 67 25.97 0.51 14.38
CA GLN B 67 27.15 0.74 15.21
C GLN B 67 26.87 0.66 16.72
N ASP B 68 25.69 1.07 17.16
CA ASP B 68 25.52 1.47 18.56
C ASP B 68 25.54 0.30 19.52
N TYR B 69 24.99 -0.86 19.11
CA TYR B 69 25.02 -1.98 20.05
C TYR B 69 26.43 -2.51 20.25
N VAL B 70 27.24 -2.50 19.19
CA VAL B 70 28.64 -2.87 19.33
C VAL B 70 29.37 -1.84 20.18
N ASN B 71 28.97 -0.56 20.10
CA ASN B 71 29.46 0.40 21.08
C ASN B 71 28.98 0.09 22.50
N ASN B 72 27.84 -0.61 22.63
CA ASN B 72 27.28 -0.79 23.96
C ASN B 72 27.95 -1.93 24.71
N GLU B 73 27.84 -3.16 24.20
CA GLU B 73 28.08 -4.35 25.06
C GLU B 73 29.46 -4.96 24.78
N LEU B 74 30.53 -4.22 25.07
CA LEU B 74 31.88 -4.82 25.13
C LEU B 74 32.17 -5.29 26.56
N VAL B 75 32.50 -4.36 27.47
CA VAL B 75 32.90 -4.72 28.86
C VAL B 75 31.74 -5.39 29.62
N PRO B 76 30.48 -4.89 29.54
CA PRO B 76 29.38 -5.45 30.33
C PRO B 76 29.12 -6.93 30.00
N ALA B 77 29.07 -7.23 28.71
CA ALA B 77 28.67 -8.57 28.19
C ALA B 77 29.61 -9.64 28.76
N MET B 78 30.75 -9.22 29.31
CA MET B 78 31.74 -10.20 29.84
C MET B 78 31.08 -11.00 30.97
N GLN B 79 30.15 -10.35 31.69
CA GLN B 79 29.18 -11.11 32.53
C GLN B 79 27.75 -10.93 32.02
N HIS B 80 27.43 -9.79 31.40
CA HIS B 80 26.03 -9.50 30.98
C HIS B 80 25.49 -10.47 29.92
N MET B 81 26.26 -10.76 28.86
CA MET B 81 25.73 -11.61 27.75
C MET B 81 26.89 -12.30 27.03
N SER B 82 26.88 -13.63 26.97
CA SER B 82 28.05 -14.38 26.41
C SER B 82 28.32 -13.98 24.96
N CYS B 83 29.57 -14.12 24.53
CA CYS B 83 30.01 -13.79 23.14
C CYS B 83 29.14 -14.56 22.15
N GLU B 84 28.85 -15.82 22.42
CA GLU B 84 27.98 -16.63 21.53
C GLU B 84 26.57 -16.06 21.64
N LEU B 85 26.12 -15.77 22.87
CA LEU B 85 24.78 -15.21 23.03
C LEU B 85 24.63 -13.94 22.22
N VAL B 86 25.56 -13.01 22.39
CA VAL B 86 25.59 -11.79 21.58
C VAL B 86 25.88 -12.12 20.11
N GLY B 87 26.60 -13.21 19.87
CA GLY B 87 26.83 -13.65 18.50
C GLY B 87 25.54 -14.08 17.83
N GLN B 88 24.74 -14.84 18.57
CA GLN B 88 23.38 -15.17 18.08
C GLN B 88 22.61 -13.87 17.95
N ARG B 89 22.72 -13.00 18.96
CA ARG B 89 21.88 -11.78 18.94
C ARG B 89 22.23 -10.97 17.69
N LEU B 90 23.52 -10.73 17.46
CA LEU B 90 23.97 -9.98 16.27
C LEU B 90 23.51 -10.73 15.02
N GLY B 91 23.73 -12.05 14.98
CA GLY B 91 23.38 -12.84 13.82
C GLY B 91 21.96 -12.60 13.40
N LEU B 92 21.10 -12.42 14.39
CA LEU B 92 19.68 -12.08 14.12
C LEU B 92 19.63 -10.76 13.36
N LYS B 93 20.18 -9.69 13.96
CA LYS B 93 20.04 -8.36 13.32
C LYS B 93 20.72 -8.40 11.95
N LEU B 94 21.90 -9.01 11.89
CA LEU B 94 22.64 -9.03 10.61
C LEU B 94 21.75 -9.69 9.55
N LEU B 95 21.13 -10.81 9.89
CA LEU B 95 20.26 -11.45 8.92
C LEU B 95 19.05 -10.57 8.63
N ARG B 96 18.62 -9.77 9.59
CA ARG B 96 17.58 -8.79 9.30
C ARG B 96 18.09 -7.71 8.38
N TYR B 97 19.35 -7.31 8.56
CA TYR B 97 19.93 -6.29 7.70
C TYR B 97 20.06 -6.84 6.29
N TYR B 98 20.40 -8.12 6.18
CA TYR B 98 20.45 -8.79 4.90
C TYR B 98 19.07 -8.90 4.30
N THR B 99 18.05 -9.06 5.14
CA THR B 99 16.69 -9.14 4.65
C THR B 99 16.28 -7.80 4.06
N GLU B 100 16.66 -6.72 4.72
CA GLU B 100 16.33 -5.39 4.22
C GLU B 100 17.08 -5.09 2.93
N LEU B 101 18.39 -5.33 2.92
CA LEU B 101 19.17 -5.08 1.71
C LEU B 101 18.81 -6.01 0.58
N LEU B 102 18.33 -7.21 0.88
CA LEU B 102 17.86 -8.08 -0.17
C LEU B 102 16.47 -7.68 -0.64
N SER B 103 15.74 -6.94 0.20
CA SER B 103 14.50 -6.35 -0.27
C SER B 103 14.76 -5.19 -1.21
N ILE B 104 15.78 -4.38 -0.93
CA ILE B 104 15.96 -3.15 -1.69
C ILE B 104 17.14 -3.18 -2.67
N PHE B 105 18.31 -3.70 -2.28
CA PHE B 105 19.42 -3.87 -3.21
C PHE B 105 19.38 -5.21 -3.90
N GLY B 106 18.33 -5.99 -3.69
CA GLY B 106 18.30 -7.37 -4.12
C GLY B 106 17.90 -7.53 -5.57
N PRO B 107 17.28 -8.67 -5.88
CA PRO B 107 16.97 -8.99 -7.27
C PRO B 107 15.60 -8.52 -7.72
N SER B 108 14.81 -7.90 -6.85
CA SER B 108 13.65 -7.17 -7.34
C SER B 108 14.02 -5.79 -7.86
N LEU B 109 15.26 -5.37 -7.68
CA LEU B 109 15.77 -4.08 -8.10
C LEU B 109 16.06 -4.16 -9.58
N ARG B 110 15.37 -3.34 -10.37
CA ARG B 110 15.32 -3.58 -11.82
C ARG B 110 16.59 -3.13 -12.52
N ASP B 111 16.87 -1.83 -12.53
CA ASP B 111 17.93 -1.28 -13.37
C ASP B 111 18.89 -0.47 -12.51
N PRO B 112 20.00 -1.05 -12.06
CA PRO B 112 20.86 -0.32 -11.12
C PRO B 112 21.67 0.77 -11.77
N ILE B 113 21.74 0.76 -13.11
CA ILE B 113 22.35 1.90 -13.85
C ILE B 113 21.40 3.10 -13.76
N SER B 114 20.11 2.88 -14.00
CA SER B 114 19.10 3.98 -13.98
C SER B 114 18.32 3.94 -12.66
N ALA B 115 18.78 3.16 -11.67
CA ALA B 115 18.01 3.00 -10.41
C ALA B 115 17.80 4.34 -9.71
N GLU B 116 16.59 4.59 -9.24
CA GLU B 116 16.29 5.85 -8.49
C GLU B 116 15.74 5.47 -7.10
N ILE B 117 16.55 5.69 -6.07
CA ILE B 117 16.33 5.17 -4.73
C ILE B 117 16.17 6.36 -3.79
N SER B 118 14.94 6.58 -3.31
CA SER B 118 14.64 7.78 -2.54
C SER B 118 15.22 7.68 -1.12
N ILE B 119 15.34 8.84 -0.47
CA ILE B 119 16.03 8.91 0.81
C ILE B 119 15.13 8.44 1.94
N GLN B 120 13.84 8.28 1.65
CA GLN B 120 12.93 7.77 2.67
C GLN B 120 13.10 6.26 2.87
N ALA B 121 13.12 5.50 1.76
CA ALA B 121 13.00 4.05 1.85
C ALA B 121 14.26 3.40 2.39
N LEU B 122 15.37 4.12 2.38
CA LEU B 122 16.66 3.58 2.77
C LEU B 122 16.91 3.65 4.27
N SER B 123 15.86 3.83 5.07
CA SER B 123 16.04 4.34 6.43
C SER B 123 16.80 3.35 7.31
N TYR B 124 16.28 2.13 7.47
CA TYR B 124 16.97 1.14 8.28
C TYR B 124 18.24 0.66 7.59
N ALA B 125 18.32 0.80 6.26
CA ALA B 125 19.58 0.61 5.58
C ALA B 125 20.56 1.71 5.94
N LEU B 126 20.10 2.96 5.97
CA LEU B 126 20.97 4.05 6.35
C LEU B 126 20.95 4.33 7.85
N GLY B 127 20.57 3.34 8.66
CA GLY B 127 20.73 3.44 10.12
C GLY B 127 19.48 3.93 10.83
N GLY B 128 18.38 4.14 10.08
CA GLY B 128 17.09 4.53 10.70
C GLY B 128 16.96 6.02 10.95
N GLU B 129 17.95 6.82 10.51
CA GLU B 129 17.87 8.30 10.67
C GLU B 129 17.94 8.95 9.29
N ILE B 130 16.99 9.83 8.94
CA ILE B 130 17.04 10.45 7.62
C ILE B 130 17.39 11.93 7.72
N HIS B 131 17.06 12.58 8.83
CA HIS B 131 17.19 14.04 8.90
C HIS B 131 18.65 14.47 9.07
N LYS B 132 19.46 13.62 9.71
CA LYS B 132 20.83 14.03 10.09
C LYS B 132 21.69 14.17 8.83
N ILE B 133 21.55 13.26 7.87
CA ILE B 133 22.34 13.31 6.64
C ILE B 133 22.02 14.58 5.86
N LEU B 134 20.73 14.89 5.78
CA LEU B 134 20.29 16.15 5.12
C LEU B 134 20.74 17.33 5.99
N GLU B 135 20.84 17.12 7.31
CA GLU B 135 21.35 18.18 8.22
C GLU B 135 22.81 18.46 7.85
N LYS B 136 23.58 17.41 7.56
CA LYS B 136 25.00 17.58 7.15
C LYS B 136 25.02 18.38 5.84
N LEU B 137 24.08 18.09 4.93
CA LEU B 137 24.01 18.81 3.64
C LEU B 137 23.92 20.32 3.90
N GLY B 138 23.58 20.74 5.12
CA GLY B 138 23.53 22.19 5.41
C GLY B 138 22.10 22.71 5.50
N TYR B 139 21.13 21.82 5.68
CA TYR B 139 19.71 22.24 5.79
C TYR B 139 19.29 22.12 7.26
N SER B 140 18.73 23.20 7.83
CA SER B 140 18.38 23.21 9.28
C SER B 140 17.33 22.14 9.63
N GLY B 141 16.24 22.07 8.86
CA GLY B 141 14.99 21.41 9.29
C GLY B 141 14.16 22.38 10.11
N ASN B 142 14.71 23.59 10.30
CA ASN B 142 14.02 24.79 10.85
C ASN B 142 13.69 25.78 9.72
N ASP B 143 13.97 25.39 8.46
CA ASP B 143 14.08 26.34 7.31
C ASP B 143 13.09 25.97 6.21
N MET B 144 13.04 26.77 5.14
CA MET B 144 12.04 26.56 4.06
C MET B 144 12.28 25.23 3.32
N ILE B 145 13.53 24.87 3.06
CA ILE B 145 13.70 23.64 2.22
C ILE B 145 13.44 22.36 3.04
N ALA B 146 14.09 22.19 4.20
CA ALA B 146 13.99 20.90 4.93
C ALA B 146 12.55 20.57 5.34
N ILE B 147 11.78 21.57 5.75
CA ILE B 147 10.38 21.36 6.23
C ILE B 147 9.47 21.05 5.03
N LEU B 148 9.31 22.01 4.12
CA LEU B 148 8.41 21.81 2.94
C LEU B 148 8.83 20.55 2.18
N GLU B 149 10.13 20.44 1.89
CA GLU B 149 10.65 19.36 0.99
C GLU B 149 11.55 18.42 1.80
N SER B 150 10.98 17.36 2.35
CA SER B 150 11.74 16.14 2.71
C SER B 150 11.29 14.97 1.84
N ARG B 151 10.41 15.27 0.85
CA ARG B 151 9.71 14.21 0.09
C ARG B 151 10.62 13.48 -0.93
N GLY B 152 11.51 14.18 -1.63
CA GLY B 152 12.07 13.64 -2.86
C GLY B 152 13.55 13.83 -3.09
N ILE B 153 14.35 13.92 -2.04
CA ILE B 153 15.80 13.96 -2.20
C ILE B 153 16.29 12.61 -2.70
N LYS B 154 16.71 12.55 -3.97
CA LYS B 154 16.95 11.28 -4.65
C LYS B 154 18.42 10.89 -4.62
N THR B 155 18.66 9.57 -4.72
CA THR B 155 20.00 9.00 -4.83
C THR B 155 20.07 8.12 -6.07
N LYS B 156 21.30 7.95 -6.59
CA LYS B 156 21.53 7.07 -7.73
C LYS B 156 22.82 6.30 -7.50
N ILE B 157 22.96 5.19 -8.20
CA ILE B 157 24.13 4.32 -8.09
C ILE B 157 25.21 4.82 -9.03
N THR B 158 26.43 4.98 -8.51
CA THR B 158 27.55 5.34 -9.37
C THR B 158 28.52 4.19 -9.55
N HIS B 159 29.07 3.64 -8.48
CA HIS B 159 30.19 2.71 -8.67
C HIS B 159 30.09 1.55 -7.71
N VAL B 160 30.67 0.41 -8.11
CA VAL B 160 30.73 -0.80 -7.28
C VAL B 160 32.19 -1.24 -7.19
N ASP B 161 32.67 -1.50 -5.98
CA ASP B 161 33.98 -2.09 -5.78
C ASP B 161 33.85 -3.40 -5.01
N LEU B 162 34.50 -4.45 -5.52
CA LEU B 162 34.43 -5.77 -4.92
C LEU B 162 35.37 -6.01 -3.73
N PRO B 163 36.64 -5.61 -3.72
CA PRO B 163 37.41 -5.86 -2.49
C PRO B 163 36.98 -4.99 -1.33
N GLY B 164 36.56 -3.74 -1.60
CA GLY B 164 35.91 -2.96 -0.58
C GLY B 164 34.48 -3.37 -0.32
N LYS B 165 33.90 -4.18 -1.21
CA LYS B 165 32.55 -4.74 -1.09
C LYS B 165 31.49 -3.66 -0.98
N LEU B 166 31.73 -2.52 -1.62
CA LEU B 166 30.95 -1.34 -1.30
C LEU B 166 30.40 -0.70 -2.56
N ILE B 167 29.33 0.07 -2.37
CA ILE B 167 28.66 0.77 -3.46
C ILE B 167 28.76 2.26 -3.19
N ILE B 168 28.94 3.03 -4.24
CA ILE B 168 29.15 4.47 -4.17
C ILE B 168 27.96 5.13 -4.84
N LEU B 169 27.19 5.89 -4.07
CA LEU B 169 26.07 6.67 -4.55
C LEU B 169 26.42 8.15 -4.59
N SER B 170 25.62 8.91 -5.33
CA SER B 170 25.77 10.35 -5.34
C SER B 170 24.40 10.98 -5.31
N ILE B 171 24.18 11.84 -4.32
CA ILE B 171 22.87 12.44 -4.11
C ILE B 171 22.89 13.84 -4.71
N SER B 172 21.70 14.41 -4.87
CA SER B 172 21.55 15.76 -5.48
C SER B 172 21.31 16.80 -4.38
N TYR B 173 21.21 18.07 -4.77
CA TYR B 173 20.93 19.14 -3.78
C TYR B 173 19.53 19.69 -4.06
N PRO B 174 18.64 19.80 -3.04
CA PRO B 174 17.34 20.42 -3.28
C PRO B 174 17.64 21.90 -3.57
N THR B 175 17.22 22.39 -4.73
CA THR B 175 17.31 23.85 -5.03
C THR B 175 15.98 24.33 -5.61
N LEU B 176 15.19 25.04 -4.81
CA LEU B 176 13.81 25.33 -5.14
C LEU B 176 13.75 26.46 -6.15
N SER B 177 12.87 26.33 -7.13
CA SER B 177 12.64 27.37 -8.11
C SER B 177 11.21 27.24 -8.60
N GLU B 178 10.46 28.32 -8.50
CA GLU B 178 9.07 28.27 -8.89
C GLU B 178 9.00 28.46 -10.40
N VAL B 179 8.04 27.76 -10.99
CA VAL B 179 7.57 28.03 -12.38
C VAL B 179 6.97 29.45 -12.41
N LYS B 180 6.99 30.09 -13.58
CA LYS B 180 6.55 31.51 -13.67
C LYS B 180 5.07 31.72 -13.35
N GLY B 181 4.17 30.89 -13.86
CA GLY B 181 2.73 31.19 -13.68
C GLY B 181 1.90 29.99 -13.23
N VAL B 182 2.30 29.39 -12.11
CA VAL B 182 1.71 28.21 -11.50
C VAL B 182 0.96 28.57 -10.22
N ILE B 183 -0.33 28.27 -10.23
CA ILE B 183 -1.23 28.47 -9.09
C ILE B 183 -2.01 27.18 -8.87
N VAL B 184 -2.01 26.71 -7.63
CA VAL B 184 -2.64 25.47 -7.24
C VAL B 184 -3.90 25.79 -6.44
N HIS B 185 -5.03 25.26 -6.90
CA HIS B 185 -6.30 25.41 -6.21
C HIS B 185 -6.72 24.07 -5.60
N ARG B 186 -6.99 24.08 -4.30
CA ARG B 186 -7.53 22.90 -3.61
C ARG B 186 -9.05 22.99 -3.61
N LEU B 187 -9.69 22.12 -4.36
CA LEU B 187 -11.13 22.20 -4.46
C LEU B 187 -11.80 21.59 -3.24
N GLU B 188 -13.12 21.76 -3.17
CA GLU B 188 -13.95 21.27 -2.09
C GLU B 188 -15.40 21.41 -2.53
N ALA B 189 -16.26 20.51 -2.04
CA ALA B 189 -17.66 20.55 -2.42
C ALA B 189 -18.54 20.15 -1.24
N VAL B 190 -19.82 20.51 -1.36
CA VAL B 190 -20.85 20.18 -0.33
C VAL B 190 -21.91 19.33 -1.02
N SER B 191 -22.69 18.60 -0.22
CA SER B 191 -23.76 17.77 -0.74
C SER B 191 -25.03 18.58 -0.91
N TYR B 192 -26.01 17.96 -1.56
CA TYR B 192 -27.32 18.56 -1.78
C TYR B 192 -28.31 17.45 -2.11
N ASN B 193 -29.53 17.84 -2.48
CA ASN B 193 -30.54 16.88 -2.89
C ASN B 193 -31.36 17.40 -4.08
N ILE B 194 -31.90 16.49 -4.85
CA ILE B 194 -32.89 16.77 -5.88
C ILE B 194 -34.05 15.79 -5.71
N GLY B 195 -35.26 16.32 -5.55
CA GLY B 195 -36.27 15.59 -4.77
C GLY B 195 -35.66 15.08 -3.47
N SER B 196 -35.69 13.76 -3.25
CA SER B 196 -35.14 13.20 -2.00
C SER B 196 -33.73 12.64 -2.22
N GLN B 197 -33.31 12.48 -3.49
CA GLN B 197 -31.98 11.90 -3.80
C GLN B 197 -30.87 12.82 -3.29
N GLU B 198 -29.82 12.26 -2.67
CA GLU B 198 -28.70 13.08 -2.11
C GLU B 198 -27.44 12.87 -2.94
N TRP B 199 -26.76 13.95 -3.31
CA TRP B 199 -25.68 13.91 -4.31
C TRP B 199 -24.58 14.87 -3.89
N TYR B 200 -23.40 14.73 -4.53
CA TYR B 200 -22.44 15.82 -4.63
C TYR B 200 -21.54 15.62 -5.84
N THR B 201 -20.74 16.64 -6.16
CA THR B 201 -20.06 16.72 -7.48
C THR B 201 -18.72 15.99 -7.40
N THR B 202 -18.41 15.14 -8.38
CA THR B 202 -17.15 14.36 -8.38
C THR B 202 -16.10 15.08 -9.25
N VAL B 203 -15.10 15.71 -8.61
CA VAL B 203 -14.04 16.45 -9.35
C VAL B 203 -12.68 16.12 -8.74
N PRO B 204 -11.56 16.28 -9.49
CA PRO B 204 -10.22 16.03 -8.93
C PRO B 204 -9.95 16.88 -7.69
N ARG B 205 -9.31 16.27 -6.67
CA ARG B 205 -9.05 16.95 -5.37
C ARG B 205 -8.31 18.26 -5.63
N TYR B 206 -7.21 18.21 -6.37
CA TYR B 206 -6.49 19.47 -6.71
C TYR B 206 -6.63 19.82 -8.19
N VAL B 207 -6.40 21.09 -8.55
CA VAL B 207 -6.15 21.52 -9.93
C VAL B 207 -4.96 22.48 -9.91
N ALA B 208 -4.26 22.55 -11.05
CA ALA B 208 -3.03 23.35 -11.14
C ALA B 208 -3.00 24.08 -12.49
N THR B 209 -2.93 25.40 -12.48
CA THR B 209 -2.95 26.19 -13.74
C THR B 209 -1.58 26.83 -13.96
N ASN B 210 -0.97 26.58 -15.12
CA ASN B 210 0.32 27.23 -15.47
C ASN B 210 0.09 28.12 -16.68
N GLY B 211 -0.16 29.41 -16.46
CA GLY B 211 -0.64 30.30 -17.54
C GLY B 211 -2.00 29.84 -18.01
N TYR B 212 -2.20 29.72 -19.32
CA TYR B 212 -3.48 29.19 -19.86
C TYR B 212 -3.65 27.71 -19.48
N LEU B 213 -2.54 26.96 -19.50
CA LEU B 213 -2.59 25.49 -19.34
C LEU B 213 -3.05 25.13 -17.92
N ILE B 214 -3.99 24.18 -17.79
CA ILE B 214 -4.41 23.70 -16.44
C ILE B 214 -4.07 22.21 -16.36
N SER B 215 -3.33 21.81 -15.32
CA SER B 215 -2.89 20.39 -15.21
C SER B 215 -3.60 19.69 -14.05
N ASN B 216 -3.57 18.36 -14.05
CA ASN B 216 -3.92 17.55 -12.88
C ASN B 216 -2.78 17.56 -11.88
N PHE B 217 -2.93 16.77 -10.84
CA PHE B 217 -1.99 16.97 -9.75
C PHE B 217 -1.87 15.68 -8.98
N ASP B 218 -0.72 15.47 -8.37
CA ASP B 218 -0.50 14.30 -7.55
C ASP B 218 -0.60 14.68 -6.09
N GLU B 219 -0.97 13.70 -5.28
CA GLU B 219 -1.22 13.92 -3.88
C GLU B 219 -0.17 13.24 -3.00
N SER B 220 0.61 12.31 -3.56
CA SER B 220 1.53 11.55 -2.73
C SER B 220 2.85 12.29 -2.44
N PRO B 221 3.55 12.95 -3.41
CA PRO B 221 4.73 13.71 -2.98
C PRO B 221 4.44 15.15 -2.61
N CYS B 222 3.30 15.69 -3.08
CA CYS B 222 3.09 17.14 -3.09
C CYS B 222 2.57 17.62 -1.74
N VAL B 223 3.35 18.50 -1.13
CA VAL B 223 3.10 19.04 0.20
C VAL B 223 2.67 20.49 0.04
N PHE B 224 1.87 20.99 0.98
CA PHE B 224 1.30 22.33 0.90
C PHE B 224 1.84 23.21 2.00
N VAL B 225 2.57 24.26 1.61
CA VAL B 225 2.92 25.32 2.53
C VAL B 225 2.08 26.53 2.12
N SER B 226 2.06 27.58 2.96
CA SER B 226 1.12 28.68 2.78
C SER B 226 1.46 29.52 1.55
N GLU B 227 2.70 29.48 1.10
CA GLU B 227 3.08 30.20 -0.11
C GLU B 227 2.88 29.39 -1.38
N SER B 228 3.32 28.14 -1.41
CA SER B 228 3.35 27.39 -2.66
C SER B 228 3.06 25.93 -2.40
N ALA B 229 2.91 25.19 -3.48
CA ALA B 229 2.76 23.74 -3.44
C ALA B 229 4.09 23.12 -3.88
N ILE B 230 4.72 22.40 -2.98
CA ILE B 230 6.04 21.82 -3.22
C ILE B 230 5.85 20.40 -3.72
N CYS B 231 6.32 20.13 -4.92
CA CYS B 231 6.26 18.79 -5.48
C CYS B 231 7.67 18.30 -5.75
N SER B 232 8.16 17.46 -4.84
CA SER B 232 9.57 17.11 -4.83
C SER B 232 9.91 16.13 -5.94
N GLN B 233 8.97 15.29 -6.32
CA GLN B 233 9.11 14.46 -7.49
C GLN B 233 8.33 15.17 -8.60
N ASN B 234 8.65 14.82 -9.85
CA ASN B 234 7.90 15.32 -10.98
C ASN B 234 6.45 14.89 -10.84
N SER B 235 5.57 15.89 -10.83
CA SER B 235 4.22 15.75 -10.21
C SER B 235 3.12 16.06 -11.22
N LEU B 236 3.45 16.74 -12.31
CA LEU B 236 2.42 17.38 -13.17
C LEU B 236 1.92 16.38 -14.24
N TYR B 237 1.29 15.28 -13.80
CA TYR B 237 0.69 14.34 -14.79
C TYR B 237 -0.43 15.07 -15.53
N PRO B 238 -0.57 14.92 -16.87
CA PRO B 238 -1.57 15.67 -17.65
C PRO B 238 -3.05 15.48 -17.32
N MET B 239 -3.92 16.26 -17.99
CA MET B 239 -5.38 16.20 -17.75
C MET B 239 -6.06 15.81 -19.07
N SER B 240 -7.40 15.81 -19.10
CA SER B 240 -8.14 15.53 -20.36
C SER B 240 -8.97 16.77 -20.73
N PRO B 241 -9.22 17.03 -22.03
CA PRO B 241 -10.06 18.16 -22.43
C PRO B 241 -11.45 18.01 -21.76
N LEU B 242 -11.94 16.77 -21.71
CA LEU B 242 -13.25 16.45 -21.08
C LEU B 242 -13.08 16.39 -19.56
N LEU B 243 -11.90 16.73 -19.03
CA LEU B 243 -11.83 17.15 -17.63
C LEU B 243 -11.50 18.63 -17.52
N GLN B 244 -10.73 19.15 -18.48
CA GLN B 244 -10.27 20.53 -18.36
C GLN B 244 -11.41 21.51 -18.66
N GLN B 245 -12.44 21.06 -19.36
CA GLN B 245 -13.61 21.91 -19.57
C GLN B 245 -14.44 22.05 -18.31
N CYS B 246 -14.23 21.16 -17.33
CA CYS B 246 -15.07 21.16 -16.13
C CYS B 246 -14.71 22.28 -15.16
N ILE B 247 -13.42 22.46 -14.88
CA ILE B 247 -13.03 23.32 -13.76
C ILE B 247 -13.05 24.80 -14.19
N ARG B 248 -12.96 25.08 -15.49
CA ARG B 248 -12.80 26.47 -15.92
C ARG B 248 -14.12 27.26 -15.82
N GLY B 249 -15.17 26.87 -16.55
CA GLY B 249 -16.32 27.74 -16.65
C GLY B 249 -17.68 27.09 -16.82
N ASP B 250 -17.78 25.77 -16.68
CA ASP B 250 -19.03 25.08 -16.95
C ASP B 250 -19.11 23.82 -16.10
N THR B 251 -20.31 23.54 -15.60
CA THR B 251 -20.59 22.28 -14.89
C THR B 251 -21.57 21.41 -15.65
N SER B 252 -21.75 21.65 -16.94
CA SER B 252 -22.66 20.82 -17.73
C SER B 252 -22.07 19.42 -17.95
N SER B 253 -20.75 19.29 -17.82
CA SER B 253 -20.12 18.01 -18.07
C SER B 253 -19.63 17.36 -16.79
N CYS B 254 -19.66 18.08 -15.68
CA CYS B 254 -19.08 17.58 -14.44
C CYS B 254 -20.04 16.63 -13.74
N ALA B 255 -19.57 15.43 -13.42
CA ALA B 255 -20.41 14.34 -12.95
C ALA B 255 -20.72 14.46 -11.46
N ARG B 256 -21.71 13.69 -11.03
CA ARG B 256 -22.25 13.79 -9.68
C ARG B 256 -22.52 12.39 -9.14
N THR B 257 -22.48 12.29 -7.81
CA THR B 257 -22.43 10.99 -7.10
C THR B 257 -23.53 10.93 -6.05
N LEU B 258 -23.84 9.73 -5.58
CA LEU B 258 -24.73 9.52 -4.41
C LEU B 258 -23.87 9.23 -3.17
N VAL B 259 -24.39 9.60 -2.01
CA VAL B 259 -23.61 9.77 -0.79
C VAL B 259 -23.28 8.44 -0.16
N SER B 260 -22.31 8.46 0.74
CA SER B 260 -21.83 7.28 1.45
C SER B 260 -22.52 7.24 2.80
N GLY B 261 -23.52 6.36 2.94
CA GLY B 261 -24.47 6.43 4.05
C GLY B 261 -25.26 7.73 4.04
N THR B 262 -25.49 8.34 5.21
CA THR B 262 -26.26 9.60 5.30
C THR B 262 -25.31 10.80 5.42
N MET B 263 -24.00 10.58 5.43
CA MET B 263 -23.01 11.67 5.62
C MET B 263 -23.05 12.63 4.42
N GLY B 264 -23.06 13.94 4.68
CA GLY B 264 -22.85 14.92 3.59
C GLY B 264 -22.66 16.32 4.14
N ASN B 265 -22.09 17.22 3.33
CA ASN B 265 -21.90 18.64 3.74
C ASN B 265 -23.15 19.43 3.30
N LYS B 266 -24.03 19.75 4.24
CA LYS B 266 -25.31 20.41 3.87
C LYS B 266 -25.17 21.94 3.93
N PHE B 267 -24.01 22.45 4.38
CA PHE B 267 -23.81 23.92 4.53
C PHE B 267 -22.32 24.26 4.47
N ILE B 268 -22.03 25.54 4.19
CA ILE B 268 -20.62 26.02 4.12
C ILE B 268 -20.62 27.55 4.27
N LEU B 269 -19.53 28.07 4.81
CA LEU B 269 -19.22 29.50 4.84
C LEU B 269 -18.10 29.78 3.86
N SER B 270 -18.37 30.66 2.90
CA SER B 270 -17.39 31.08 1.90
C SER B 270 -17.52 32.58 1.68
N LYS B 271 -16.39 33.29 1.83
CA LYS B 271 -16.31 34.75 1.69
C LYS B 271 -17.28 35.47 2.62
N GLY B 272 -17.44 34.95 3.83
CA GLY B 272 -18.40 35.50 4.75
C GLY B 272 -19.86 35.28 4.39
N ASN B 273 -20.16 34.25 3.61
CA ASN B 273 -21.52 33.96 3.21
C ASN B 273 -21.86 32.50 3.45
N ILE B 274 -23.01 32.27 4.08
CA ILE B 274 -23.52 30.93 4.33
C ILE B 274 -24.30 30.48 3.11
N VAL B 275 -23.82 29.43 2.45
CA VAL B 275 -24.55 28.79 1.36
C VAL B 275 -24.81 27.35 1.77
N ALA B 276 -26.05 26.91 1.63
CA ALA B 276 -26.46 25.60 2.10
C ALA B 276 -27.72 25.17 1.37
N ASN B 277 -28.13 23.94 1.60
CA ASN B 277 -29.45 23.46 1.19
C ASN B 277 -30.31 23.40 2.43
N CYS B 278 -31.03 24.48 2.69
CA CYS B 278 -31.92 24.55 3.85
C CYS B 278 -33.29 23.97 3.56
N ALA B 279 -33.44 23.27 2.43
CA ALA B 279 -34.58 22.37 2.28
C ALA B 279 -34.25 20.98 2.81
N SER B 280 -33.07 20.83 3.43
CA SER B 280 -32.66 19.54 3.99
C SER B 280 -32.52 19.55 5.50
N ILE B 281 -31.83 20.53 6.09
CA ILE B 281 -31.73 20.63 7.55
C ILE B 281 -32.18 22.02 7.99
N LEU B 282 -32.13 22.21 9.32
CA LEU B 282 -32.85 23.30 10.03
C LEU B 282 -32.06 24.61 9.89
N CYS B 283 -32.59 25.54 9.10
CA CYS B 283 -32.05 26.89 9.03
C CYS B 283 -33.11 27.85 9.53
N LYS B 284 -32.83 28.60 10.60
CA LYS B 284 -33.91 29.42 11.22
C LYS B 284 -33.36 30.79 11.64
N CYS B 285 -34.03 31.85 11.20
CA CYS B 285 -33.61 33.22 11.46
C CYS B 285 -33.69 33.48 12.96
N TYR B 286 -32.56 33.89 13.56
CA TYR B 286 -32.41 33.85 15.01
C TYR B 286 -33.19 34.97 15.70
N SER B 287 -32.99 36.21 15.26
CA SER B 287 -33.63 37.34 15.93
C SER B 287 -35.11 37.42 15.57
N THR B 288 -35.46 37.00 14.35
CA THR B 288 -36.87 36.99 13.98
C THR B 288 -37.60 35.81 14.63
N GLY B 289 -37.05 34.61 14.51
CA GLY B 289 -37.61 33.46 15.18
C GLY B 289 -38.34 32.47 14.29
N THR B 290 -38.08 32.51 12.98
CA THR B 290 -38.83 31.68 12.01
C THR B 290 -37.89 30.94 11.06
N ILE B 291 -38.28 29.74 10.62
CA ILE B 291 -37.45 28.95 9.65
C ILE B 291 -37.66 29.52 8.24
N ILE B 292 -36.71 29.29 7.33
CA ILE B 292 -36.83 29.79 5.92
C ILE B 292 -37.02 28.60 4.99
N ASN B 293 -38.01 28.66 4.09
CA ASN B 293 -38.22 27.62 3.11
C ASN B 293 -37.58 27.96 1.78
N GLN B 294 -37.58 26.98 0.88
CA GLN B 294 -36.89 27.05 -0.39
C GLN B 294 -37.82 26.63 -1.52
N SER B 295 -37.67 27.30 -2.67
CA SER B 295 -38.36 26.91 -3.89
C SER B 295 -37.96 25.50 -4.32
N PRO B 296 -38.94 24.68 -4.73
CA PRO B 296 -38.60 23.34 -5.28
C PRO B 296 -37.90 23.39 -6.62
N ASP B 297 -37.91 24.52 -7.32
CA ASP B 297 -37.10 24.72 -8.52
C ASP B 297 -35.72 25.28 -8.20
N LYS B 298 -35.25 25.10 -6.96
CA LYS B 298 -33.93 25.55 -6.53
C LYS B 298 -33.25 24.43 -5.76
N LEU B 299 -31.92 24.48 -5.71
CA LEU B 299 -31.13 23.37 -5.19
C LEU B 299 -30.30 23.71 -3.96
N LEU B 300 -30.08 24.99 -3.69
CA LEU B 300 -29.43 25.44 -2.47
C LEU B 300 -30.14 26.69 -1.97
N THR B 301 -29.55 27.32 -0.96
CA THR B 301 -30.00 28.63 -0.48
C THR B 301 -28.80 29.35 0.14
N PHE B 302 -28.54 30.57 -0.32
CA PHE B 302 -27.41 31.37 0.12
C PHE B 302 -27.89 32.40 1.12
N ILE B 303 -27.03 32.79 2.06
CA ILE B 303 -27.37 33.71 3.14
C ILE B 303 -26.29 34.76 3.26
N ALA B 304 -26.73 36.03 3.24
CA ALA B 304 -25.88 37.19 3.57
C ALA B 304 -26.54 37.97 4.71
N SER B 305 -25.91 39.05 5.15
CA SER B 305 -26.41 39.80 6.31
C SER B 305 -27.81 40.34 6.06
N ASP B 306 -28.13 40.67 4.81
CA ASP B 306 -29.35 41.43 4.53
C ASP B 306 -30.60 40.57 4.65
N THR B 307 -30.48 39.26 4.39
CA THR B 307 -31.64 38.40 4.52
C THR B 307 -31.93 38.09 5.99
N CYS B 308 -30.88 37.71 6.74
CA CYS B 308 -31.02 37.50 8.18
C CYS B 308 -29.64 37.66 8.79
N PRO B 309 -29.48 38.48 9.83
CA PRO B 309 -28.15 38.80 10.34
C PRO B 309 -27.47 37.64 11.06
N LEU B 310 -28.25 36.89 11.84
CA LEU B 310 -27.73 35.74 12.58
C LEU B 310 -28.64 34.56 12.31
N VAL B 311 -28.07 33.41 11.98
CA VAL B 311 -28.84 32.24 11.58
C VAL B 311 -28.52 31.08 12.51
N GLU B 312 -29.51 30.22 12.74
CA GLU B 312 -29.33 29.01 13.52
C GLU B 312 -29.40 27.80 12.61
N ILE B 313 -28.32 27.01 12.61
CA ILE B 313 -28.29 25.77 11.86
C ILE B 313 -28.05 24.62 12.82
N ASP B 314 -29.15 24.02 13.27
CA ASP B 314 -29.18 22.86 14.16
C ASP B 314 -28.40 23.13 15.45
N GLY B 315 -28.71 24.26 16.08
CA GLY B 315 -28.19 24.59 17.40
C GLY B 315 -27.00 25.52 17.44
N VAL B 316 -26.62 26.14 16.33
CA VAL B 316 -25.49 27.04 16.27
C VAL B 316 -26.01 28.46 16.14
N THR B 317 -25.12 29.44 16.23
CA THR B 317 -25.50 30.84 16.12
C THR B 317 -24.46 31.55 15.25
N ILE B 318 -24.82 31.80 14.00
CA ILE B 318 -23.88 32.23 12.98
C ILE B 318 -24.13 33.70 12.67
N GLN B 319 -23.10 34.51 12.86
CA GLN B 319 -23.07 35.90 12.41
C GLN B 319 -22.45 35.95 11.02
N VAL B 320 -23.14 36.60 10.08
CA VAL B 320 -22.69 36.67 8.70
C VAL B 320 -22.38 38.12 8.36
N GLY B 321 -21.79 38.29 7.16
CA GLY B 321 -21.39 39.60 6.68
C GLY B 321 -22.03 39.95 5.36
N GLY B 322 -21.35 40.82 4.63
CA GLY B 322 -21.90 41.35 3.39
C GLY B 322 -21.84 40.34 2.26
N ARG B 323 -22.76 40.51 1.30
CA ARG B 323 -22.88 39.57 0.21
C ARG B 323 -21.74 39.71 -0.78
N GLN B 324 -21.07 38.59 -1.05
CA GLN B 324 -19.96 38.54 -2.00
C GLN B 324 -20.29 37.74 -3.25
N TYR B 325 -21.57 37.53 -3.55
CA TYR B 325 -21.98 36.60 -4.58
C TYR B 325 -23.16 37.15 -5.36
N PRO B 326 -23.30 36.77 -6.62
CA PRO B 326 -24.55 37.03 -7.34
C PRO B 326 -25.67 36.16 -6.78
N ASP B 327 -26.90 36.60 -7.03
CA ASP B 327 -28.05 35.95 -6.42
C ASP B 327 -28.52 34.77 -7.28
N MET B 328 -29.38 33.96 -6.68
CA MET B 328 -29.75 32.66 -7.24
C MET B 328 -30.69 32.86 -8.42
N VAL B 329 -30.13 32.71 -9.63
CA VAL B 329 -30.95 32.59 -10.86
C VAL B 329 -31.38 31.12 -10.99
N TYR B 330 -32.39 30.87 -11.81
CA TYR B 330 -32.90 29.50 -12.01
C TYR B 330 -31.81 28.59 -12.57
N GLU B 331 -31.85 27.33 -12.15
CA GLU B 331 -30.80 26.36 -12.47
C GLU B 331 -31.31 25.23 -13.37
N SER B 332 -32.62 25.15 -13.60
CA SER B 332 -33.22 24.04 -14.32
C SER B 332 -32.88 24.02 -15.81
N LYS B 333 -32.35 25.12 -16.36
CA LYS B 333 -31.85 25.13 -17.73
C LYS B 333 -30.34 24.93 -17.82
N VAL B 334 -29.69 24.54 -16.73
CA VAL B 334 -28.28 24.17 -16.72
C VAL B 334 -28.21 22.71 -16.27
N ALA B 335 -27.67 21.86 -17.15
CA ALA B 335 -27.76 20.39 -16.99
C ALA B 335 -26.91 19.91 -15.81
N LEU B 336 -27.06 18.63 -15.44
CA LEU B 336 -26.30 18.07 -14.28
C LEU B 336 -25.57 16.81 -14.75
N GLY B 337 -24.54 16.39 -14.00
CA GLY B 337 -23.63 15.33 -14.48
C GLY B 337 -24.25 13.94 -14.38
N PRO B 338 -23.61 12.89 -14.95
CA PRO B 338 -24.12 11.52 -14.82
C PRO B 338 -23.59 10.91 -13.51
N ALA B 339 -23.98 9.66 -13.20
CA ALA B 339 -23.52 9.04 -11.94
C ALA B 339 -22.05 8.65 -12.06
N ILE B 340 -21.37 8.48 -10.92
CA ILE B 340 -19.96 8.00 -10.95
C ILE B 340 -19.85 6.78 -10.04
N SER B 341 -19.27 5.69 -10.55
CA SER B 341 -19.06 4.48 -9.70
C SER B 341 -17.60 4.09 -9.81
N LEU B 342 -16.92 4.19 -8.68
CA LEU B 342 -15.46 4.01 -8.59
C LEU B 342 -15.21 2.53 -8.27
N GLU B 343 -15.49 1.63 -9.22
CA GLU B 343 -15.28 0.18 -8.95
C GLU B 343 -14.97 -0.52 -10.28
N ARG B 344 -13.72 -0.92 -10.50
CA ARG B 344 -13.35 -1.20 -11.88
C ARG B 344 -14.15 -2.34 -12.49
N LEU B 345 -14.78 -3.18 -11.66
CA LEU B 345 -15.63 -4.23 -12.16
C LEU B 345 -16.83 -3.69 -12.91
N ASP B 346 -17.41 -2.61 -12.36
CA ASP B 346 -18.55 -1.91 -13.00
C ASP B 346 -18.08 -1.30 -14.33
N VAL B 347 -16.94 -0.60 -14.30
CA VAL B 347 -16.37 -0.02 -15.55
C VAL B 347 -16.06 -1.19 -16.50
N GLY B 348 -15.50 -2.28 -15.97
CA GLY B 348 -15.22 -3.47 -16.78
C GLY B 348 -16.50 -4.08 -17.31
N THR B 349 -17.48 -4.29 -16.42
CA THR B 349 -18.80 -4.83 -16.85
C THR B 349 -19.34 -4.00 -18.00
N ASN B 350 -19.24 -2.67 -17.91
CA ASN B 350 -19.86 -1.79 -18.95
C ASN B 350 -18.94 -1.61 -20.16
N LEU B 351 -17.64 -1.82 -19.99
CA LEU B 351 -16.72 -1.93 -21.16
C LEU B 351 -16.99 -3.29 -21.82
N GLY B 352 -17.31 -4.31 -21.03
CA GLY B 352 -17.80 -5.59 -21.57
C GLY B 352 -19.18 -5.44 -22.18
N ASN B 353 -19.87 -4.35 -21.80
CA ASN B 353 -21.15 -4.01 -22.47
C ASN B 353 -20.80 -3.34 -23.78
N ALA B 354 -19.89 -2.36 -23.72
CA ALA B 354 -19.30 -1.72 -24.92
C ALA B 354 -18.84 -2.82 -25.87
N LEU B 355 -18.22 -3.88 -25.34
CA LEU B 355 -17.80 -5.03 -26.18
C LEU B 355 -19.04 -5.68 -26.80
N LYS B 356 -20.11 -5.83 -26.01
CA LYS B 356 -21.39 -6.41 -26.53
C LYS B 356 -21.96 -5.48 -27.60
N LYS B 357 -21.89 -4.17 -27.40
CA LYS B 357 -22.41 -3.18 -28.39
C LYS B 357 -21.61 -3.34 -29.69
N LEU B 358 -20.28 -3.51 -29.57
CA LEU B 358 -19.41 -3.69 -30.76
C LEU B 358 -19.85 -4.96 -31.49
N ASP B 359 -20.15 -6.03 -30.72
CA ASP B 359 -20.64 -7.31 -31.30
C ASP B 359 -22.01 -7.07 -31.95
N GLN C 1 10.11 -14.63 -33.24
CA GLN C 1 8.67 -14.62 -33.04
C GLN C 1 8.13 -13.21 -33.00
N ILE C 2 8.85 -12.35 -32.30
CA ILE C 2 8.49 -10.94 -32.22
C ILE C 2 9.00 -10.22 -33.46
N HIS C 3 8.10 -9.52 -34.15
CA HIS C 3 8.47 -8.69 -35.29
C HIS C 3 8.98 -7.35 -34.75
N TRP C 4 10.22 -7.35 -34.30
CA TRP C 4 10.86 -6.15 -33.75
C TRP C 4 11.04 -5.06 -34.80
N ASN C 5 11.06 -5.43 -36.08
CA ASN C 5 11.30 -4.48 -37.17
C ASN C 5 10.20 -3.43 -37.26
N ASN C 6 8.99 -3.80 -36.83
CA ASN C 6 7.90 -2.80 -36.71
C ASN C 6 8.02 -2.06 -35.38
N LEU C 7 8.79 -2.60 -34.43
CA LEU C 7 8.75 -2.04 -33.09
C LEU C 7 9.74 -0.90 -32.85
N SER C 8 10.87 -0.91 -33.54
CA SER C 8 11.84 0.16 -33.30
C SER C 8 11.48 1.45 -34.01
N THR C 9 10.50 1.43 -34.91
CA THR C 9 10.14 2.65 -35.65
C THR C 9 9.46 3.67 -34.76
N ILE C 10 8.81 3.22 -33.68
CA ILE C 10 8.43 4.12 -32.60
C ILE C 10 9.16 3.76 -31.32
N GLY C 11 10.24 3.01 -31.43
CA GLY C 11 11.14 2.85 -30.30
C GLY C 11 10.62 1.88 -29.27
N ILE C 12 10.55 0.60 -29.61
CA ILE C 12 10.29 -0.45 -28.64
C ILE C 12 11.49 -1.37 -28.68
N ILE C 13 12.28 -1.36 -27.61
CA ILE C 13 13.57 -2.05 -27.59
C ILE C 13 13.66 -2.87 -26.31
N GLY C 14 13.66 -4.19 -26.45
CA GLY C 14 13.63 -5.07 -25.32
C GLY C 14 15.02 -5.29 -24.76
N THR C 15 15.27 -4.72 -23.60
CA THR C 15 16.59 -4.74 -22.99
C THR C 15 16.94 -6.07 -22.34
N ASP C 16 15.98 -6.99 -22.25
CA ASP C 16 16.25 -8.28 -21.62
C ASP C 16 15.17 -9.26 -22.08
N SER C 17 15.58 -10.50 -22.31
CA SER C 17 14.67 -11.60 -22.59
C SER C 17 15.21 -12.85 -21.90
N VAL C 18 14.38 -13.41 -21.02
CA VAL C 18 14.80 -14.56 -20.18
C VAL C 18 13.75 -15.67 -20.36
N HIS C 19 13.97 -16.80 -19.68
CA HIS C 19 12.98 -17.87 -19.63
C HIS C 19 11.99 -17.61 -18.50
N TYR C 20 11.22 -18.65 -18.18
CA TYR C 20 10.26 -18.60 -17.08
C TYR C 20 10.16 -19.96 -16.40
N LYS C 21 10.13 -19.96 -15.08
CA LYS C 21 10.00 -21.18 -14.29
C LYS C 21 8.81 -21.03 -13.38
N ILE C 22 8.20 -22.14 -13.01
CA ILE C 22 7.17 -22.17 -11.98
C ILE C 22 7.59 -23.23 -10.96
N MET C 23 7.26 -22.99 -9.70
CA MET C 23 7.64 -23.93 -8.65
C MET C 23 6.51 -24.94 -8.47
N THR C 24 6.90 -26.18 -8.21
CA THR C 24 5.97 -27.24 -7.89
C THR C 24 6.24 -27.77 -6.50
N ARG C 25 5.25 -28.52 -5.98
CA ARG C 25 5.14 -28.91 -4.59
C ARG C 25 4.99 -30.42 -4.52
N PRO C 26 6.10 -31.17 -4.53
CA PRO C 26 5.97 -32.63 -4.45
C PRO C 26 5.63 -33.13 -3.08
N SER C 27 6.09 -32.46 -2.03
CA SER C 27 5.83 -32.91 -0.68
C SER C 27 5.63 -31.71 0.24
N HIS C 28 5.58 -31.99 1.53
CA HIS C 28 5.20 -31.01 2.53
C HIS C 28 6.10 -31.16 3.75
N GLN C 29 5.87 -30.30 4.75
CA GLN C 29 6.68 -30.36 5.96
C GLN C 29 5.89 -29.72 7.09
N TYR C 30 6.09 -30.21 8.31
CA TYR C 30 5.28 -29.75 9.42
C TYR C 30 5.96 -28.65 10.23
N LEU C 31 5.14 -27.72 10.74
CA LEU C 31 5.61 -26.48 11.35
C LEU C 31 4.56 -26.03 12.36
N VAL C 32 4.88 -26.12 13.64
CA VAL C 32 3.91 -25.88 14.71
C VAL C 32 4.12 -24.49 15.27
N ILE C 33 3.09 -23.64 15.14
CA ILE C 33 3.08 -22.34 15.79
C ILE C 33 2.48 -22.55 17.17
N LYS C 34 3.35 -22.49 18.16
CA LYS C 34 2.96 -22.50 19.57
C LYS C 34 2.75 -21.04 19.98
N LEU C 35 1.47 -20.64 20.07
CA LEU C 35 1.14 -19.24 20.34
C LEU C 35 1.58 -18.82 21.73
N MET C 36 1.64 -19.79 22.65
CA MET C 36 2.02 -19.55 24.06
C MET C 36 3.54 -19.37 24.15
N PRO C 37 4.05 -18.25 24.71
CA PRO C 37 5.50 -18.07 24.90
C PRO C 37 6.01 -19.07 25.95
N ASN C 38 6.72 -20.11 25.50
CA ASN C 38 7.08 -21.25 26.38
C ASN C 38 8.29 -20.81 27.20
N VAL C 39 8.09 -19.87 28.11
CA VAL C 39 9.27 -19.34 28.85
C VAL C 39 8.99 -19.44 30.35
N SER C 40 9.01 -20.66 30.89
CA SER C 40 8.78 -20.87 32.35
C SER C 40 9.85 -20.10 33.12
N LEU C 41 10.90 -19.66 32.42
CA LEU C 41 11.95 -18.79 33.03
C LEU C 41 11.29 -17.55 33.65
N ILE C 42 10.00 -17.31 33.33
CA ILE C 42 9.32 -16.05 33.74
C ILE C 42 9.37 -15.91 35.26
N ASP C 43 9.67 -17.00 35.99
CA ASP C 43 9.81 -16.90 37.47
C ASP C 43 8.54 -16.33 38.11
N ASN C 44 7.38 -16.89 37.76
CA ASN C 44 6.09 -16.42 38.33
C ASN C 44 5.89 -14.94 38.01
N CYS C 45 6.17 -14.53 36.77
CA CYS C 45 5.99 -13.12 36.35
C CYS C 45 5.11 -13.06 35.11
N THR C 46 4.57 -11.88 34.79
CA THR C 46 3.64 -11.71 33.63
C THR C 46 2.36 -12.48 33.92
N LYS C 47 2.17 -12.94 35.17
CA LYS C 47 1.02 -13.79 35.39
C LYS C 47 -0.27 -13.12 34.93
N ALA C 48 -0.42 -11.83 35.22
CA ALA C 48 -1.67 -11.15 34.89
C ALA C 48 -1.82 -10.94 33.40
N GLU C 49 -0.72 -10.61 32.72
CA GLU C 49 -0.78 -10.33 31.28
C GLU C 49 -1.01 -11.61 30.49
N LEU C 50 -0.34 -12.68 30.89
CA LEU C 50 -0.60 -13.98 30.31
C LEU C 50 -2.01 -14.46 30.63
N GLY C 51 -2.51 -14.12 31.82
CA GLY C 51 -3.85 -14.54 32.18
C GLY C 51 -4.92 -13.81 31.39
N GLU C 52 -4.68 -12.54 31.08
CA GLU C 52 -5.54 -11.83 30.15
C GLU C 52 -5.40 -12.39 28.74
N TYR C 53 -4.17 -12.77 28.39
CA TYR C 53 -3.90 -13.25 27.04
C TYR C 53 -4.55 -14.60 26.80
N GLU C 54 -4.61 -15.42 27.85
CA GLU C 54 -5.31 -16.71 27.76
C GLU C 54 -6.71 -16.43 27.22
N LYS C 55 -7.43 -15.53 27.88
CA LYS C 55 -8.82 -15.23 27.45
C LYS C 55 -8.78 -14.65 26.03
N LEU C 56 -7.82 -13.76 25.76
CA LEU C 56 -7.68 -13.20 24.40
C LEU C 56 -7.72 -14.38 23.42
N LEU C 57 -7.05 -15.46 23.78
CA LEU C 57 -6.86 -16.58 22.87
C LEU C 57 -8.16 -17.20 22.39
N ASN C 58 -9.25 -17.05 23.14
CA ASN C 58 -10.53 -17.61 22.69
C ASN C 58 -11.04 -16.86 21.47
N SER C 59 -10.99 -15.52 21.52
CA SER C 59 -11.35 -14.74 20.34
C SER C 59 -10.30 -14.84 19.25
N VAL C 60 -9.07 -15.17 19.62
CA VAL C 60 -8.05 -15.46 18.63
C VAL C 60 -8.41 -16.69 17.82
N LEU C 61 -8.76 -17.78 18.52
CA LEU C 61 -8.73 -19.11 17.92
C LEU C 61 -10.11 -19.61 17.54
N GLU C 62 -11.05 -19.54 18.50
CA GLU C 62 -12.27 -20.41 18.54
C GLU C 62 -12.96 -20.45 17.17
N PRO C 63 -13.25 -19.29 16.53
CA PRO C 63 -13.87 -19.27 15.19
C PRO C 63 -13.21 -20.30 14.26
N ILE C 64 -11.88 -20.23 14.13
CA ILE C 64 -11.09 -21.14 13.33
C ILE C 64 -11.27 -22.57 13.83
N ASN C 65 -11.26 -22.73 15.16
CA ASN C 65 -11.35 -24.06 15.79
C ASN C 65 -12.65 -24.70 15.34
N GLN C 66 -13.75 -23.96 15.44
CA GLN C 66 -15.06 -24.46 14.98
C GLN C 66 -14.99 -24.72 13.48
N ALA C 67 -14.38 -23.80 12.73
CA ALA C 67 -14.34 -23.93 11.25
C ALA C 67 -13.68 -25.26 10.87
N LEU C 68 -12.71 -25.70 11.67
CA LEU C 68 -11.94 -26.94 11.49
C LEU C 68 -12.66 -28.15 12.08
N THR C 69 -13.41 -27.96 13.17
CA THR C 69 -14.20 -29.08 13.66
C THR C 69 -15.37 -29.39 12.74
N LEU C 70 -15.89 -28.39 12.03
CA LEU C 70 -16.88 -28.69 10.99
C LEU C 70 -16.26 -29.47 9.84
N MET C 71 -14.99 -29.22 9.52
CA MET C 71 -14.37 -30.01 8.45
C MET C 71 -14.03 -31.42 8.92
N THR C 72 -13.57 -31.57 10.16
CA THR C 72 -13.16 -32.90 10.63
C THR C 72 -14.36 -33.78 10.95
N LYS C 73 -15.27 -33.30 11.78
CA LYS C 73 -16.24 -34.19 12.41
C LYS C 73 -17.45 -34.45 11.51
N ASN C 74 -17.38 -34.03 10.26
CA ASN C 74 -18.49 -34.26 9.35
C ASN C 74 -18.00 -34.87 8.06
N GLY D 3 -13.85 -46.14 4.79
CA GLY D 3 -14.41 -45.17 5.71
C GLY D 3 -14.25 -43.75 5.20
N VAL D 4 -15.08 -42.85 5.71
CA VAL D 4 -15.01 -41.43 5.34
C VAL D 4 -14.74 -40.60 6.59
N VAL D 5 -14.23 -39.41 6.36
CA VAL D 5 -14.19 -38.34 7.35
C VAL D 5 -15.08 -37.19 6.89
N LEU D 6 -15.75 -37.40 5.76
CA LEU D 6 -16.45 -36.34 5.03
C LEU D 6 -17.84 -36.86 4.66
N ALA D 7 -18.85 -36.44 5.42
CA ALA D 7 -20.24 -36.77 5.15
C ALA D 7 -20.99 -35.49 4.86
N GLY D 8 -21.66 -35.44 3.69
CA GLY D 8 -22.21 -34.18 3.22
C GLY D 8 -23.46 -33.74 3.94
N ALA D 9 -24.26 -34.70 4.44
CA ALA D 9 -25.53 -34.34 5.07
C ALA D 9 -25.33 -33.71 6.44
N ALA D 10 -24.14 -33.85 7.02
CA ALA D 10 -23.85 -33.23 8.31
C ALA D 10 -22.97 -31.99 8.18
N LEU D 11 -22.23 -31.87 7.08
CA LEU D 11 -21.43 -30.68 6.83
C LEU D 11 -22.23 -29.58 6.16
N GLY D 12 -22.82 -29.88 5.02
CA GLY D 12 -23.61 -28.87 4.33
C GLY D 12 -22.84 -28.08 3.30
N VAL D 13 -21.92 -27.22 3.72
CA VAL D 13 -21.26 -26.32 2.79
C VAL D 13 -19.75 -26.24 3.09
N ALA D 14 -18.95 -26.40 2.04
CA ALA D 14 -17.50 -26.29 2.02
C ALA D 14 -17.06 -26.24 0.56
N THR D 15 -15.91 -25.62 0.33
CA THR D 15 -15.43 -25.39 -1.03
C THR D 15 -14.35 -26.40 -1.42
N ALA D 16 -13.77 -26.19 -2.60
CA ALA D 16 -12.84 -27.17 -3.17
C ALA D 16 -11.55 -27.26 -2.36
N ALA D 17 -10.93 -26.12 -2.11
CA ALA D 17 -9.68 -26.10 -1.35
C ALA D 17 -9.91 -26.54 0.07
N GLN D 18 -11.10 -26.28 0.62
CA GLN D 18 -11.42 -26.71 1.97
C GLN D 18 -11.55 -28.22 2.05
N ILE D 19 -12.17 -28.83 1.04
CA ILE D 19 -12.28 -30.28 0.97
C ILE D 19 -10.91 -30.91 0.85
N THR D 20 -10.05 -30.37 -0.03
CA THR D 20 -8.71 -30.93 -0.18
C THR D 20 -7.87 -30.73 1.06
N ALA D 21 -8.08 -29.62 1.79
CA ALA D 21 -7.37 -29.43 3.05
C ALA D 21 -7.84 -30.40 4.11
N GLY D 22 -9.13 -30.73 4.12
CA GLY D 22 -9.60 -31.73 5.07
C GLY D 22 -9.10 -33.12 4.75
N ILE D 23 -9.04 -33.47 3.46
CA ILE D 23 -8.49 -34.76 3.05
C ILE D 23 -7.01 -34.84 3.40
N ALA D 24 -6.27 -33.75 3.18
CA ALA D 24 -4.85 -33.74 3.51
C ALA D 24 -4.64 -33.74 5.02
N LEU D 25 -5.59 -33.19 5.77
CA LEU D 25 -5.51 -33.27 7.23
C LEU D 25 -5.73 -34.69 7.69
N HIS D 26 -6.64 -35.42 7.04
CA HIS D 26 -6.80 -36.82 7.38
C HIS D 26 -5.67 -37.68 6.84
N GLN D 27 -4.88 -37.18 5.88
CA GLN D 27 -3.64 -37.85 5.52
C GLN D 27 -2.66 -37.84 6.69
N SER D 28 -2.73 -36.78 7.49
CA SER D 28 -2.07 -36.76 8.82
C SER D 28 -2.85 -37.66 9.80
N ASN D 29 -2.16 -38.65 10.36
CA ASN D 29 -2.76 -39.62 11.30
C ASN D 29 -2.47 -39.15 12.72
N LEU D 30 -2.33 -37.83 12.90
CA LEU D 30 -2.03 -37.27 14.24
C LEU D 30 -3.19 -37.63 15.19
N ASN D 31 -4.43 -37.54 14.69
CA ASN D 31 -5.61 -37.93 15.52
C ASN D 31 -5.56 -39.44 15.81
N ALA D 32 -5.30 -40.24 14.78
CA ALA D 32 -5.19 -41.71 14.94
C ALA D 32 -4.11 -42.04 15.99
N GLN D 33 -2.91 -41.47 15.81
CA GLN D 33 -1.80 -41.68 16.77
C GLN D 33 -2.08 -40.92 18.07
N ALA D 34 -1.44 -41.29 19.18
CA ALA D 34 -1.62 -40.49 20.41
C ALA D 34 -1.06 -39.08 20.15
N ILE D 35 -1.83 -38.04 20.50
CA ILE D 35 -1.35 -36.63 20.30
C ILE D 35 -0.55 -36.23 21.55
N GLN D 36 -0.55 -37.07 22.58
CA GLN D 36 0.18 -36.76 23.83
C GLN D 36 1.68 -36.65 23.52
N SER D 37 2.19 -37.54 22.66
CA SER D 37 3.64 -37.55 22.32
C SER D 37 4.00 -36.20 21.69
N LEU D 38 3.16 -35.68 20.80
CA LEU D 38 3.40 -34.34 20.21
C LEU D 38 3.36 -33.29 21.32
N ARG D 39 2.27 -33.27 22.08
CA ARG D 39 2.12 -32.41 23.24
C ARG D 39 3.35 -32.48 24.16
N THR D 40 3.68 -33.69 24.61
CA THR D 40 4.74 -33.88 25.59
C THR D 40 6.13 -33.61 25.03
N SER D 41 6.29 -33.60 23.71
CA SER D 41 7.58 -33.21 23.15
C SER D 41 7.79 -31.70 23.27
N LEU D 42 6.71 -30.93 23.12
CA LEU D 42 6.85 -29.48 22.85
C LEU D 42 7.03 -28.71 24.17
N GLU D 43 6.88 -29.38 25.30
CA GLU D 43 6.98 -28.72 26.63
C GLU D 43 8.39 -28.16 26.86
N GLN D 44 9.42 -28.96 26.54
CA GLN D 44 10.80 -28.67 27.00
C GLN D 44 11.66 -28.27 25.79
N SER D 45 11.03 -27.92 24.66
CA SER D 45 11.82 -27.62 23.45
C SER D 45 12.74 -26.42 23.71
N ASN D 46 12.18 -25.34 24.26
CA ASN D 46 12.93 -24.12 24.65
C ASN D 46 13.88 -23.73 23.51
N LYS D 47 13.36 -23.65 22.29
CA LYS D 47 14.17 -23.31 21.09
C LYS D 47 13.33 -22.52 20.09
N ALA D 48 13.89 -21.43 19.57
CA ALA D 48 13.21 -20.57 18.56
C ALA D 48 12.72 -21.43 17.40
N ILE D 49 13.61 -22.24 16.82
CA ILE D 49 13.22 -23.15 15.70
C ILE D 49 13.89 -24.51 15.94
N GLU D 50 13.11 -25.55 16.24
CA GLU D 50 13.71 -26.87 16.60
C GLU D 50 13.21 -27.93 15.63
N GLU D 51 13.99 -29.01 15.45
CA GLU D 51 13.56 -30.14 14.59
C GLU D 51 13.13 -31.32 15.46
N ILE D 52 11.85 -31.40 15.79
CA ILE D 52 11.24 -32.53 16.52
C ILE D 52 10.72 -33.55 15.50
N ARG D 53 11.40 -34.69 15.35
CA ARG D 53 11.01 -35.71 14.34
C ARG D 53 9.75 -36.44 14.77
N GLU D 54 8.99 -36.98 13.80
CA GLU D 54 7.75 -37.74 14.11
C GLU D 54 7.76 -39.04 13.29
N ALA D 55 7.56 -40.19 13.94
CA ALA D 55 7.93 -41.49 13.34
C ALA D 55 7.06 -41.73 12.10
N THR D 56 7.66 -42.17 10.99
CA THR D 56 6.91 -42.40 9.74
C THR D 56 6.21 -41.10 9.32
N GLN D 57 6.87 -39.96 9.51
CA GLN D 57 6.29 -38.63 9.15
C GLN D 57 7.42 -37.62 8.97
N GLU D 58 7.13 -36.47 8.35
CA GLU D 58 8.16 -35.42 8.18
C GLU D 58 8.56 -34.87 9.55
N THR D 59 9.78 -34.33 9.66
CA THR D 59 10.20 -33.69 10.90
C THR D 59 9.35 -32.46 11.20
N VAL D 60 8.77 -32.44 12.39
CA VAL D 60 8.07 -31.26 12.88
C VAL D 60 9.10 -30.19 13.22
N ILE D 61 8.85 -28.96 12.78
CA ILE D 61 9.76 -27.84 13.15
C ILE D 61 9.00 -26.92 14.09
N ALA D 62 9.52 -26.70 15.30
CA ALA D 62 8.79 -25.95 16.35
C ALA D 62 9.27 -24.49 16.38
N VAL D 63 8.33 -23.53 16.35
CA VAL D 63 8.70 -22.08 16.35
C VAL D 63 8.44 -21.49 17.74
N GLN D 64 9.09 -20.36 18.07
CA GLN D 64 8.76 -19.62 19.27
C GLN D 64 8.69 -18.15 18.88
N GLY D 65 8.21 -17.30 19.78
CA GLY D 65 8.12 -15.89 19.47
C GLY D 65 9.18 -14.92 19.97
N VAL D 66 9.41 -14.86 21.29
CA VAL D 66 10.03 -13.69 21.93
C VAL D 66 11.19 -14.01 22.86
N GLN D 67 11.94 -15.08 22.55
CA GLN D 67 12.76 -15.80 23.54
C GLN D 67 13.89 -14.96 24.14
N ASP D 68 14.48 -14.05 23.36
CA ASP D 68 15.83 -13.57 23.67
C ASP D 68 15.86 -12.64 24.87
N TYR D 69 14.82 -11.81 25.06
CA TYR D 69 14.87 -10.92 26.21
C TYR D 69 14.72 -11.71 27.52
N VAL D 70 13.89 -12.75 27.51
CA VAL D 70 13.79 -13.61 28.67
C VAL D 70 15.11 -14.34 28.90
N ASN D 71 15.83 -14.68 27.81
CA ASN D 71 17.20 -15.15 27.98
C ASN D 71 18.11 -14.07 28.55
N ASN D 72 17.78 -12.80 28.35
CA ASN D 72 18.70 -11.74 28.74
C ASN D 72 18.60 -11.43 30.24
N GLU D 73 17.45 -10.95 30.69
CA GLU D 73 17.40 -10.23 31.98
C GLU D 73 16.82 -11.12 33.08
N LEU D 74 17.50 -12.21 33.42
CA LEU D 74 17.20 -12.95 34.67
C LEU D 74 18.05 -12.40 35.83
N VAL D 75 19.34 -12.76 35.88
CA VAL D 75 20.22 -12.34 37.02
C VAL D 75 20.39 -10.82 37.07
N PRO D 76 20.62 -10.11 35.94
CA PRO D 76 20.89 -8.66 35.99
C PRO D 76 19.72 -7.87 36.59
N ALA D 77 18.50 -8.19 36.14
CA ALA D 77 17.28 -7.43 36.47
C ALA D 77 17.06 -7.44 37.98
N MET D 78 17.77 -8.31 38.70
CA MET D 78 17.61 -8.41 40.17
C MET D 78 18.00 -7.07 40.79
N GLN D 79 18.94 -6.36 40.16
CA GLN D 79 19.12 -4.91 40.44
C GLN D 79 18.82 -4.08 39.19
N HIS D 80 19.03 -4.62 37.99
CA HIS D 80 18.87 -3.82 36.74
C HIS D 80 17.43 -3.34 36.50
N MET D 81 16.42 -4.22 36.65
CA MET D 81 15.02 -3.83 36.32
C MET D 81 14.04 -4.69 37.13
N SER D 82 13.17 -4.06 37.93
CA SER D 82 12.29 -4.83 38.85
C SER D 82 11.38 -5.80 38.08
N CYS D 83 10.98 -6.88 38.73
CA CYS D 83 10.10 -7.92 38.15
C CYS D 83 8.83 -7.26 37.60
N GLU D 84 8.26 -6.32 38.35
CA GLU D 84 7.06 -5.59 37.88
C GLU D 84 7.48 -4.72 36.70
N LEU D 85 8.62 -4.03 36.83
CA LEU D 85 9.07 -3.18 35.73
C LEU D 85 9.21 -3.99 34.45
N VAL D 86 9.92 -5.11 34.53
CA VAL D 86 10.04 -6.04 33.41
C VAL D 86 8.69 -6.67 33.10
N GLY D 87 7.83 -6.81 34.11
CA GLY D 87 6.48 -7.31 33.87
C GLY D 87 5.68 -6.35 33.02
N GLN D 88 5.78 -5.07 33.34
CA GLN D 88 5.17 -4.04 32.48
C GLN D 88 5.86 -4.11 31.12
N ARG D 89 7.20 -4.22 31.13
CA ARG D 89 7.92 -4.16 29.84
C ARG D 89 7.43 -5.31 28.96
N LEU D 90 7.43 -6.53 29.51
CA LEU D 90 6.95 -7.70 28.74
C LEU D 90 5.50 -7.47 28.33
N GLY D 91 4.66 -7.02 29.27
CA GLY D 91 3.25 -6.81 29.00
C GLY D 91 3.06 -5.98 27.76
N LEU D 92 3.94 -5.01 27.59
CA LEU D 92 3.91 -4.17 26.38
C LEU D 92 4.13 -5.06 25.15
N LYS D 93 5.26 -5.77 25.10
CA LYS D 93 5.57 -6.56 23.89
C LYS D 93 4.48 -7.61 23.68
N LEU D 94 4.07 -8.26 24.77
CA LEU D 94 3.06 -9.33 24.63
C LEU D 94 1.82 -8.73 23.99
N LEU D 95 1.38 -7.56 24.46
CA LEU D 95 0.21 -6.96 23.86
C LEU D 95 0.50 -6.55 22.42
N ARG D 96 1.76 -6.21 22.11
CA ARG D 96 2.11 -5.98 20.72
C ARG D 96 2.06 -7.27 19.92
N TYR D 97 2.46 -8.37 20.53
CA TYR D 97 2.42 -9.66 19.87
C TYR D 97 0.97 -10.04 19.60
N TYR D 98 0.10 -9.74 20.57
CA TYR D 98 -1.32 -9.96 20.39
C TYR D 98 -1.88 -9.05 19.32
N THR D 99 -1.32 -7.85 19.20
CA THR D 99 -1.78 -6.93 18.16
C THR D 99 -1.43 -7.47 16.79
N GLU D 100 -0.23 -8.05 16.67
CA GLU D 100 0.18 -8.62 15.40
C GLU D 100 -0.63 -9.87 15.06
N LEU D 101 -0.78 -10.78 16.02
CA LEU D 101 -1.56 -11.98 15.78
C LEU D 101 -3.03 -11.69 15.60
N LEU D 102 -3.54 -10.62 16.19
CA LEU D 102 -4.92 -10.24 15.94
C LEU D 102 -5.04 -9.53 14.60
N SER D 103 -3.94 -8.99 14.08
CA SER D 103 -3.97 -8.48 12.72
C SER D 103 -3.99 -9.61 11.71
N ILE D 104 -3.25 -10.69 11.97
CA ILE D 104 -3.09 -11.72 10.96
C ILE D 104 -3.87 -13.01 11.24
N PHE D 105 -3.87 -13.53 12.48
CA PHE D 105 -4.69 -14.68 12.83
C PHE D 105 -6.07 -14.27 13.32
N GLY D 106 -6.39 -12.99 13.25
CA GLY D 106 -7.58 -12.47 13.88
C GLY D 106 -8.83 -12.63 13.04
N PRO D 107 -9.77 -11.72 13.22
CA PRO D 107 -11.07 -11.87 12.56
C PRO D 107 -11.15 -11.19 11.21
N SER D 108 -10.10 -10.55 10.74
CA SER D 108 -10.05 -10.17 9.34
C SER D 108 -9.61 -11.33 8.46
N LEU D 109 -9.18 -12.43 9.06
CA LEU D 109 -8.71 -13.62 8.36
C LEU D 109 -9.94 -14.39 7.89
N ARG D 110 -10.06 -14.54 6.57
CA ARG D 110 -11.35 -14.95 6.00
C ARG D 110 -11.62 -16.45 6.18
N ASP D 111 -10.81 -17.29 5.53
CA ASP D 111 -11.12 -18.72 5.45
C ASP D 111 -9.94 -19.53 5.95
N PRO D 112 -9.92 -19.93 7.21
CA PRO D 112 -8.72 -20.60 7.74
C PRO D 112 -8.56 -22.03 7.25
N ILE D 113 -9.61 -22.59 6.67
CA ILE D 113 -9.49 -23.91 5.98
C ILE D 113 -8.69 -23.71 4.69
N SER D 114 -9.04 -22.69 3.91
CA SER D 114 -8.35 -22.41 2.61
C SER D 114 -7.34 -21.27 2.78
N ALA D 115 -7.04 -20.88 4.02
CA ALA D 115 -6.15 -19.70 4.24
C ALA D 115 -4.78 -19.92 3.62
N GLU D 116 -4.27 -18.89 2.93
CA GLU D 116 -2.91 -18.98 2.32
C GLU D 116 -2.06 -17.83 2.87
N ILE D 117 -1.10 -18.16 3.74
CA ILE D 117 -0.36 -17.21 4.56
C ILE D 117 1.10 -17.30 4.17
N SER D 118 1.61 -16.26 3.49
CA SER D 118 2.95 -16.30 2.94
C SER D 118 4.01 -16.15 4.02
N ILE D 119 5.24 -16.55 3.69
CA ILE D 119 6.30 -16.64 4.69
C ILE D 119 6.89 -15.26 4.97
N GLN D 120 6.55 -14.28 4.12
CA GLN D 120 7.03 -12.92 4.37
C GLN D 120 6.25 -12.26 5.50
N ALA D 121 4.92 -12.33 5.46
CA ALA D 121 4.09 -11.50 6.33
C ALA D 121 4.13 -11.96 7.77
N LEU D 122 4.58 -13.18 8.01
CA LEU D 122 4.58 -13.79 9.33
C LEU D 122 5.79 -13.43 10.15
N SER D 123 6.54 -12.39 9.78
CA SER D 123 7.92 -12.24 10.22
C SER D 123 8.01 -12.03 11.72
N TYR D 124 7.38 -10.97 12.24
CA TYR D 124 7.41 -10.71 13.67
C TYR D 124 6.58 -11.75 14.43
N ALA D 125 5.64 -12.38 13.75
CA ALA D 125 4.98 -13.55 14.33
C ALA D 125 5.96 -14.71 14.43
N LEU D 126 6.74 -14.93 13.37
CA LEU D 126 7.74 -16.00 13.41
C LEU D 126 9.09 -15.53 13.94
N GLY D 127 9.11 -14.45 14.72
CA GLY D 127 10.33 -14.05 15.45
C GLY D 127 11.16 -13.02 14.70
N GLY D 128 10.70 -12.55 13.54
CA GLY D 128 11.41 -11.49 12.79
C GLY D 128 12.53 -12.02 11.91
N GLU D 129 12.69 -13.34 11.81
CA GLU D 129 13.72 -13.94 10.91
C GLU D 129 13.03 -14.85 9.89
N ILE D 130 13.29 -14.66 8.59
CA ILE D 130 12.63 -15.52 7.61
C ILE D 130 13.62 -16.46 6.94
N HIS D 131 14.90 -16.09 6.86
CA HIS D 131 15.85 -16.87 6.07
C HIS D 131 16.27 -18.14 6.79
N LYS D 132 16.26 -18.12 8.13
CA LYS D 132 16.82 -19.26 8.91
C LYS D 132 15.92 -20.48 8.75
N ILE D 133 14.60 -20.31 8.76
CA ILE D 133 13.68 -21.43 8.65
C ILE D 133 13.84 -22.10 7.29
N LEU D 134 13.95 -21.27 6.25
CA LEU D 134 14.21 -21.80 4.88
C LEU D 134 15.62 -22.38 4.84
N GLU D 135 16.53 -21.84 5.65
CA GLU D 135 17.90 -22.40 5.75
C GLU D 135 17.81 -23.83 6.30
N LYS D 136 16.94 -24.02 7.30
CA LYS D 136 16.74 -25.38 7.88
C LYS D 136 16.20 -26.29 6.78
N LEU D 137 15.30 -25.77 5.94
CA LEU D 137 14.72 -26.57 4.82
C LEU D 137 15.85 -27.13 3.95
N GLY D 138 17.07 -26.58 4.06
CA GLY D 138 18.18 -27.14 3.27
C GLY D 138 18.57 -26.24 2.10
N TYR D 139 18.14 -24.97 2.13
CA TYR D 139 18.47 -24.01 1.05
C TYR D 139 19.55 -23.06 1.55
N SER D 140 20.66 -22.92 0.82
CA SER D 140 21.81 -22.08 1.28
C SER D 140 21.41 -20.61 1.46
N GLY D 141 20.75 -20.02 0.46
CA GLY D 141 20.67 -18.55 0.30
C GLY D 141 21.90 -18.06 -0.43
N ASN D 142 22.80 -18.99 -0.75
CA ASN D 142 23.96 -18.82 -1.66
C ASN D 142 23.68 -19.48 -3.01
N ASP D 143 22.46 -19.99 -3.20
CA ASP D 143 22.13 -20.99 -4.27
C ASP D 143 21.01 -20.46 -5.18
N MET D 144 20.67 -21.22 -6.22
CA MET D 144 19.68 -20.77 -7.23
C MET D 144 18.29 -20.60 -6.61
N ILE D 145 17.86 -21.50 -5.73
CA ILE D 145 16.45 -21.36 -5.25
C ILE D 145 16.31 -20.23 -4.23
N ALA D 146 17.12 -20.20 -3.17
CA ALA D 146 16.91 -19.22 -2.08
C ALA D 146 17.00 -17.77 -2.58
N ILE D 147 17.94 -17.49 -3.49
CA ILE D 147 18.17 -16.11 -3.99
C ILE D 147 17.02 -15.72 -4.93
N LEU D 148 16.89 -16.40 -6.06
CA LEU D 148 15.83 -16.07 -7.06
C LEU D 148 14.47 -16.07 -6.37
N GLU D 149 14.18 -17.16 -5.63
CA GLU D 149 12.81 -17.39 -5.07
C GLU D 149 12.88 -17.33 -3.54
N SER D 150 12.65 -16.14 -2.98
CA SER D 150 12.20 -16.02 -1.57
C SER D 150 10.78 -15.44 -1.55
N ARG D 151 10.18 -15.28 -2.73
CA ARG D 151 8.91 -14.52 -2.88
C ARG D 151 7.68 -15.27 -2.35
N GLY D 152 7.57 -16.59 -2.56
CA GLY D 152 6.27 -17.24 -2.47
C GLY D 152 6.21 -18.58 -1.77
N ILE D 153 7.11 -18.85 -0.84
CA ILE D 153 7.02 -20.07 -0.04
C ILE D 153 5.81 -19.99 0.88
N LYS D 154 4.78 -20.78 0.57
CA LYS D 154 3.47 -20.63 1.18
C LYS D 154 3.27 -21.58 2.35
N THR D 155 2.38 -21.17 3.26
CA THR D 155 1.97 -21.98 4.40
C THR D 155 0.44 -22.10 4.41
N LYS D 156 -0.06 -23.18 5.01
CA LYS D 156 -1.49 -23.38 5.17
C LYS D 156 -1.77 -23.93 6.56
N ILE D 157 -3.02 -23.77 7.01
CA ILE D 157 -3.45 -24.23 8.33
C ILE D 157 -3.87 -25.68 8.24
N THR D 158 -3.34 -26.52 9.14
CA THR D 158 -3.77 -27.90 9.20
C THR D 158 -4.62 -28.17 10.43
N HIS D 159 -4.10 -27.93 11.63
CA HIS D 159 -4.82 -28.44 12.81
C HIS D 159 -4.78 -27.41 13.93
N VAL D 160 -5.78 -27.47 14.80
CA VAL D 160 -5.87 -26.62 15.99
C VAL D 160 -6.06 -27.51 17.22
N ASP D 161 -5.25 -27.28 18.25
CA ASP D 161 -5.45 -27.96 19.54
C ASP D 161 -5.65 -26.91 20.63
N LEU D 162 -6.69 -27.12 21.45
CA LEU D 162 -7.03 -26.20 22.51
C LEU D 162 -6.24 -26.35 23.82
N PRO D 163 -5.95 -27.54 24.36
CA PRO D 163 -5.13 -27.54 25.58
C PRO D 163 -3.68 -27.18 25.32
N GLY D 164 -3.14 -27.56 24.16
CA GLY D 164 -1.86 -27.02 23.75
C GLY D 164 -1.92 -25.60 23.24
N LYS D 165 -3.13 -25.10 22.97
CA LYS D 165 -3.40 -23.73 22.53
C LYS D 165 -2.65 -23.38 21.25
N LEU D 166 -2.45 -24.37 20.39
CA LEU D 166 -1.49 -24.20 19.32
C LEU D 166 -2.11 -24.56 17.98
N ILE D 167 -1.49 -24.03 16.92
CA ILE D 167 -1.92 -24.27 15.56
C ILE D 167 -0.79 -24.96 14.82
N ILE D 168 -1.14 -25.88 13.95
CA ILE D 168 -0.20 -26.71 13.22
C ILE D 168 -0.34 -26.36 11.75
N LEU D 169 0.74 -25.83 11.16
CA LEU D 169 0.82 -25.51 9.75
C LEU D 169 1.70 -26.52 9.04
N SER D 170 1.58 -26.54 7.71
CA SER D 170 2.45 -27.37 6.90
C SER D 170 2.85 -26.57 5.68
N ILE D 171 4.15 -26.44 5.47
CA ILE D 171 4.67 -25.62 4.39
C ILE D 171 5.06 -26.54 3.24
N SER D 172 5.28 -25.95 2.06
CA SER D 172 5.62 -26.72 0.85
C SER D 172 7.13 -26.61 0.58
N TYR D 173 7.61 -27.29 -0.46
CA TYR D 173 9.04 -27.20 -0.84
C TYR D 173 9.14 -26.48 -2.18
N PRO D 174 9.99 -25.44 -2.31
CA PRO D 174 10.17 -24.82 -3.62
C PRO D 174 10.86 -25.88 -4.49
N THR D 175 10.24 -26.24 -5.62
CA THR D 175 10.91 -27.13 -6.60
C THR D 175 10.73 -26.55 -8.00
N LEU D 176 11.80 -25.96 -8.55
CA LEU D 176 11.69 -25.15 -9.76
C LEU D 176 11.59 -26.04 -10.97
N SER D 177 10.72 -25.66 -11.91
CA SER D 177 10.59 -26.37 -13.17
C SER D 177 10.11 -25.38 -14.20
N GLU D 178 10.85 -25.27 -15.29
CA GLU D 178 10.49 -24.31 -16.32
C GLU D 178 9.41 -24.93 -17.19
N VAL D 179 8.50 -24.07 -17.64
CA VAL D 179 7.58 -24.37 -18.76
C VAL D 179 8.41 -24.60 -20.02
N LYS D 180 7.89 -25.38 -20.97
CA LYS D 180 8.69 -25.76 -22.16
C LYS D 180 9.06 -24.57 -23.06
N GLY D 181 8.12 -23.67 -23.36
CA GLY D 181 8.43 -22.60 -24.35
C GLY D 181 8.04 -21.21 -23.91
N VAL D 182 8.57 -20.80 -22.75
CA VAL D 182 8.31 -19.52 -22.09
C VAL D 182 9.52 -18.60 -22.17
N ILE D 183 9.33 -17.45 -22.79
CA ILE D 183 10.32 -16.40 -22.93
C ILE D 183 9.69 -15.09 -22.50
N VAL D 184 10.39 -14.38 -21.62
CA VAL D 184 9.92 -13.12 -21.05
C VAL D 184 10.73 -11.98 -21.65
N HIS D 185 10.03 -11.02 -22.23
CA HIS D 185 10.65 -9.83 -22.79
C HIS D 185 10.31 -8.62 -21.93
N ARG D 186 11.33 -7.89 -21.48
CA ARG D 186 11.15 -6.63 -20.75
C ARG D 186 11.19 -5.49 -21.75
N LEU D 187 10.05 -4.86 -21.97
CA LEU D 187 10.00 -3.81 -22.96
C LEU D 187 10.57 -2.52 -22.41
N GLU D 188 10.72 -1.54 -23.30
CA GLU D 188 11.25 -0.22 -22.99
C GLU D 188 10.98 0.68 -24.19
N ALA D 189 10.80 1.97 -23.93
CA ALA D 189 10.51 2.91 -25.01
C ALA D 189 11.19 4.25 -24.74
N VAL D 190 11.31 5.02 -25.82
CA VAL D 190 11.89 6.39 -25.76
C VAL D 190 10.81 7.38 -26.21
N SER D 191 10.98 8.65 -25.86
CA SER D 191 10.05 9.68 -26.26
C SER D 191 10.40 10.23 -27.63
N TYR D 192 9.49 11.03 -28.18
CA TYR D 192 9.68 11.69 -29.46
C TYR D 192 8.73 12.87 -29.54
N ASN D 193 8.66 13.50 -30.71
CA ASN D 193 7.72 14.59 -30.94
C ASN D 193 7.11 14.52 -32.33
N ILE D 194 5.92 15.10 -32.48
CA ILE D 194 5.28 15.33 -33.76
C ILE D 194 4.79 16.77 -33.79
N GLY D 195 5.23 17.53 -34.78
CA GLY D 195 5.38 18.98 -34.59
C GLY D 195 6.10 19.25 -33.28
N SER D 196 5.46 19.99 -32.37
CA SER D 196 6.11 20.33 -31.07
C SER D 196 5.61 19.40 -29.95
N GLN D 197 4.51 18.66 -30.21
CA GLN D 197 3.93 17.77 -29.16
C GLN D 197 4.91 16.66 -28.80
N GLU D 198 5.07 16.35 -27.51
CA GLU D 198 6.02 15.30 -27.06
C GLU D 198 5.25 14.08 -26.53
N TRP D 199 5.64 12.88 -26.97
CA TRP D 199 4.85 11.67 -26.76
C TRP D 199 5.78 10.50 -26.47
N TYR D 200 5.20 9.40 -25.95
CA TYR D 200 5.81 8.07 -26.08
C TYR D 200 4.73 7.00 -25.98
N THR D 201 5.12 5.75 -26.28
CA THR D 201 4.14 4.67 -26.52
C THR D 201 3.77 3.99 -25.19
N THR D 202 2.47 3.79 -24.95
CA THR D 202 2.01 3.17 -23.68
C THR D 202 1.79 1.67 -23.89
N VAL D 203 2.68 0.83 -23.36
CA VAL D 203 2.57 -0.64 -23.52
C VAL D 203 2.87 -1.32 -22.16
N PRO D 204 2.39 -2.57 -21.92
CA PRO D 204 2.68 -3.28 -20.68
C PRO D 204 4.19 -3.41 -20.44
N ARG D 205 4.62 -3.23 -19.19
CA ARG D 205 6.07 -3.26 -18.84
C ARG D 205 6.70 -4.57 -19.31
N TYR D 206 6.08 -5.71 -18.95
CA TYR D 206 6.60 -7.00 -19.45
C TYR D 206 5.63 -7.65 -20.46
N VAL D 207 6.15 -8.58 -21.28
CA VAL D 207 5.34 -9.52 -22.05
C VAL D 207 5.94 -10.91 -21.90
N ALA D 208 5.10 -11.93 -22.05
CA ALA D 208 5.55 -13.33 -21.83
C ALA D 208 4.92 -14.22 -22.90
N THR D 209 5.76 -14.92 -23.68
CA THR D 209 5.24 -15.76 -24.78
C THR D 209 5.48 -17.23 -24.44
N ASN D 210 4.41 -18.05 -24.46
CA ASN D 210 4.57 -19.50 -24.22
C ASN D 210 4.14 -20.23 -25.50
N GLY D 211 5.12 -20.58 -26.35
CA GLY D 211 4.80 -21.04 -27.72
C GLY D 211 4.14 -19.93 -28.50
N TYR D 212 3.03 -20.23 -29.19
CA TYR D 212 2.26 -19.18 -29.91
C TYR D 212 1.65 -18.19 -28.91
N LEU D 213 1.18 -18.70 -27.76
CA LEU D 213 0.40 -17.89 -26.79
C LEU D 213 1.29 -16.80 -26.18
N ILE D 214 0.80 -15.56 -26.11
CA ILE D 214 1.56 -14.47 -25.44
C ILE D 214 0.72 -14.00 -24.25
N SER D 215 1.29 -13.97 -23.05
CA SER D 215 0.52 -13.59 -21.83
C SER D 215 1.00 -12.23 -21.30
N ASN D 216 0.17 -11.61 -20.45
CA ASN D 216 0.59 -10.49 -19.60
C ASN D 216 1.40 -11.01 -18.42
N PHE D 217 1.73 -10.11 -17.52
CA PHE D 217 2.71 -10.51 -16.55
C PHE D 217 2.53 -9.68 -15.30
N ASP D 218 2.90 -10.25 -14.17
CA ASP D 218 2.83 -9.53 -12.91
C ASP D 218 4.21 -9.06 -12.52
N GLU D 219 4.24 -7.98 -11.75
CA GLU D 219 5.47 -7.35 -11.36
C GLU D 219 5.76 -7.51 -9.88
N SER D 220 4.77 -7.88 -9.09
CA SER D 220 4.97 -7.92 -7.64
C SER D 220 5.67 -9.19 -7.15
N PRO D 221 5.31 -10.44 -7.59
CA PRO D 221 6.12 -11.56 -7.12
C PRO D 221 7.31 -11.89 -8.03
N CYS D 222 7.26 -11.45 -9.28
CA CYS D 222 8.13 -11.98 -10.32
C CYS D 222 9.49 -11.28 -10.30
N VAL D 223 10.52 -12.08 -10.09
CA VAL D 223 11.90 -11.63 -9.94
C VAL D 223 12.66 -12.05 -11.19
N PHE D 224 13.69 -11.29 -11.54
CA PHE D 224 14.44 -11.53 -12.77
C PHE D 224 15.87 -11.95 -12.45
N VAL D 225 16.22 -13.17 -12.83
CA VAL D 225 17.61 -13.61 -12.85
C VAL D 225 18.01 -13.69 -14.32
N SER D 226 19.31 -13.86 -14.59
CA SER D 226 19.84 -13.73 -15.94
C SER D 226 19.39 -14.87 -16.84
N GLU D 227 19.03 -16.01 -16.25
CA GLU D 227 18.53 -17.13 -17.03
C GLU D 227 17.02 -17.07 -17.26
N SER D 228 16.23 -16.82 -16.23
CA SER D 228 14.79 -16.97 -16.33
C SER D 228 14.10 -15.93 -15.49
N ALA D 229 12.78 -15.87 -15.63
CA ALA D 229 11.91 -15.05 -14.81
C ALA D 229 11.21 -15.96 -13.81
N ILE D 230 11.48 -15.76 -12.53
CA ILE D 230 10.95 -16.60 -11.48
C ILE D 230 9.68 -15.97 -10.94
N CYS D 231 8.57 -16.67 -11.06
CA CYS D 231 7.31 -16.19 -10.53
C CYS D 231 6.81 -17.16 -9.48
N SER D 232 7.02 -16.80 -8.21
CA SER D 232 6.81 -17.73 -7.11
C SER D 232 5.35 -17.95 -6.83
N GLN D 233 4.52 -16.96 -7.07
CA GLN D 233 3.09 -17.12 -7.03
C GLN D 233 2.64 -17.28 -8.47
N ASN D 234 1.45 -17.85 -8.65
CA ASN D 234 0.86 -17.94 -9.98
C ASN D 234 0.69 -16.54 -10.54
N SER D 235 1.30 -16.33 -11.70
CA SER D 235 1.69 -14.97 -12.16
C SER D 235 1.06 -14.64 -13.52
N LEU D 236 0.63 -15.66 -14.25
CA LEU D 236 0.33 -15.50 -15.70
C LEU D 236 -1.12 -15.03 -15.90
N TYR D 237 -1.47 -13.84 -15.40
CA TYR D 237 -2.84 -13.30 -15.64
C TYR D 237 -2.99 -13.06 -17.15
N PRO D 238 -4.14 -13.41 -17.78
CA PRO D 238 -4.30 -13.30 -19.24
C PRO D 238 -4.17 -11.91 -19.88
N MET D 239 -4.23 -11.86 -21.22
CA MET D 239 -4.10 -10.59 -21.98
C MET D 239 -5.39 -10.39 -22.80
N SER D 240 -5.42 -9.36 -23.64
CA SER D 240 -6.60 -9.13 -24.52
C SER D 240 -6.15 -9.22 -25.98
N PRO D 241 -7.01 -9.65 -26.93
CA PRO D 241 -6.63 -9.69 -28.34
C PRO D 241 -6.22 -8.27 -28.79
N LEU D 242 -6.95 -7.27 -28.30
CA LEU D 242 -6.66 -5.85 -28.60
C LEU D 242 -5.49 -5.36 -27.74
N LEU D 243 -4.86 -6.23 -26.98
CA LEU D 243 -3.51 -5.95 -26.52
C LEU D 243 -2.50 -6.89 -27.18
N GLN D 244 -2.92 -8.11 -27.50
CA GLN D 244 -1.97 -9.09 -28.02
C GLN D 244 -1.61 -8.79 -29.47
N GLN D 245 -2.46 -8.04 -30.16
CA GLN D 245 -2.12 -7.62 -31.52
C GLN D 245 -1.04 -6.54 -31.52
N CYS D 246 -0.82 -5.88 -30.38
CA CYS D 246 0.12 -4.77 -30.31
C CYS D 246 1.58 -5.22 -30.33
N ILE D 247 1.92 -6.20 -29.51
CA ILE D 247 3.33 -6.48 -29.27
C ILE D 247 3.91 -7.34 -30.40
N ARG D 248 3.06 -8.06 -31.14
CA ARG D 248 3.58 -9.02 -32.12
C ARG D 248 4.12 -8.33 -33.38
N GLY D 249 3.30 -7.60 -34.12
CA GLY D 249 3.73 -7.17 -35.43
C GLY D 249 3.19 -5.86 -35.96
N ASP D 250 2.49 -5.09 -35.13
CA ASP D 250 1.84 -3.87 -35.60
C ASP D 250 1.72 -2.87 -34.46
N THR D 251 1.93 -1.60 -34.79
CA THR D 251 1.70 -0.50 -33.86
C THR D 251 0.57 0.40 -34.28
N SER D 252 -0.31 -0.08 -35.16
CA SER D 252 -1.44 0.73 -35.57
C SER D 252 -2.47 0.86 -34.45
N SER D 253 -2.44 -0.06 -33.49
CA SER D 253 -3.43 -0.03 -32.41
C SER D 253 -2.80 0.39 -31.09
N CYS D 254 -1.47 0.49 -31.03
CA CYS D 254 -0.81 0.77 -29.77
C CYS D 254 -0.85 2.26 -29.45
N ALA D 255 -1.32 2.59 -28.25
CA ALA D 255 -1.64 3.96 -27.87
C ALA D 255 -0.41 4.72 -27.42
N ARG D 256 -0.54 6.04 -27.35
CA ARG D 256 0.57 6.94 -27.10
C ARG D 256 0.14 8.03 -26.14
N THR D 257 1.13 8.57 -25.42
CA THR D 257 0.88 9.44 -24.24
C THR D 257 1.66 10.74 -24.39
N LEU D 258 1.29 11.75 -23.61
CA LEU D 258 2.07 13.00 -23.48
C LEU D 258 2.88 12.95 -22.17
N VAL D 259 4.01 13.63 -22.17
CA VAL D 259 5.09 13.42 -21.21
C VAL D 259 4.76 14.05 -19.88
N SER D 260 5.51 13.62 -18.86
CA SER D 260 5.34 14.09 -17.49
C SER D 260 6.38 15.18 -17.24
N GLY D 261 5.92 16.44 -17.25
CA GLY D 261 6.84 17.59 -17.36
C GLY D 261 7.62 17.57 -18.66
N THR D 262 8.92 17.91 -18.62
CA THR D 262 9.76 17.94 -19.85
C THR D 262 10.60 16.67 -19.95
N MET D 263 10.47 15.75 -18.98
CA MET D 263 11.32 14.52 -18.96
C MET D 263 10.96 13.62 -20.16
N GLY D 264 11.97 13.09 -20.85
CA GLY D 264 11.73 12.04 -21.86
C GLY D 264 13.03 11.42 -22.34
N ASN D 265 12.94 10.22 -22.93
CA ASN D 265 14.14 9.55 -23.51
C ASN D 265 14.27 9.97 -24.98
N LYS D 266 15.19 10.88 -25.28
CA LYS D 266 15.30 11.41 -26.67
C LYS D 266 16.28 10.59 -27.50
N PHE D 267 16.96 9.61 -26.89
CA PHE D 267 17.99 8.80 -27.60
C PHE D 267 18.18 7.44 -26.93
N ILE D 268 18.74 6.49 -27.67
CA ILE D 268 19.00 5.13 -27.12
C ILE D 268 20.05 4.44 -28.01
N LEU D 269 20.81 3.55 -27.40
CA LEU D 269 21.73 2.63 -28.08
C LEU D 269 21.13 1.24 -28.04
N SER D 270 20.92 0.65 -29.21
CA SER D 270 20.41 -0.72 -29.34
C SER D 270 21.16 -1.43 -30.45
N LYS D 271 21.71 -2.60 -30.13
CA LYS D 271 22.51 -3.42 -31.04
C LYS D 271 23.67 -2.64 -31.66
N GLY D 272 24.29 -1.79 -30.86
CA GLY D 272 25.35 -0.94 -31.35
C GLY D 272 24.92 0.16 -32.29
N ASN D 273 23.66 0.60 -32.21
CA ASN D 273 23.17 1.64 -33.07
C ASN D 273 22.45 2.71 -32.25
N ILE D 274 22.79 3.96 -32.52
CA ILE D 274 22.15 5.11 -31.89
C ILE D 274 20.90 5.46 -32.68
N VAL D 275 19.74 5.35 -32.04
CA VAL D 275 18.49 5.79 -32.61
C VAL D 275 17.92 6.85 -31.67
N ALA D 276 17.52 7.99 -32.24
CA ALA D 276 17.07 9.12 -31.45
C ALA D 276 16.22 10.03 -32.33
N ASN D 277 15.64 11.05 -31.70
CA ASN D 277 15.00 12.14 -32.42
C ASN D 277 15.93 13.34 -32.33
N CYS D 278 16.80 13.47 -33.31
CA CYS D 278 17.74 14.59 -33.36
C CYS D 278 17.14 15.83 -33.99
N ALA D 279 15.82 15.86 -34.18
CA ALA D 279 15.13 17.12 -34.40
C ALA D 279 14.70 17.74 -33.07
N SER D 280 15.10 17.13 -31.94
CA SER D 280 14.76 17.64 -30.63
C SER D 280 15.96 18.12 -29.83
N ILE D 281 17.04 17.33 -29.73
CA ILE D 281 18.24 17.77 -29.04
C ILE D 281 19.45 17.63 -29.97
N LEU D 282 20.61 18.01 -29.43
CA LEU D 282 21.82 18.33 -30.20
C LEU D 282 22.54 17.03 -30.60
N CYS D 283 22.48 16.69 -31.89
CA CYS D 283 23.27 15.58 -32.42
C CYS D 283 24.24 16.14 -33.45
N LYS D 284 25.54 15.97 -33.22
CA LYS D 284 26.52 16.67 -34.10
C LYS D 284 27.69 15.75 -34.42
N CYS D 285 28.01 15.59 -35.71
CA CYS D 285 29.06 14.69 -36.17
C CYS D 285 30.40 15.21 -35.67
N TYR D 286 31.13 14.36 -34.95
CA TYR D 286 32.26 14.83 -34.13
C TYR D 286 33.47 15.16 -34.98
N SER D 287 33.90 14.23 -35.83
CA SER D 287 35.11 14.45 -36.62
C SER D 287 34.86 15.44 -37.75
N THR D 288 33.64 15.45 -38.30
CA THR D 288 33.32 16.41 -39.35
C THR D 288 33.10 17.80 -38.76
N GLY D 289 32.27 17.90 -37.72
CA GLY D 289 32.08 19.17 -37.04
C GLY D 289 30.77 19.86 -37.29
N THR D 290 29.76 19.12 -37.78
CA THR D 290 28.48 19.74 -38.19
C THR D 290 27.29 19.00 -37.59
N ILE D 291 26.20 19.71 -37.30
CA ILE D 291 24.96 19.07 -36.76
C ILE D 291 24.20 18.40 -37.92
N ILE D 292 23.35 17.42 -37.62
CA ILE D 292 22.55 16.72 -38.68
C ILE D 292 21.06 17.08 -38.49
N ASN D 293 20.40 17.47 -39.59
CA ASN D 293 18.97 17.77 -39.52
C ASN D 293 18.14 16.57 -39.97
N GLN D 294 16.83 16.70 -39.80
CA GLN D 294 15.88 15.62 -40.02
C GLN D 294 14.72 16.12 -40.87
N SER D 295 14.23 15.24 -41.74
CA SER D 295 13.02 15.49 -42.51
C SER D 295 11.82 15.69 -41.59
N PRO D 296 10.98 16.70 -41.88
CA PRO D 296 9.73 16.86 -41.10
C PRO D 296 8.70 15.77 -41.34
N ASP D 297 8.85 14.95 -42.38
CA ASP D 297 8.03 13.76 -42.57
C ASP D 297 8.65 12.53 -41.91
N LYS D 298 9.52 12.73 -40.92
CA LYS D 298 10.15 11.64 -40.17
C LYS D 298 10.08 11.96 -38.69
N LEU D 299 10.17 10.90 -37.87
CA LEU D 299 9.90 11.03 -36.44
C LEU D 299 11.09 10.69 -35.56
N LEU D 300 12.09 10.00 -36.08
CA LEU D 300 13.35 9.76 -35.38
C LEU D 300 14.49 9.90 -36.36
N THR D 301 15.69 9.52 -35.91
CA THR D 301 16.87 9.43 -36.77
C THR D 301 17.81 8.38 -36.18
N PHE D 302 18.21 7.41 -37.00
CA PHE D 302 19.06 6.31 -36.58
C PHE D 302 20.48 6.59 -37.05
N ILE D 303 21.46 6.07 -36.31
CA ILE D 303 22.87 6.33 -36.57
C ILE D 303 23.64 5.01 -36.50
N ALA D 304 24.39 4.74 -37.57
CA ALA D 304 25.38 3.64 -37.61
C ALA D 304 26.74 4.22 -37.96
N SER D 305 27.77 3.38 -38.04
CA SER D 305 29.13 3.86 -38.26
C SER D 305 29.26 4.60 -39.58
N ASP D 306 28.47 4.21 -40.59
CA ASP D 306 28.70 4.68 -41.94
C ASP D 306 28.24 6.12 -42.12
N THR D 307 27.24 6.56 -41.37
CA THR D 307 26.80 7.94 -41.49
C THR D 307 27.76 8.88 -40.77
N CYS D 308 28.13 8.55 -39.53
CA CYS D 308 29.14 9.31 -38.80
C CYS D 308 29.73 8.40 -37.75
N PRO D 309 31.06 8.28 -37.67
CA PRO D 309 31.67 7.27 -36.79
C PRO D 309 31.54 7.59 -35.31
N LEU D 310 31.68 8.85 -34.95
CA LEU D 310 31.56 9.30 -33.56
C LEU D 310 30.62 10.49 -33.52
N VAL D 311 29.65 10.45 -32.61
CA VAL D 311 28.61 11.47 -32.55
C VAL D 311 28.62 12.14 -31.18
N GLU D 312 28.26 13.43 -31.15
CA GLU D 312 28.14 14.17 -29.91
C GLU D 312 26.68 14.45 -29.64
N ILE D 313 26.21 14.00 -28.48
CA ILE D 313 24.84 14.27 -28.05
C ILE D 313 24.91 15.01 -26.73
N ASP D 314 24.88 16.34 -26.82
CA ASP D 314 24.86 17.28 -25.68
C ASP D 314 26.06 17.04 -24.75
N GLY D 315 27.24 16.97 -25.35
CA GLY D 315 28.49 16.93 -24.60
C GLY D 315 29.12 15.56 -24.43
N VAL D 316 28.62 14.53 -25.12
CA VAL D 316 29.14 13.18 -24.99
C VAL D 316 29.91 12.85 -26.27
N THR D 317 30.60 11.72 -26.27
CA THR D 317 31.37 11.30 -27.44
C THR D 317 31.12 9.81 -27.65
N ILE D 318 30.29 9.48 -28.63
CA ILE D 318 29.76 8.14 -28.81
C ILE D 318 30.42 7.50 -30.02
N GLN D 319 31.08 6.37 -29.79
CA GLN D 319 31.58 5.50 -30.85
C GLN D 319 30.53 4.45 -31.16
N VAL D 320 30.18 4.31 -32.44
CA VAL D 320 29.13 3.39 -32.86
C VAL D 320 29.76 2.31 -33.73
N GLY D 321 28.94 1.30 -34.04
CA GLY D 321 29.36 0.17 -34.84
C GLY D 321 28.53 -0.01 -36.09
N GLY D 322 28.49 -1.26 -36.55
CA GLY D 322 27.84 -1.56 -37.82
C GLY D 322 26.33 -1.57 -37.69
N ARG D 323 25.68 -1.30 -38.82
CA ARG D 323 24.22 -1.17 -38.83
C ARG D 323 23.55 -2.52 -38.68
N GLN D 324 22.64 -2.61 -37.70
CA GLN D 324 21.89 -3.82 -37.43
C GLN D 324 20.41 -3.67 -37.74
N TYR D 325 20.03 -2.69 -38.55
CA TYR D 325 18.63 -2.31 -38.71
C TYR D 325 18.35 -1.95 -40.16
N PRO D 326 17.11 -2.16 -40.61
CA PRO D 326 16.70 -1.57 -41.89
C PRO D 326 16.59 -0.06 -41.78
N ASP D 327 16.65 0.60 -42.94
CA ASP D 327 16.71 2.05 -42.95
C ASP D 327 15.31 2.66 -42.92
N MET D 328 15.27 3.96 -42.66
CA MET D 328 14.02 4.65 -42.35
C MET D 328 13.20 4.83 -43.62
N VAL D 329 12.17 4.00 -43.74
CA VAL D 329 11.11 4.21 -44.77
C VAL D 329 10.10 5.21 -44.19
N TYR D 330 9.28 5.82 -45.05
CA TYR D 330 8.29 6.79 -44.61
C TYR D 330 7.29 6.16 -43.63
N GLU D 331 6.84 6.95 -42.66
CA GLU D 331 6.01 6.48 -41.57
C GLU D 331 4.60 7.08 -41.61
N SER D 332 4.36 8.06 -42.48
CA SER D 332 3.09 8.78 -42.51
C SER D 332 1.91 7.95 -43.00
N LYS D 333 2.16 6.78 -43.61
CA LYS D 333 1.10 5.85 -43.96
C LYS D 333 0.91 4.74 -42.93
N VAL D 334 1.55 4.84 -41.77
CA VAL D 334 1.35 3.91 -40.66
C VAL D 334 0.79 4.73 -39.51
N ALA D 335 -0.42 4.38 -39.06
CA ALA D 335 -1.19 5.23 -38.12
C ALA D 335 -0.55 5.26 -36.73
N LEU D 336 -1.04 6.13 -35.85
CA LEU D 336 -0.47 6.26 -34.48
C LEU D 336 -1.60 6.11 -33.45
N GLY D 337 -1.26 5.79 -32.20
CA GLY D 337 -2.28 5.41 -31.20
C GLY D 337 -3.06 6.61 -30.68
N PRO D 338 -4.15 6.39 -29.90
CA PRO D 338 -4.90 7.50 -29.30
C PRO D 338 -4.24 7.89 -27.97
N ALA D 339 -4.76 8.92 -27.29
CA ALA D 339 -4.14 9.36 -26.02
C ALA D 339 -4.46 8.35 -24.92
N ILE D 340 -3.66 8.33 -23.84
CA ILE D 340 -3.96 7.45 -22.68
C ILE D 340 -4.00 8.31 -21.42
N SER D 341 -5.05 8.18 -20.63
CA SER D 341 -5.13 8.93 -19.35
C SER D 341 -5.44 7.93 -18.24
N LEU D 342 -4.48 7.79 -17.35
CA LEU D 342 -4.50 6.77 -16.28
C LEU D 342 -5.16 7.41 -15.06
N GLU D 343 -6.46 7.70 -15.11
CA GLU D 343 -7.15 8.33 -13.96
C GLU D 343 -8.62 7.91 -13.98
N ARG D 344 -9.03 7.04 -13.04
CA ARG D 344 -10.28 6.35 -13.29
C ARG D 344 -11.47 7.29 -13.39
N LEU D 345 -11.34 8.51 -12.85
CA LEU D 345 -12.40 9.50 -12.96
C LEU D 345 -12.67 9.89 -14.40
N ASP D 346 -11.58 10.02 -15.17
CA ASP D 346 -11.66 10.33 -16.63
C ASP D 346 -12.33 9.16 -17.34
N VAL D 347 -11.86 7.93 -17.06
CA VAL D 347 -12.49 6.71 -17.66
C VAL D 347 -13.94 6.66 -17.19
N GLY D 348 -14.18 6.96 -15.91
CA GLY D 348 -15.56 7.00 -15.38
C GLY D 348 -16.36 8.10 -16.05
N THR D 349 -15.81 9.31 -16.11
CA THR D 349 -16.49 10.45 -16.79
C THR D 349 -16.89 10.01 -18.19
N ASN D 350 -16.00 9.33 -18.92
CA ASN D 350 -16.29 8.98 -20.34
C ASN D 350 -17.12 7.70 -20.47
N LEU D 351 -17.11 6.85 -19.44
CA LEU D 351 -18.08 5.73 -19.35
C LEU D 351 -19.44 6.34 -19.01
N GLY D 352 -19.45 7.40 -18.19
CA GLY D 352 -20.68 8.19 -17.95
C GLY D 352 -21.07 8.96 -19.18
N ASN D 353 -20.12 9.13 -20.11
CA ASN D 353 -20.44 9.70 -21.44
C ASN D 353 -21.07 8.59 -22.27
N ALA D 354 -20.40 7.43 -22.29
CA ALA D 354 -20.94 6.19 -22.89
C ALA D 354 -22.37 5.98 -22.36
N LEU D 355 -22.59 6.23 -21.07
CA LEU D 355 -23.96 6.12 -20.49
C LEU D 355 -24.86 7.17 -21.16
N LYS D 356 -24.35 8.38 -21.36
CA LYS D 356 -25.12 9.46 -22.03
C LYS D 356 -25.40 9.04 -23.48
N LYS D 357 -24.43 8.44 -24.15
CA LYS D 357 -24.62 7.98 -25.55
C LYS D 357 -25.73 6.92 -25.58
N LEU D 358 -25.72 6.01 -24.61
CA LEU D 358 -26.77 4.95 -24.51
C LEU D 358 -28.13 5.63 -24.34
N ASP D 359 -28.18 6.67 -23.50
CA ASP D 359 -29.42 7.46 -23.28
C ASP D 359 -29.80 8.16 -24.59
N GLN E 1 -35.13 -13.58 -0.45
CA GLN E 1 -34.98 -12.38 -1.26
C GLN E 1 -34.08 -12.62 -2.45
N ILE E 2 -32.99 -13.34 -2.20
CA ILE E 2 -32.08 -13.70 -3.28
C ILE E 2 -32.62 -14.93 -4.00
N HIS E 3 -32.74 -14.83 -5.33
CA HIS E 3 -33.12 -15.97 -6.15
C HIS E 3 -31.86 -16.80 -6.43
N TRP E 4 -31.49 -17.61 -5.43
CA TRP E 4 -30.32 -18.48 -5.52
C TRP E 4 -30.48 -19.56 -6.58
N ASN E 5 -31.72 -19.89 -6.96
CA ASN E 5 -31.99 -20.95 -7.93
C ASN E 5 -31.44 -20.63 -9.30
N ASN E 6 -31.33 -19.33 -9.62
CA ASN E 6 -30.65 -18.92 -10.86
C ASN E 6 -29.13 -18.85 -10.61
N LEU E 7 -28.71 -18.84 -9.34
CA LEU E 7 -27.30 -18.56 -9.08
C LEU E 7 -26.41 -19.79 -9.06
N SER E 8 -26.95 -20.95 -8.69
CA SER E 8 -26.09 -22.13 -8.63
C SER E 8 -25.85 -22.74 -10.00
N THR E 9 -26.59 -22.31 -11.04
CA THR E 9 -26.43 -22.91 -12.36
C THR E 9 -25.11 -22.53 -13.00
N ILE E 10 -24.55 -21.38 -12.62
CA ILE E 10 -23.14 -21.09 -12.89
C ILE E 10 -22.34 -21.01 -11.60
N GLY E 11 -22.88 -21.54 -10.51
CA GLY E 11 -22.08 -21.72 -9.33
C GLY E 11 -21.86 -20.45 -8.55
N ILE E 12 -22.91 -19.90 -7.96
CA ILE E 12 -22.79 -18.82 -7.00
C ILE E 12 -23.38 -19.33 -5.70
N ILE E 13 -22.52 -19.54 -4.70
CA ILE E 13 -22.91 -20.21 -3.47
C ILE E 13 -22.40 -19.38 -2.30
N GLY E 14 -23.33 -18.80 -1.53
CA GLY E 14 -22.97 -17.91 -0.47
C GLY E 14 -22.66 -18.68 0.80
N THR E 15 -21.37 -18.70 1.15
CA THR E 15 -20.90 -19.49 2.27
C THR E 15 -21.20 -18.86 3.62
N ASP E 16 -21.69 -17.63 3.65
CA ASP E 16 -22.00 -16.97 4.91
C ASP E 16 -22.97 -15.84 4.64
N SER E 17 -23.91 -15.65 5.56
CA SER E 17 -24.81 -14.50 5.55
C SER E 17 -25.03 -14.06 6.99
N VAL E 18 -24.68 -12.80 7.25
CA VAL E 18 -24.72 -12.24 8.63
C VAL E 18 -25.54 -10.96 8.58
N HIS E 19 -25.71 -10.31 9.74
CA HIS E 19 -26.33 -9.00 9.81
C HIS E 19 -25.29 -7.91 9.59
N TYR E 20 -25.68 -6.68 9.91
CA TYR E 20 -24.80 -5.52 9.81
C TYR E 20 -25.10 -4.52 10.92
N LYS E 21 -24.05 -3.99 11.52
CA LYS E 21 -24.18 -3.00 12.58
C LYS E 21 -23.38 -1.78 12.19
N ILE E 22 -23.78 -0.62 12.68
CA ILE E 22 -22.99 0.59 12.55
C ILE E 22 -22.83 1.18 13.95
N MET E 23 -21.69 1.82 14.20
CA MET E 23 -21.43 2.37 15.52
C MET E 23 -21.92 3.81 15.54
N THR E 24 -22.47 4.21 16.68
CA THR E 24 -22.89 5.58 16.92
C THR E 24 -22.11 6.16 18.08
N ARG E 25 -22.17 7.50 18.17
CA ARG E 25 -21.30 8.31 19.01
C ARG E 25 -22.18 9.20 19.89
N PRO E 26 -22.64 8.69 21.04
CA PRO E 26 -23.48 9.52 21.92
C PRO E 26 -22.70 10.57 22.67
N SER E 27 -21.45 10.27 23.03
CA SER E 27 -20.67 11.22 23.81
C SER E 27 -19.22 11.16 23.36
N HIS E 28 -18.35 11.83 24.12
CA HIS E 28 -16.97 12.04 23.75
C HIS E 28 -16.09 11.87 24.98
N GLN E 29 -14.79 12.03 24.78
CA GLN E 29 -13.85 11.89 25.89
C GLN E 29 -12.58 12.64 25.54
N TYR E 30 -11.90 13.18 26.55
CA TYR E 30 -10.75 14.02 26.29
C TYR E 30 -9.44 13.28 26.42
N LEU E 31 -8.47 13.68 25.58
CA LEU E 31 -7.22 12.93 25.37
C LEU E 31 -6.16 13.93 24.93
N VAL E 32 -5.20 14.23 25.80
CA VAL E 32 -4.22 15.28 25.55
C VAL E 32 -2.93 14.66 25.07
N ILE E 33 -2.51 15.00 23.85
CA ILE E 33 -1.20 14.62 23.34
C ILE E 33 -0.25 15.74 23.76
N LYS E 34 0.58 15.41 24.73
CA LYS E 34 1.68 16.26 25.17
C LYS E 34 2.89 15.88 24.32
N LEU E 35 3.21 16.72 23.33
CA LEU E 35 4.27 16.41 22.37
C LEU E 35 5.63 16.40 23.03
N MET E 36 5.75 17.18 24.12
CA MET E 36 7.02 17.30 24.87
C MET E 36 7.22 16.06 25.76
N PRO E 37 8.36 15.33 25.64
CA PRO E 37 8.62 14.19 26.51
C PRO E 37 8.86 14.68 27.95
N ASN E 38 7.87 14.45 28.83
CA ASN E 38 7.87 15.06 30.18
C ASN E 38 8.79 14.21 31.05
N VAL E 39 10.10 14.26 30.78
CA VAL E 39 11.02 13.36 31.53
C VAL E 39 12.14 14.22 32.12
N SER E 40 11.81 15.01 33.15
CA SER E 40 12.83 15.84 33.83
C SER E 40 13.92 14.93 34.39
N LEU E 41 13.66 13.62 34.42
CA LEU E 41 14.68 12.62 34.83
C LEU E 41 15.92 12.77 33.94
N ILE E 42 15.80 13.54 32.85
CA ILE E 42 16.89 13.63 31.83
C ILE E 42 18.18 14.12 32.50
N ASP E 43 18.10 14.69 33.71
CA ASP E 43 19.33 15.10 34.44
C ASP E 43 20.16 16.06 33.60
N ASN E 44 19.53 17.11 33.06
CA ASN E 44 20.26 18.12 32.25
C ASN E 44 20.92 17.43 31.04
N CYS E 45 20.19 16.53 30.37
CA CYS E 45 20.72 15.83 29.18
C CYS E 45 19.77 16.00 28.00
N THR E 46 20.23 15.74 26.78
CA THR E 46 19.41 15.94 25.55
C THR E 46 19.16 17.43 25.37
N LYS E 47 19.86 18.27 26.14
CA LYS E 47 19.49 19.69 26.06
C LYS E 47 19.53 20.19 24.63
N ALA E 48 20.54 19.79 23.86
CA ALA E 48 20.70 20.32 22.51
C ALA E 48 19.64 19.76 21.57
N GLU E 49 19.31 18.48 21.73
CA GLU E 49 18.36 17.83 20.83
C GLU E 49 16.95 18.32 21.11
N LEU E 50 16.62 18.47 22.39
CA LEU E 50 15.35 19.08 22.76
C LEU E 50 15.29 20.54 22.33
N GLY E 51 16.43 21.24 22.38
CA GLY E 51 16.44 22.63 21.98
C GLY E 51 16.26 22.81 20.49
N GLU E 52 16.81 21.88 19.70
CA GLU E 52 16.49 21.85 18.27
C GLU E 52 15.04 21.46 18.04
N TYR E 53 14.53 20.55 18.88
CA TYR E 53 13.18 20.06 18.70
C TYR E 53 12.15 21.13 19.02
N GLU E 54 12.49 21.97 20.00
CA GLU E 54 11.61 23.12 20.34
C GLU E 54 11.33 23.87 19.03
N LYS E 55 12.41 24.26 18.34
CA LYS E 55 12.24 25.03 17.09
C LYS E 55 11.48 24.17 16.07
N LEU E 56 11.82 22.88 15.99
CA LEU E 56 11.09 21.97 15.07
C LEU E 56 9.60 22.20 15.31
N LEU E 57 9.22 22.34 16.58
CA LEU E 57 7.81 22.38 16.96
C LEU E 57 7.04 23.51 16.31
N ASN E 58 7.71 24.59 15.90
CA ASN E 58 7.00 25.68 15.24
C ASN E 58 6.50 25.24 13.87
N SER E 59 7.35 24.58 13.09
CA SER E 59 6.90 24.03 11.83
C SER E 59 5.98 22.84 12.02
N VAL E 60 6.09 22.17 13.16
CA VAL E 60 5.13 21.12 13.50
C VAL E 60 3.74 21.70 13.67
N LEU E 61 3.63 22.77 14.45
CA LEU E 61 2.33 23.15 15.01
C LEU E 61 1.71 24.34 14.30
N GLU E 62 2.50 25.41 14.13
CA GLU E 62 1.99 26.80 13.93
C GLU E 62 0.87 26.83 12.87
N PRO E 63 1.08 26.25 11.67
CA PRO E 63 0.03 26.21 10.64
C PRO E 63 -1.34 25.83 11.24
N ILE E 64 -1.37 24.71 11.96
CA ILE E 64 -2.57 24.21 12.64
C ILE E 64 -3.05 25.24 13.66
N ASN E 65 -2.09 25.82 14.39
CA ASN E 65 -2.41 26.79 15.47
C ASN E 65 -3.17 27.95 14.85
N GLN E 66 -2.65 28.48 13.75
CA GLN E 66 -3.33 29.58 13.04
C GLN E 66 -4.68 29.05 12.53
N ALA E 67 -4.70 27.85 11.97
CA ALA E 67 -5.95 27.31 11.37
C ALA E 67 -7.06 27.29 12.43
N LEU E 68 -6.68 27.05 13.70
CA LEU E 68 -7.57 26.99 14.85
C LEU E 68 -7.86 28.36 15.44
N THR E 69 -6.89 29.28 15.38
CA THR E 69 -7.20 30.63 15.82
C THR E 69 -8.13 31.34 14.86
N LEU E 70 -8.08 31.00 13.56
CA LEU E 70 -9.10 31.50 12.65
C LEU E 70 -10.48 30.96 12.96
N MET E 71 -10.56 29.72 13.44
CA MET E 71 -11.89 29.21 13.81
C MET E 71 -12.38 29.79 15.13
N THR E 72 -11.49 29.99 16.10
CA THR E 72 -11.93 30.49 17.40
C THR E 72 -12.23 31.98 17.37
N LYS E 73 -11.29 32.79 16.90
CA LYS E 73 -11.35 34.23 17.15
C LYS E 73 -12.23 34.94 16.14
N ASN E 74 -12.96 34.21 15.32
CA ASN E 74 -13.82 34.84 14.33
C ASN E 74 -15.22 34.25 14.41
N GLY F 3 -24.67 35.19 22.45
CA GLY F 3 -23.35 35.52 21.94
C GLY F 3 -22.87 34.51 20.92
N VAL F 4 -21.93 34.91 20.07
CA VAL F 4 -21.36 34.03 19.07
C VAL F 4 -19.86 33.91 19.30
N VAL F 5 -19.30 32.83 18.77
CA VAL F 5 -17.86 32.67 18.60
C VAL F 5 -17.53 32.63 17.11
N LEU F 6 -18.56 32.81 16.29
CA LEU F 6 -18.50 32.59 14.85
C LEU F 6 -19.11 33.78 14.14
N ALA F 7 -18.27 34.66 13.61
CA ALA F 7 -18.70 35.81 12.82
C ALA F 7 -18.16 35.65 11.41
N GLY F 8 -19.05 35.71 10.42
CA GLY F 8 -18.67 35.36 9.07
C GLY F 8 -17.83 36.40 8.37
N ALA F 9 -18.03 37.67 8.70
CA ALA F 9 -17.33 38.74 7.99
C ALA F 9 -15.86 38.81 8.37
N ALA F 10 -15.47 38.17 9.47
CA ALA F 10 -14.08 38.15 9.88
C ALA F 10 -13.41 36.81 9.59
N LEU F 11 -14.20 35.74 9.45
CA LEU F 11 -13.64 34.44 9.09
C LEU F 11 -13.51 34.27 7.58
N GLY F 12 -14.61 34.45 6.86
CA GLY F 12 -14.54 34.31 5.42
C GLY F 12 -14.87 32.93 4.92
N VAL F 13 -14.00 31.94 5.15
CA VAL F 13 -14.16 30.63 4.55
C VAL F 13 -13.88 29.53 5.57
N ALA F 14 -14.79 28.57 5.67
CA ALA F 14 -14.73 27.38 6.49
C ALA F 14 -15.83 26.43 6.04
N THR F 15 -15.63 25.13 6.25
CA THR F 15 -16.56 24.13 5.76
C THR F 15 -17.46 23.63 6.88
N ALA F 16 -18.27 22.60 6.55
CA ALA F 16 -19.31 22.13 7.46
C ALA F 16 -18.71 21.48 8.70
N ALA F 17 -17.81 20.53 8.49
CA ALA F 17 -17.19 19.83 9.61
C ALA F 17 -16.34 20.78 10.43
N GLN F 18 -15.75 21.80 9.78
CA GLN F 18 -14.95 22.77 10.50
C GLN F 18 -15.83 23.65 11.40
N ILE F 19 -17.00 24.04 10.91
CA ILE F 19 -17.95 24.80 11.72
C ILE F 19 -18.41 23.98 12.90
N THR F 20 -18.76 22.71 12.68
CA THR F 20 -19.22 21.87 13.78
C THR F 20 -18.09 21.59 14.77
N ALA F 21 -16.85 21.50 14.30
CA ALA F 21 -15.72 21.33 15.22
C ALA F 21 -15.48 22.58 16.04
N GLY F 22 -15.69 23.76 15.45
CA GLY F 22 -15.57 24.98 16.23
C GLY F 22 -16.66 25.14 17.27
N ILE F 23 -17.88 24.76 16.90
CA ILE F 23 -19.00 24.80 17.85
C ILE F 23 -18.76 23.82 18.99
N ALA F 24 -18.26 22.62 18.66
CA ALA F 24 -17.98 21.64 19.70
C ALA F 24 -16.77 22.04 20.54
N LEU F 25 -15.86 22.82 19.96
CA LEU F 25 -14.77 23.36 20.75
C LEU F 25 -15.27 24.40 21.74
N HIS F 26 -16.24 25.20 21.31
CA HIS F 26 -16.84 26.15 22.24
C HIS F 26 -17.77 25.46 23.23
N GLN F 27 -18.22 24.24 22.95
CA GLN F 27 -18.90 23.45 23.96
C GLN F 27 -17.96 23.13 25.12
N SER F 28 -16.68 22.98 24.79
CA SER F 28 -15.60 22.97 25.83
C SER F 28 -15.39 24.38 26.37
N ASN F 29 -15.56 24.54 27.68
CA ASN F 29 -15.42 25.85 28.36
C ASN F 29 -13.99 25.95 28.92
N LEU F 30 -13.04 25.26 28.27
CA LEU F 30 -11.63 25.28 28.75
C LEU F 30 -11.12 26.72 28.71
N ASN F 31 -11.48 27.47 27.65
CA ASN F 31 -11.07 28.89 27.55
C ASN F 31 -11.76 29.70 28.65
N ALA F 32 -13.08 29.50 28.83
CA ALA F 32 -13.84 30.18 29.90
C ALA F 32 -13.20 29.89 31.26
N GLN F 33 -12.98 28.61 31.57
CA GLN F 33 -12.34 28.21 32.86
C GLN F 33 -10.85 28.57 32.82
N ALA F 34 -10.19 28.67 33.98
CA ALA F 34 -8.73 28.90 33.95
C ALA F 34 -8.07 27.68 33.30
N ILE F 35 -7.17 27.91 32.34
CA ILE F 35 -6.45 26.78 31.66
C ILE F 35 -5.21 26.44 32.49
N GLN F 36 -4.91 27.25 33.51
CA GLN F 36 -3.73 27.00 34.38
C GLN F 36 -3.90 25.65 35.08
N SER F 37 -5.12 25.35 35.54
CA SER F 37 -5.37 24.08 36.28
C SER F 37 -5.03 22.89 35.37
N LEU F 38 -5.43 22.96 34.10
CA LEU F 38 -5.07 21.89 33.13
C LEU F 38 -3.55 21.85 32.98
N ARG F 39 -2.95 23.00 32.66
CA ARG F 39 -1.50 23.14 32.58
C ARG F 39 -0.81 22.56 33.81
N THR F 40 -1.19 23.07 34.99
CA THR F 40 -0.52 22.71 36.23
C THR F 40 -0.78 21.27 36.66
N SER F 41 -1.83 20.63 36.13
CA SER F 41 -2.00 19.21 36.41
C SER F 41 -0.99 18.37 35.66
N LEU F 42 -0.64 18.78 34.44
CA LEU F 42 0.04 17.86 33.49
C LEU F 42 1.55 17.85 33.75
N GLU F 43 2.04 18.74 34.62
CA GLU F 43 3.49 18.84 34.90
C GLU F 43 4.02 17.56 35.53
N GLN F 44 3.29 17.01 36.51
CA GLN F 44 3.85 15.97 37.41
C GLN F 44 3.15 14.64 37.12
N SER F 45 2.47 14.52 35.98
CA SER F 45 1.69 13.28 35.69
C SER F 45 2.65 12.09 35.64
N ASN F 46 3.74 12.23 34.87
CA ASN F 46 4.80 11.19 34.77
C ASN F 46 4.16 9.82 34.58
N LYS F 47 3.23 9.72 33.62
CA LYS F 47 2.51 8.45 33.35
C LYS F 47 2.19 8.34 31.85
N ALA F 48 2.45 7.17 31.26
CA ALA F 48 2.18 6.91 29.83
C ALA F 48 0.72 7.25 29.52
N ILE F 49 -0.23 6.72 30.29
CA ILE F 49 -1.67 7.03 30.09
C ILE F 49 -2.31 7.26 31.47
N GLU F 50 -2.71 8.50 31.77
CA GLU F 50 -3.22 8.79 33.13
C GLU F 50 -4.65 9.34 33.04
N GLU F 51 -5.44 9.18 34.11
CA GLU F 51 -6.82 9.72 34.12
C GLU F 51 -6.87 10.96 35.02
N ILE F 52 -6.66 12.13 34.42
CA ILE F 52 -6.79 13.45 35.10
C ILE F 52 -8.23 13.95 34.93
N ARG F 53 -9.03 13.91 35.99
CA ARG F 53 -10.46 14.32 35.90
C ARG F 53 -10.59 15.84 35.78
N GLU F 54 -11.69 16.32 35.18
CA GLU F 54 -11.93 17.79 35.04
C GLU F 54 -13.37 18.08 35.46
N ALA F 55 -13.57 19.04 36.37
CA ALA F 55 -14.84 19.15 37.13
C ALA F 55 -15.97 19.48 36.15
N THR F 56 -17.11 18.79 36.27
CA THR F 56 -18.25 19.00 35.34
C THR F 56 -17.79 18.76 33.89
N GLN F 57 -16.92 17.76 33.69
CA GLN F 57 -16.40 17.44 32.33
C GLN F 57 -15.92 15.99 32.31
N GLU F 58 -15.71 15.43 31.12
CA GLU F 58 -15.19 14.03 31.02
C GLU F 58 -13.76 13.99 31.59
N THR F 59 -13.33 12.81 32.06
CA THR F 59 -11.95 12.65 32.50
C THR F 59 -10.97 12.84 31.35
N VAL F 60 -10.02 13.74 31.56
CA VAL F 60 -8.92 13.92 30.61
C VAL F 60 -7.99 12.72 30.75
N ILE F 61 -7.58 12.15 29.62
CA ILE F 61 -6.59 11.03 29.66
C ILE F 61 -5.29 11.55 29.05
N ALA F 62 -4.20 11.50 29.81
CA ALA F 62 -2.91 12.12 29.39
C ALA F 62 -1.99 11.05 28.79
N VAL F 63 -1.44 11.30 27.60
CA VAL F 63 -0.54 10.31 26.93
C VAL F 63 0.92 10.77 27.06
N GLN F 64 1.87 9.83 26.92
CA GLN F 64 3.27 10.20 26.82
C GLN F 64 3.86 9.38 25.68
N GLY F 65 5.09 9.70 25.27
CA GLY F 65 5.71 8.96 24.19
C GLY F 65 6.71 7.86 24.48
N VAL F 66 7.78 8.17 25.22
CA VAL F 66 9.01 7.36 25.18
C VAL F 66 9.57 6.96 26.54
N GLN F 67 8.68 6.77 27.53
CA GLN F 67 9.04 6.87 28.95
C GLN F 67 10.04 5.80 29.41
N ASP F 68 9.97 4.60 28.84
CA ASP F 68 10.53 3.42 29.52
C ASP F 68 12.05 3.41 29.52
N TYR F 69 12.70 3.90 28.46
CA TYR F 69 14.15 3.88 28.49
C TYR F 69 14.70 4.88 29.50
N VAL F 70 14.05 6.03 29.63
CA VAL F 70 14.44 6.98 30.67
C VAL F 70 14.18 6.38 32.05
N ASN F 71 13.12 5.57 32.18
CA ASN F 71 12.99 4.79 33.41
C ASN F 71 14.10 3.76 33.57
N ASN F 72 14.72 3.33 32.48
CA ASN F 72 15.69 2.25 32.59
C ASN F 72 17.06 2.74 33.03
N GLU F 73 17.70 3.60 32.23
CA GLU F 73 19.17 3.78 32.37
C GLU F 73 19.48 5.10 33.09
N LEU F 74 19.09 5.22 34.35
CA LEU F 74 19.62 6.30 35.22
C LEU F 74 20.87 5.82 35.95
N VAL F 75 20.71 5.00 37.00
CA VAL F 75 21.87 4.54 37.83
C VAL F 75 22.85 3.69 37.01
N PRO F 76 22.40 2.74 36.17
CA PRO F 76 23.32 1.84 35.46
C PRO F 76 24.27 2.60 34.52
N ALA F 77 23.71 3.54 33.76
CA ALA F 77 24.42 4.26 32.68
C ALA F 77 25.62 5.02 33.28
N MET F 78 25.65 5.16 34.60
CA MET F 78 26.74 5.91 35.26
C MET F 78 28.07 5.19 34.96
N GLN F 79 28.01 3.86 34.81
CA GLN F 79 29.12 3.13 34.15
C GLN F 79 28.64 2.47 32.85
N HIS F 80 27.36 2.11 32.74
CA HIS F 80 26.87 1.37 31.54
C HIS F 80 26.95 2.18 30.24
N MET F 81 26.53 3.45 30.24
CA MET F 81 26.49 4.23 28.97
C MET F 81 26.59 5.72 29.28
N SER F 82 27.60 6.41 28.73
CA SER F 82 27.84 7.84 29.10
C SER F 82 26.63 8.71 28.77
N CYS F 83 26.48 9.81 29.52
CA CYS F 83 25.37 10.79 29.34
C CYS F 83 25.32 11.25 27.88
N GLU F 84 26.49 11.52 27.30
CA GLU F 84 26.56 11.94 25.88
C GLU F 84 26.16 10.72 25.02
N LEU F 85 26.70 9.55 25.36
CA LEU F 85 26.36 8.36 24.60
C LEU F 85 24.85 8.15 24.57
N VAL F 86 24.24 8.16 25.76
CA VAL F 86 22.79 8.08 25.87
C VAL F 86 22.14 9.34 25.28
N GLY F 87 22.83 10.47 25.32
CA GLY F 87 22.33 11.67 24.68
C GLY F 87 22.23 11.50 23.18
N GLN F 88 23.28 10.92 22.60
CA GLN F 88 23.22 10.57 21.17
C GLN F 88 22.12 9.53 21.00
N ARG F 89 22.07 8.55 21.89
CA ARG F 89 21.09 7.45 21.69
C ARG F 89 19.69 8.05 21.68
N LEU F 90 19.37 8.86 22.70
CA LEU F 90 18.04 9.50 22.78
C LEU F 90 17.84 10.38 21.54
N GLY F 91 18.85 11.18 21.18
CA GLY F 91 18.75 12.08 20.05
C GLY F 91 18.28 11.35 18.82
N LEU F 92 18.75 10.12 18.68
CA LEU F 92 18.30 9.26 17.56
C LEU F 92 16.80 9.05 17.67
N LYS F 93 16.34 8.49 18.79
CA LYS F 93 14.90 8.16 18.90
C LYS F 93 14.08 9.44 18.78
N LEU F 94 14.53 10.50 19.44
CA LEU F 94 13.75 11.76 19.43
C LEU F 94 13.60 12.19 17.97
N LEU F 95 14.69 12.16 17.20
CA LEU F 95 14.57 12.54 15.80
C LEU F 95 13.69 11.56 15.04
N ARG F 96 13.66 10.30 15.47
CA ARG F 96 12.71 9.37 14.88
C ARG F 96 11.29 9.72 15.27
N TYR F 97 11.11 10.18 16.51
CA TYR F 97 9.79 10.58 16.95
C TYR F 97 9.32 11.79 16.17
N TYR F 98 10.26 12.71 15.92
CA TYR F 98 9.98 13.87 15.08
C TYR F 98 9.69 13.44 13.65
N THR F 99 10.33 12.38 13.19
CA THR F 99 10.07 11.89 11.85
C THR F 99 8.65 11.35 11.75
N GLU F 100 8.22 10.64 12.79
CA GLU F 100 6.87 10.11 12.80
C GLU F 100 5.83 11.21 12.91
N LEU F 101 6.02 12.14 13.84
CA LEU F 101 5.09 13.25 13.99
C LEU F 101 5.11 14.18 12.82
N LEU F 102 6.22 14.31 12.11
CA LEU F 102 6.25 15.09 10.91
C LEU F 102 5.63 14.34 9.75
N SER F 103 5.57 13.01 9.85
CA SER F 103 4.81 12.26 8.87
C SER F 103 3.31 12.43 9.08
N ILE F 104 2.85 12.48 10.33
CA ILE F 104 1.43 12.46 10.59
C ILE F 104 0.85 13.81 11.05
N PHE F 105 1.52 14.53 11.96
CA PHE F 105 1.07 15.87 12.34
C PHE F 105 1.69 16.94 11.46
N GLY F 106 2.43 16.55 10.42
CA GLY F 106 3.22 17.48 9.67
C GLY F 106 2.45 18.21 8.59
N PRO F 107 3.14 18.58 7.52
CA PRO F 107 2.51 19.41 6.50
C PRO F 107 1.87 18.63 5.38
N SER F 108 1.90 17.31 5.41
CA SER F 108 1.03 16.54 4.55
C SER F 108 -0.37 16.42 5.11
N LEU F 109 -0.58 16.85 6.35
CA LEU F 109 -1.85 16.79 7.05
C LEU F 109 -2.70 17.93 6.55
N ARG F 110 -3.85 17.61 5.94
CA ARG F 110 -4.56 18.60 5.13
C ARG F 110 -5.34 19.58 5.98
N ASP F 111 -6.36 19.12 6.70
CA ASP F 111 -7.30 20.01 7.35
C ASP F 111 -7.39 19.67 8.83
N PRO F 112 -6.64 20.35 9.70
CA PRO F 112 -6.62 19.94 11.11
C PRO F 112 -7.88 20.31 11.87
N ILE F 113 -8.70 21.19 11.29
CA ILE F 113 -10.04 21.46 11.86
C ILE F 113 -10.94 20.24 11.62
N SER F 114 -10.93 19.71 10.39
CA SER F 114 -11.78 18.55 10.04
C SER F 114 -10.94 17.26 10.02
N ALA F 115 -9.71 17.31 10.54
CA ALA F 115 -8.80 16.14 10.48
C ALA F 115 -9.41 14.92 11.16
N GLU F 116 -9.32 13.75 10.51
CA GLU F 116 -9.84 12.49 11.12
C GLU F 116 -8.69 11.48 11.19
N ILE F 117 -8.20 11.23 12.41
CA ILE F 117 -6.96 10.51 12.66
C ILE F 117 -7.31 9.24 13.43
N SER F 118 -7.21 8.08 12.78
CA SER F 118 -7.65 6.83 13.37
C SER F 118 -6.69 6.35 14.45
N ILE F 119 -7.19 5.46 15.32
CA ILE F 119 -6.44 5.04 16.50
C ILE F 119 -5.37 4.02 16.13
N GLN F 120 -5.44 3.49 14.91
CA GLN F 120 -4.41 2.55 14.47
C GLN F 120 -3.11 3.28 14.12
N ALA F 121 -3.20 4.33 13.31
CA ALA F 121 -2.02 4.93 12.70
C ALA F 121 -1.16 5.68 13.69
N LEU F 122 -1.72 6.01 14.86
CA LEU F 122 -1.05 6.81 15.86
C LEU F 122 -0.17 6.00 16.78
N SER F 123 0.18 4.77 16.40
CA SER F 123 0.64 3.79 17.38
C SER F 123 1.96 4.19 18.02
N TYR F 124 3.01 4.37 17.22
CA TYR F 124 4.30 4.77 17.76
C TYR F 124 4.26 6.22 18.26
N ALA F 125 3.32 7.01 17.74
CA ALA F 125 3.05 8.32 18.35
C ALA F 125 2.43 8.14 19.72
N LEU F 126 1.47 7.23 19.84
CA LEU F 126 0.85 6.98 21.14
C LEU F 126 1.58 5.90 21.94
N GLY F 127 2.85 5.67 21.64
CA GLY F 127 3.68 4.80 22.50
C GLY F 127 3.74 3.35 22.02
N GLY F 128 3.10 3.04 20.88
CA GLY F 128 3.17 1.68 20.31
C GLY F 128 2.16 0.71 20.90
N GLU F 129 1.27 1.19 21.78
CA GLU F 129 0.21 0.32 22.37
C GLU F 129 -1.16 0.92 22.02
N ILE F 130 -2.08 0.11 21.44
CA ILE F 130 -3.38 0.66 21.11
C ILE F 130 -4.47 0.09 22.00
N HIS F 131 -4.30 -1.12 22.52
CA HIS F 131 -5.39 -1.80 23.21
C HIS F 131 -5.60 -1.23 24.61
N LYS F 132 -4.53 -0.72 25.23
CA LYS F 132 -4.61 -0.32 26.66
C LYS F 132 -5.48 0.93 26.79
N ILE F 133 -5.38 1.88 25.87
CA ILE F 133 -6.18 3.10 25.95
C ILE F 133 -7.66 2.79 25.81
N LEU F 134 -7.98 1.89 24.87
CA LEU F 134 -9.37 1.42 24.70
C LEU F 134 -9.74 0.57 25.93
N GLU F 135 -8.76 -0.09 26.55
CA GLU F 135 -9.02 -0.86 27.78
C GLU F 135 -9.45 0.12 28.87
N LYS F 136 -8.80 1.29 28.94
CA LYS F 136 -9.17 2.33 29.93
C LYS F 136 -10.61 2.77 29.65
N LEU F 137 -10.96 2.89 28.37
CA LEU F 137 -12.34 3.30 27.98
C LEU F 137 -13.36 2.35 28.60
N GLY F 138 -12.92 1.18 29.09
CA GLY F 138 -13.89 0.26 29.73
C GLY F 138 -14.24 -0.93 28.85
N TYR F 139 -13.45 -1.20 27.81
CA TYR F 139 -13.71 -2.34 26.89
C TYR F 139 -12.72 -3.45 27.22
N SER F 140 -13.20 -4.67 27.47
CA SER F 140 -12.31 -5.80 27.87
C SER F 140 -11.27 -6.13 26.80
N GLY F 141 -11.70 -6.29 25.54
CA GLY F 141 -10.93 -6.99 24.50
C GLY F 141 -11.19 -8.49 24.61
N ASN F 142 -12.01 -8.86 25.60
CA ASN F 142 -12.61 -10.21 25.78
C ASN F 142 -14.08 -10.20 25.36
N ASP F 143 -14.56 -9.05 24.83
CA ASP F 143 -16.02 -8.73 24.75
C ASP F 143 -16.43 -8.46 23.30
N MET F 144 -17.72 -8.22 23.07
CA MET F 144 -18.23 -8.06 21.68
C MET F 144 -17.67 -6.81 21.01
N ILE F 145 -17.53 -5.69 21.74
CA ILE F 145 -17.09 -4.47 21.00
C ILE F 145 -15.59 -4.51 20.69
N ALA F 146 -14.73 -4.75 21.68
CA ALA F 146 -13.25 -4.64 21.46
C ALA F 146 -12.76 -5.61 20.37
N ILE F 147 -13.30 -6.82 20.35
CA ILE F 147 -12.85 -7.88 19.39
C ILE F 147 -13.36 -7.53 17.98
N LEU F 148 -14.67 -7.53 17.79
CA LEU F 148 -15.26 -7.25 16.45
C LEU F 148 -14.74 -5.91 15.94
N GLU F 149 -14.83 -4.87 16.78
CA GLU F 149 -14.54 -3.48 16.35
C GLU F 149 -13.30 -2.96 17.09
N SER F 150 -12.12 -3.13 16.48
CA SER F 150 -10.93 -2.30 16.78
C SER F 150 -10.58 -1.46 15.55
N ARG F 151 -11.43 -1.53 14.52
CA ARG F 151 -11.09 -0.95 13.19
C ARG F 151 -11.15 0.58 13.15
N GLY F 152 -12.12 1.23 13.79
CA GLY F 152 -12.47 2.59 13.44
C GLY F 152 -12.74 3.55 14.57
N ILE F 153 -12.15 3.34 15.75
CA ILE F 153 -12.27 4.32 16.83
C ILE F 153 -11.52 5.58 16.47
N LYS F 154 -12.26 6.65 16.18
CA LYS F 154 -11.69 7.85 15.55
C LYS F 154 -11.35 8.92 16.58
N THR F 155 -10.38 9.77 16.22
CA THR F 155 -10.00 10.93 17.00
C THR F 155 -10.08 12.18 16.14
N LYS F 156 -10.26 13.33 16.79
CA LYS F 156 -10.29 14.62 16.11
C LYS F 156 -9.51 15.64 16.93
N ILE F 157 -9.08 16.71 16.28
CA ILE F 157 -8.33 17.78 16.92
C ILE F 157 -9.29 18.78 17.53
N THR F 158 -9.09 19.12 18.80
CA THR F 158 -9.89 20.16 19.42
C THR F 158 -9.09 21.42 19.66
N HIS F 159 -8.00 21.37 20.40
CA HIS F 159 -7.38 22.62 20.82
C HIS F 159 -5.86 22.54 20.75
N VAL F 160 -5.22 23.69 20.57
CA VAL F 160 -3.76 23.80 20.56
C VAL F 160 -3.34 24.86 21.58
N ASP F 161 -2.37 24.52 22.43
CA ASP F 161 -1.78 25.48 23.34
C ASP F 161 -0.28 25.57 23.09
N LEU F 162 0.22 26.80 22.96
CA LEU F 162 1.64 27.03 22.68
C LEU F 162 2.58 26.98 23.89
N PRO F 163 2.28 27.55 25.07
CA PRO F 163 3.25 27.39 26.16
C PRO F 163 3.29 25.97 26.70
N GLY F 164 2.14 25.28 26.71
CA GLY F 164 2.17 23.85 27.00
C GLY F 164 2.63 23.01 25.83
N LYS F 165 2.71 23.61 24.63
CA LYS F 165 3.20 22.99 23.39
C LYS F 165 2.40 21.74 23.03
N LEU F 166 1.13 21.73 23.37
CA LEU F 166 0.39 20.48 23.34
C LEU F 166 -0.89 20.62 22.55
N ILE F 167 -1.39 19.48 22.10
CA ILE F 167 -2.62 19.40 21.33
C ILE F 167 -3.61 18.55 22.11
N ILE F 168 -4.88 18.94 22.06
CA ILE F 168 -5.95 18.32 22.81
C ILE F 168 -6.89 17.70 21.81
N LEU F 169 -7.02 16.37 21.86
CA LEU F 169 -7.95 15.60 21.04
C LEU F 169 -9.12 15.13 21.87
N SER F 170 -10.18 14.72 21.19
CA SER F 170 -11.31 14.11 21.86
C SER F 170 -11.79 12.95 21.02
N ILE F 171 -11.86 11.78 21.65
CA ILE F 171 -12.21 10.56 20.95
C ILE F 171 -13.67 10.25 21.22
N SER F 172 -14.23 9.35 20.42
CA SER F 172 -15.67 8.97 20.53
C SER F 172 -15.79 7.64 21.27
N TYR F 173 -17.03 7.19 21.50
CA TYR F 173 -17.26 5.88 22.16
C TYR F 173 -17.86 4.93 21.12
N PRO F 174 -17.32 3.71 20.94
CA PRO F 174 -17.97 2.76 20.05
C PRO F 174 -19.31 2.40 20.71
N THR F 175 -20.42 2.62 20.02
CA THR F 175 -21.75 2.14 20.52
C THR F 175 -22.50 1.46 19.38
N LEU F 176 -22.55 0.13 19.40
CA LEU F 176 -23.01 -0.64 18.26
C LEU F 176 -24.53 -0.60 18.18
N SER F 177 -25.03 -0.46 16.96
CA SER F 177 -26.46 -0.51 16.73
C SER F 177 -26.69 -1.01 15.31
N GLU F 178 -27.47 -2.07 15.19
CA GLU F 178 -27.70 -2.65 13.87
C GLU F 178 -28.77 -1.84 13.19
N VAL F 179 -28.60 -1.71 11.86
CA VAL F 179 -29.70 -1.27 10.95
C VAL F 179 -30.82 -2.30 11.01
N LYS F 180 -32.05 -1.88 10.72
CA LYS F 180 -33.22 -2.79 10.88
C LYS F 180 -33.20 -4.01 9.94
N GLY F 181 -32.88 -3.82 8.65
CA GLY F 181 -33.01 -4.96 7.71
C GLY F 181 -31.80 -5.16 6.81
N VAL F 182 -30.64 -5.32 7.43
CA VAL F 182 -29.34 -5.49 6.79
C VAL F 182 -28.82 -6.91 6.93
N ILE F 183 -28.61 -7.55 5.80
CA ILE F 183 -28.07 -8.91 5.70
C ILE F 183 -26.93 -8.88 4.69
N VAL F 184 -25.79 -9.43 5.09
CA VAL F 184 -24.57 -9.44 4.29
C VAL F 184 -24.34 -10.86 3.80
N HIS F 185 -24.23 -11.01 2.49
CA HIS F 185 -23.92 -12.30 1.86
C HIS F 185 -22.51 -12.27 1.30
N ARG F 186 -21.69 -13.25 1.70
CA ARG F 186 -20.35 -13.44 1.15
C ARG F 186 -20.45 -14.40 -0.02
N LEU F 187 -20.23 -13.90 -1.22
CA LEU F 187 -20.37 -14.77 -2.38
C LEU F 187 -19.13 -15.62 -2.57
N GLU F 188 -19.25 -16.56 -3.51
CA GLU F 188 -18.19 -17.50 -3.86
C GLU F 188 -18.58 -18.18 -5.16
N ALA F 189 -17.58 -18.57 -5.95
CA ALA F 189 -17.86 -19.21 -7.23
C ALA F 189 -16.83 -20.29 -7.51
N VAL F 190 -17.21 -21.17 -8.44
CA VAL F 190 -16.31 -22.27 -8.90
C VAL F 190 -16.07 -22.08 -10.40
N SER F 191 -15.01 -22.69 -10.92
CA SER F 191 -14.70 -22.62 -12.34
C SER F 191 -15.45 -23.68 -13.12
N TYR F 192 -15.39 -23.56 -14.44
CA TYR F 192 -16.01 -24.52 -15.34
C TYR F 192 -15.35 -24.39 -16.70
N ASN F 193 -15.89 -25.08 -17.70
CA ASN F 193 -15.41 -24.98 -19.07
C ASN F 193 -16.57 -25.00 -20.06
N ILE F 194 -16.34 -24.40 -21.23
CA ILE F 194 -17.22 -24.50 -22.39
C ILE F 194 -16.35 -24.83 -23.60
N GLY F 195 -16.68 -25.93 -24.28
CA GLY F 195 -15.64 -26.68 -24.99
C GLY F 195 -14.42 -26.86 -24.10
N SER F 196 -13.25 -26.37 -24.52
CA SER F 196 -12.02 -26.54 -23.71
C SER F 196 -11.71 -25.26 -22.92
N GLN F 197 -12.38 -24.15 -23.24
CA GLN F 197 -12.09 -22.85 -22.56
C GLN F 197 -12.49 -22.94 -21.08
N GLU F 198 -11.66 -22.42 -20.18
CA GLU F 198 -11.93 -22.49 -18.71
C GLU F 198 -12.28 -21.09 -18.19
N TRP F 199 -13.35 -20.97 -17.40
CA TRP F 199 -13.93 -19.69 -17.03
C TRP F 199 -14.41 -19.74 -15.59
N TYR F 200 -14.69 -18.55 -15.02
CA TYR F 200 -15.59 -18.44 -13.88
C TYR F 200 -16.18 -17.03 -13.83
N THR F 201 -17.18 -16.85 -12.95
CA THR F 201 -18.05 -15.65 -12.99
C THR F 201 -17.42 -14.53 -12.17
N THR F 202 -17.36 -13.30 -12.73
CA THR F 202 -16.74 -12.15 -12.02
C THR F 202 -17.83 -11.33 -11.33
N VAL F 203 -17.92 -11.42 -10.00
CA VAL F 203 -18.95 -10.68 -9.22
C VAL F 203 -18.30 -10.05 -7.97
N PRO F 204 -18.88 -9.00 -7.38
CA PRO F 204 -18.33 -8.39 -6.16
C PRO F 204 -18.20 -9.42 -5.02
N ARG F 205 -17.10 -9.36 -4.28
CA ARG F 205 -16.82 -10.35 -3.20
C ARG F 205 -17.99 -10.38 -2.22
N TYR F 206 -18.41 -9.22 -1.72
CA TYR F 206 -19.60 -9.19 -0.82
C TYR F 206 -20.80 -8.52 -1.49
N VAL F 207 -22.01 -8.78 -0.99
CA VAL F 207 -23.20 -7.99 -1.28
C VAL F 207 -23.93 -7.73 0.04
N ALA F 208 -24.69 -6.63 0.09
CA ALA F 208 -25.36 -6.22 1.34
C ALA F 208 -26.77 -5.71 1.00
N THR F 209 -27.79 -6.33 1.57
CA THR F 209 -29.19 -5.94 1.25
C THR F 209 -29.83 -5.28 2.48
N ASN F 210 -30.35 -4.06 2.32
CA ASN F 210 -31.06 -3.38 3.44
C ASN F 210 -32.52 -3.19 3.03
N GLY F 211 -33.39 -4.13 3.43
CA GLY F 211 -34.75 -4.18 2.89
C GLY F 211 -34.70 -4.49 1.40
N TYR F 212 -35.43 -3.74 0.58
CA TYR F 212 -35.36 -3.92 -0.89
C TYR F 212 -33.97 -3.54 -1.42
N LEU F 213 -33.39 -2.49 -0.84
CA LEU F 213 -32.13 -1.88 -1.37
C LEU F 213 -30.97 -2.88 -1.21
N ILE F 214 -30.17 -3.06 -2.25
CA ILE F 214 -28.96 -3.93 -2.13
C ILE F 214 -27.74 -3.04 -2.39
N SER F 215 -26.76 -3.04 -1.48
CA SER F 215 -25.58 -2.15 -1.62
C SER F 215 -24.31 -2.97 -1.92
N ASN F 216 -23.27 -2.30 -2.41
CA ASN F 216 -21.92 -2.84 -2.45
C ASN F 216 -21.29 -2.77 -1.07
N PHE F 217 -20.03 -3.12 -1.00
CA PHE F 217 -19.50 -3.32 0.33
C PHE F 217 -18.01 -3.09 0.30
N ASP F 218 -17.45 -2.68 1.42
CA ASP F 218 -16.02 -2.48 1.52
C ASP F 218 -15.40 -3.64 2.28
N GLU F 219 -14.14 -3.89 1.99
CA GLU F 219 -13.43 -5.02 2.56
C GLU F 219 -12.35 -4.59 3.53
N SER F 220 -11.96 -3.32 3.52
CA SER F 220 -10.85 -2.89 4.35
C SER F 220 -11.23 -2.64 5.82
N PRO F 221 -12.35 -1.93 6.17
CA PRO F 221 -12.67 -1.84 7.60
C PRO F 221 -13.57 -2.96 8.10
N CYS F 222 -14.28 -3.63 7.20
CA CYS F 222 -15.42 -4.45 7.58
C CYS F 222 -14.96 -5.84 7.99
N VAL F 223 -15.27 -6.19 9.23
CA VAL F 223 -14.86 -7.43 9.87
C VAL F 223 -16.09 -8.31 10.01
N PHE F 224 -15.91 -9.62 10.02
CA PHE F 224 -17.01 -10.57 10.04
C PHE F 224 -17.00 -11.37 11.34
N VAL F 225 -18.05 -11.19 12.14
CA VAL F 225 -18.31 -12.07 13.26
C VAL F 225 -19.52 -12.92 12.86
N SER F 226 -19.82 -13.96 13.65
CA SER F 226 -20.81 -14.96 13.25
C SER F 226 -22.22 -14.40 13.25
N GLU F 227 -22.47 -13.34 14.02
CA GLU F 227 -23.77 -12.70 14.03
C GLU F 227 -23.93 -11.65 12.95
N SER F 228 -22.96 -10.74 12.81
CA SER F 228 -23.16 -9.58 11.97
C SER F 228 -21.86 -9.21 11.28
N ALA F 229 -21.96 -8.26 10.36
CA ALA F 229 -20.80 -7.67 9.70
C ALA F 229 -20.58 -6.29 10.30
N ILE F 230 -19.45 -6.10 10.97
CA ILE F 230 -19.14 -4.87 11.66
C ILE F 230 -18.34 -3.98 10.73
N CYS F 231 -18.87 -2.80 10.43
CA CYS F 231 -18.18 -1.84 9.60
C CYS F 231 -17.94 -0.58 10.40
N SER F 232 -16.72 -0.43 10.89
CA SER F 232 -16.41 0.60 11.88
C SER F 232 -16.35 1.98 11.24
N GLN F 233 -15.93 2.05 9.99
CA GLN F 233 -16.02 3.27 9.23
C GLN F 233 -17.27 3.14 8.36
N ASN F 234 -17.78 4.28 7.89
CA ASN F 234 -18.87 4.28 6.95
C ASN F 234 -18.47 3.53 5.71
N SER F 235 -19.25 2.48 5.40
CA SER F 235 -18.77 1.34 4.57
C SER F 235 -19.65 1.15 3.34
N LEU F 236 -20.87 1.70 3.35
CA LEU F 236 -21.91 1.30 2.37
C LEU F 236 -21.79 2.14 1.09
N TYR F 237 -20.67 2.03 0.37
CA TYR F 237 -20.56 2.74 -0.93
C TYR F 237 -21.59 2.16 -1.89
N PRO F 238 -22.32 2.98 -2.69
CA PRO F 238 -23.40 2.49 -3.55
C PRO F 238 -23.06 1.47 -4.64
N MET F 239 -24.09 0.98 -5.35
CA MET F 239 -23.91 -0.03 -6.42
C MET F 239 -24.44 0.57 -7.74
N SER F 240 -24.47 -0.23 -8.80
CA SER F 240 -25.04 0.23 -10.09
C SER F 240 -26.25 -0.65 -10.45
N PRO F 241 -27.27 -0.13 -11.17
CA PRO F 241 -28.41 -0.95 -11.59
C PRO F 241 -27.89 -2.13 -12.42
N LEU F 242 -26.89 -1.85 -13.27
CA LEU F 242 -26.26 -2.88 -14.12
C LEU F 242 -25.26 -3.71 -13.30
N LEU F 243 -25.19 -3.48 -11.99
CA LEU F 243 -24.64 -4.51 -11.11
C LEU F 243 -25.72 -5.09 -10.21
N GLN F 244 -26.73 -4.30 -9.86
CA GLN F 244 -27.72 -4.76 -8.91
C GLN F 244 -28.69 -5.74 -9.57
N GLN F 245 -28.78 -5.72 -10.89
CA GLN F 245 -29.59 -6.71 -11.59
C GLN F 245 -28.92 -8.08 -11.60
N CYS F 246 -27.62 -8.13 -11.31
CA CYS F 246 -26.87 -9.38 -11.41
C CYS F 246 -27.14 -10.32 -10.23
N ILE F 247 -27.09 -9.79 -9.01
CA ILE F 247 -27.06 -10.67 -7.85
C ILE F 247 -28.48 -11.15 -7.50
N ARG F 248 -29.52 -10.42 -7.93
CA ARG F 248 -30.86 -10.74 -7.46
C ARG F 248 -31.43 -11.99 -8.16
N GLY F 249 -31.59 -11.97 -9.48
CA GLY F 249 -32.35 -13.05 -10.10
C GLY F 249 -31.96 -13.46 -11.51
N ASP F 250 -30.84 -12.95 -12.04
CA ASP F 250 -30.48 -13.21 -13.42
C ASP F 250 -28.97 -13.16 -13.57
N THR F 251 -28.44 -14.08 -14.39
CA THR F 251 -27.03 -14.07 -14.76
C THR F 251 -26.83 -13.78 -16.24
N SER F 252 -27.83 -13.20 -16.90
CA SER F 252 -27.67 -12.86 -18.31
C SER F 252 -26.72 -11.68 -18.49
N SER F 253 -26.52 -10.89 -17.44
CA SER F 253 -25.67 -9.71 -17.56
C SER F 253 -24.35 -9.90 -16.81
N CYS F 254 -24.23 -10.97 -16.02
CA CYS F 254 -23.06 -11.13 -15.18
C CYS F 254 -21.89 -11.70 -15.98
N ALA F 255 -20.75 -11.02 -15.91
CA ALA F 255 -19.61 -11.29 -16.79
C ALA F 255 -18.77 -12.46 -16.27
N ARG F 256 -17.91 -12.96 -17.15
CA ARG F 256 -17.15 -14.18 -16.90
C ARG F 256 -15.73 -13.99 -17.39
N THR F 257 -14.81 -14.75 -16.77
CA THR F 257 -13.36 -14.51 -16.91
C THR F 257 -12.67 -15.83 -17.31
N LEU F 258 -11.44 -15.72 -17.80
CA LEU F 258 -10.55 -16.89 -18.02
C LEU F 258 -9.55 -16.99 -16.88
N VAL F 259 -9.12 -18.21 -16.60
CA VAL F 259 -8.48 -18.59 -15.34
C VAL F 259 -7.05 -18.11 -15.29
N SER F 260 -6.49 -18.09 -14.08
CA SER F 260 -5.12 -17.67 -13.83
C SER F 260 -4.25 -18.91 -13.76
N GLY F 261 -3.48 -19.17 -14.82
CA GLY F 261 -2.86 -20.49 -15.02
C GLY F 261 -3.89 -21.59 -15.15
N THR F 262 -3.64 -22.75 -14.54
CA THR F 262 -4.58 -23.90 -14.62
C THR F 262 -5.44 -23.99 -13.35
N MET F 263 -5.23 -23.08 -12.40
CA MET F 263 -5.96 -23.14 -11.10
C MET F 263 -7.46 -22.88 -11.33
N GLY F 264 -8.33 -23.69 -10.70
CA GLY F 264 -9.76 -23.37 -10.67
C GLY F 264 -10.52 -24.27 -9.71
N ASN F 265 -11.71 -23.86 -9.30
CA ASN F 265 -12.57 -24.70 -8.42
C ASN F 265 -13.48 -25.57 -9.30
N LYS F 266 -13.15 -26.85 -9.43
CA LYS F 266 -13.91 -27.73 -10.36
C LYS F 266 -15.06 -28.42 -9.62
N PHE F 267 -15.17 -28.25 -8.31
CA PHE F 267 -16.23 -28.94 -7.51
C PHE F 267 -16.52 -28.16 -6.22
N ILE F 268 -17.69 -28.43 -5.63
CA ILE F 268 -18.09 -27.77 -4.36
C ILE F 268 -19.19 -28.61 -3.70
N LEU F 269 -19.26 -28.52 -2.38
CA LEU F 269 -20.34 -29.06 -1.56
C LEU F 269 -21.17 -27.90 -1.04
N SER F 270 -22.47 -27.90 -1.37
CA SER F 270 -23.41 -26.89 -0.90
C SER F 270 -24.71 -27.57 -0.52
N LYS F 271 -25.16 -27.31 0.71
CA LYS F 271 -26.39 -27.89 1.29
C LYS F 271 -26.38 -29.42 1.22
N GLY F 272 -25.22 -30.01 1.46
CA GLY F 272 -25.09 -31.44 1.35
C GLY F 272 -25.16 -32.00 -0.05
N ASN F 273 -24.83 -31.19 -1.06
CA ASN F 273 -24.87 -31.65 -2.44
C ASN F 273 -23.59 -31.29 -3.15
N ILE F 274 -23.02 -32.26 -3.86
CA ILE F 274 -21.82 -32.07 -4.66
C ILE F 274 -22.24 -31.56 -6.03
N VAL F 275 -21.82 -30.35 -6.38
CA VAL F 275 -22.02 -29.81 -7.71
C VAL F 275 -20.64 -29.51 -8.27
N ALA F 276 -20.39 -29.97 -9.50
CA ALA F 276 -19.07 -29.86 -10.11
C ALA F 276 -19.22 -29.97 -11.62
N ASN F 277 -18.11 -29.76 -12.31
CA ASN F 277 -18.01 -30.07 -13.73
C ASN F 277 -17.19 -31.35 -13.86
N CYS F 278 -17.88 -32.49 -13.87
CA CYS F 278 -17.23 -33.77 -14.00
C CYS F 278 -16.96 -34.14 -15.46
N ALA F 279 -17.12 -33.20 -16.38
CA ALA F 279 -16.52 -33.35 -17.71
C ALA F 279 -15.10 -32.80 -17.72
N SER F 280 -14.57 -32.39 -16.56
CA SER F 280 -13.22 -31.86 -16.46
C SER F 280 -12.28 -32.72 -15.64
N ILE F 281 -12.68 -33.15 -14.43
CA ILE F 281 -11.85 -34.04 -13.63
C ILE F 281 -12.65 -35.27 -13.24
N LEU F 282 -11.99 -36.16 -12.49
CA LEU F 282 -12.39 -37.57 -12.31
C LEU F 282 -13.49 -37.65 -11.25
N CYS F 283 -14.73 -37.94 -11.68
CA CYS F 283 -15.81 -38.23 -10.76
C CYS F 283 -16.27 -39.66 -11.00
N LYS F 284 -16.18 -40.51 -9.97
CA LYS F 284 -16.44 -41.96 -10.22
C LYS F 284 -17.25 -42.56 -9.06
N CYS F 285 -18.36 -43.22 -9.39
CA CYS F 285 -19.26 -43.78 -8.40
C CYS F 285 -18.53 -44.90 -7.65
N TYR F 286 -18.47 -44.79 -6.33
CA TYR F 286 -17.53 -45.58 -5.53
C TYR F 286 -17.99 -47.03 -5.39
N SER F 287 -19.23 -47.24 -4.95
CA SER F 287 -19.69 -48.60 -4.72
C SER F 287 -19.99 -49.32 -6.03
N THR F 288 -20.44 -48.57 -7.04
CA THR F 288 -20.67 -49.19 -8.34
C THR F 288 -19.35 -49.47 -9.07
N GLY F 289 -18.49 -48.47 -9.15
CA GLY F 289 -17.17 -48.66 -9.73
C GLY F 289 -16.95 -48.07 -11.11
N THR F 290 -17.81 -47.12 -11.49
CA THR F 290 -17.77 -46.57 -12.87
C THR F 290 -17.77 -45.03 -12.86
N ILE F 291 -17.11 -44.41 -13.85
CA ILE F 291 -17.09 -42.91 -13.95
C ILE F 291 -18.42 -42.45 -14.56
N ILE F 292 -18.79 -41.19 -14.33
CA ILE F 292 -20.06 -40.62 -14.90
C ILE F 292 -19.72 -39.57 -15.95
N ASN F 293 -20.34 -39.66 -17.13
CA ASN F 293 -20.13 -38.66 -18.17
C ASN F 293 -21.23 -37.60 -18.15
N GLN F 294 -21.02 -36.58 -18.95
CA GLN F 294 -21.87 -35.39 -18.98
C GLN F 294 -22.25 -35.04 -20.41
N SER F 295 -23.49 -34.57 -20.59
CA SER F 295 -23.95 -34.05 -21.86
C SER F 295 -23.12 -32.84 -22.29
N PRO F 296 -22.73 -32.78 -23.57
CA PRO F 296 -22.03 -31.58 -24.08
C PRO F 296 -22.90 -30.33 -24.14
N ASP F 297 -24.21 -30.46 -24.05
CA ASP F 297 -25.11 -29.31 -23.90
C ASP F 297 -25.33 -28.94 -22.43
N LYS F 298 -24.42 -29.34 -21.55
CA LYS F 298 -24.49 -29.03 -20.12
C LYS F 298 -23.13 -28.54 -19.65
N LEU F 299 -23.12 -27.79 -18.55
CA LEU F 299 -21.93 -27.09 -18.11
C LEU F 299 -21.42 -27.51 -16.74
N LEU F 300 -22.24 -28.17 -15.94
CA LEU F 300 -21.83 -28.75 -14.68
C LEU F 300 -22.50 -30.12 -14.53
N THR F 301 -22.36 -30.70 -13.33
CA THR F 301 -23.09 -31.90 -12.95
C THR F 301 -23.25 -31.91 -11.44
N PHE F 302 -24.49 -32.07 -10.98
CA PHE F 302 -24.83 -32.04 -9.56
C PHE F 302 -25.01 -33.47 -9.07
N ILE F 303 -24.74 -33.71 -7.80
CA ILE F 303 -24.78 -35.04 -7.21
C ILE F 303 -25.51 -34.97 -5.88
N ALA F 304 -26.52 -35.84 -5.75
CA ALA F 304 -27.21 -36.10 -4.47
C ALA F 304 -27.12 -37.60 -4.16
N SER F 305 -27.69 -38.02 -3.03
CA SER F 305 -27.56 -39.41 -2.59
C SER F 305 -28.14 -40.38 -3.60
N ASP F 306 -29.18 -39.96 -4.32
CA ASP F 306 -29.96 -40.89 -5.13
C ASP F 306 -29.23 -41.30 -6.39
N THR F 307 -28.37 -40.43 -6.93
CA THR F 307 -27.62 -40.80 -8.12
C THR F 307 -26.47 -41.74 -7.77
N CYS F 308 -25.69 -41.39 -6.74
CA CYS F 308 -24.63 -42.26 -6.25
C CYS F 308 -24.36 -41.88 -4.80
N PRO F 309 -24.36 -42.82 -3.87
CA PRO F 309 -24.27 -42.48 -2.44
C PRO F 309 -22.91 -41.97 -2.02
N LEU F 310 -21.84 -42.55 -2.55
CA LEU F 310 -20.48 -42.13 -2.24
C LEU F 310 -19.73 -41.94 -3.55
N VAL F 311 -19.04 -40.82 -3.70
CA VAL F 311 -18.38 -40.47 -4.95
C VAL F 311 -16.88 -40.29 -4.70
N GLU F 312 -16.08 -40.62 -5.71
CA GLU F 312 -14.65 -40.40 -5.67
C GLU F 312 -14.27 -39.27 -6.62
N ILE F 313 -13.64 -38.23 -6.08
CA ILE F 313 -13.14 -37.14 -6.88
C ILE F 313 -11.64 -37.04 -6.68
N ASP F 314 -10.90 -37.69 -7.57
CA ASP F 314 -9.44 -37.70 -7.62
C ASP F 314 -8.84 -38.16 -6.30
N GLY F 315 -9.34 -39.29 -5.80
CA GLY F 315 -8.76 -39.94 -4.65
C GLY F 315 -9.46 -39.72 -3.32
N VAL F 316 -10.64 -39.09 -3.31
CA VAL F 316 -11.36 -38.80 -2.08
C VAL F 316 -12.56 -39.73 -2.01
N THR F 317 -13.25 -39.72 -0.88
CA THR F 317 -14.42 -40.57 -0.70
C THR F 317 -15.50 -39.75 -0.01
N ILE F 318 -16.49 -39.32 -0.80
CA ILE F 318 -17.46 -38.32 -0.37
C ILE F 318 -18.80 -38.99 -0.14
N GLN F 319 -19.30 -38.88 1.08
CA GLN F 319 -20.67 -39.25 1.43
C GLN F 319 -21.56 -38.04 1.29
N VAL F 320 -22.67 -38.20 0.54
CA VAL F 320 -23.58 -37.10 0.28
C VAL F 320 -24.92 -37.39 0.92
N GLY F 321 -25.80 -36.39 0.89
CA GLY F 321 -27.10 -36.48 1.48
C GLY F 321 -28.22 -36.21 0.48
N GLY F 322 -29.35 -35.76 1.02
CA GLY F 322 -30.54 -35.60 0.20
C GLY F 322 -30.46 -34.37 -0.67
N ARG F 323 -31.19 -34.42 -1.78
CA ARG F 323 -31.14 -33.35 -2.77
C ARG F 323 -31.86 -32.09 -2.28
N GLN F 324 -31.15 -30.97 -2.31
CA GLN F 324 -31.68 -29.68 -1.90
C GLN F 324 -31.85 -28.71 -3.06
N TYR F 325 -31.89 -29.20 -4.29
CA TYR F 325 -31.80 -28.35 -5.47
C TYR F 325 -32.73 -28.85 -6.56
N PRO F 326 -33.23 -27.97 -7.40
CA PRO F 326 -33.88 -28.42 -8.63
C PRO F 326 -32.87 -29.03 -9.59
N ASP F 327 -33.38 -29.84 -10.51
CA ASP F 327 -32.50 -30.60 -11.39
C ASP F 327 -32.12 -29.78 -12.62
N MET F 328 -31.11 -30.27 -13.34
CA MET F 328 -30.45 -29.51 -14.40
C MET F 328 -31.36 -29.46 -15.62
N VAL F 329 -31.97 -28.29 -15.81
CA VAL F 329 -32.67 -27.95 -17.08
C VAL F 329 -31.61 -27.42 -18.05
N TYR F 330 -31.93 -27.40 -19.34
CA TYR F 330 -30.99 -26.92 -20.36
C TYR F 330 -30.61 -25.46 -20.12
N GLU F 331 -29.37 -25.12 -20.43
CA GLU F 331 -28.81 -23.81 -20.14
C GLU F 331 -28.49 -23.02 -21.40
N SER F 332 -28.57 -23.63 -22.57
CA SER F 332 -28.16 -22.99 -23.83
C SER F 332 -29.07 -21.85 -24.26
N LYS F 333 -30.27 -21.73 -23.67
CA LYS F 333 -31.12 -20.57 -23.92
C LYS F 333 -31.01 -19.50 -22.84
N VAL F 334 -30.02 -19.60 -21.96
CA VAL F 334 -29.71 -18.55 -20.99
C VAL F 334 -28.30 -18.08 -21.29
N ALA F 335 -28.17 -16.78 -21.60
CA ALA F 335 -26.93 -16.22 -22.17
C ALA F 335 -25.80 -16.21 -21.13
N LEU F 336 -24.57 -15.90 -21.56
CA LEU F 336 -23.41 -15.88 -20.64
C LEU F 336 -22.70 -14.53 -20.75
N GLY F 337 -21.90 -14.15 -19.76
CA GLY F 337 -21.36 -12.78 -19.67
C GLY F 337 -20.21 -12.54 -20.65
N PRO F 338 -19.75 -11.28 -20.83
CA PRO F 338 -18.60 -11.00 -21.69
C PRO F 338 -17.30 -11.19 -20.89
N ALA F 339 -16.14 -11.02 -21.54
CA ALA F 339 -14.87 -11.23 -20.81
C ALA F 339 -14.61 -10.06 -19.85
N ILE F 340 -13.76 -10.27 -18.85
CA ILE F 340 -13.40 -9.15 -17.93
C ILE F 340 -11.87 -9.05 -17.89
N SER F 341 -11.34 -7.85 -18.08
CA SER F 341 -9.87 -7.66 -17.99
C SER F 341 -9.61 -6.51 -17.02
N LEU F 342 -8.98 -6.85 -15.92
CA LEU F 342 -8.76 -5.92 -14.78
C LEU F 342 -7.41 -5.25 -15.01
N GLU F 343 -7.29 -4.39 -16.02
CA GLU F 343 -6.00 -3.70 -16.29
C GLU F 343 -6.28 -2.36 -16.95
N ARG F 344 -6.09 -1.26 -16.22
CA ARG F 344 -6.73 -0.04 -16.69
C ARG F 344 -6.23 0.41 -18.05
N LEU F 345 -5.07 -0.08 -18.48
CA LEU F 345 -4.55 0.24 -19.80
C LEU F 345 -5.46 -0.30 -20.90
N ASP F 346 -5.97 -1.52 -20.67
CA ASP F 346 -6.92 -2.17 -21.62
C ASP F 346 -8.22 -1.34 -21.63
N VAL F 347 -8.74 -1.01 -20.45
CA VAL F 347 -9.97 -0.17 -20.36
C VAL F 347 -9.65 1.19 -21.01
N GLY F 348 -8.46 1.72 -20.73
CA GLY F 348 -8.03 2.99 -21.36
C GLY F 348 -7.89 2.84 -22.86
N THR F 349 -7.18 1.79 -23.30
CA THR F 349 -7.04 1.51 -24.76
C THR F 349 -8.42 1.48 -25.41
N ASN F 350 -9.41 0.84 -24.76
CA ASN F 350 -10.74 0.68 -25.41
C ASN F 350 -11.63 1.91 -25.19
N LEU F 351 -11.35 2.70 -24.15
CA LEU F 351 -11.96 4.05 -24.02
C LEU F 351 -11.33 4.96 -25.08
N GLY F 352 -10.04 4.76 -25.35
CA GLY F 352 -9.39 5.44 -26.49
C GLY F 352 -9.89 4.89 -27.81
N ASN F 353 -10.51 3.71 -27.76
CA ASN F 353 -11.21 3.17 -28.95
C ASN F 353 -12.55 3.88 -29.04
N ALA F 354 -13.27 3.91 -27.90
CA ALA F 354 -14.51 4.71 -27.77
C ALA F 354 -14.24 6.13 -28.27
N LEU F 355 -13.06 6.68 -27.94
CA LEU F 355 -12.69 8.03 -28.44
C LEU F 355 -12.59 7.96 -29.97
N LYS F 356 -11.98 6.90 -30.51
CA LYS F 356 -11.87 6.73 -31.99
C LYS F 356 -13.27 6.60 -32.59
N LYS F 357 -14.17 5.86 -31.92
CA LYS F 357 -15.56 5.69 -32.42
C LYS F 357 -16.24 7.06 -32.47
N LEU F 358 -16.02 7.88 -31.43
CA LEU F 358 -16.61 9.24 -31.38
C LEU F 358 -16.07 10.05 -32.56
N ASP F 359 -14.78 9.91 -32.84
CA ASP F 359 -14.13 10.59 -34.00
C ASP F 359 -14.74 10.05 -35.30
#